data_6XFF
# 
_entry.id   6XFF 
# 
_audit_conform.dict_name       mmcif_pdbx.dic 
_audit_conform.dict_version    5.380 
_audit_conform.dict_location   http://mmcif.pdb.org/dictionaries/ascii/mmcif_pdbx.dic 
# 
loop_
_database_2.database_id 
_database_2.database_code 
_database_2.pdbx_database_accession 
_database_2.pdbx_DOI 
PDB   6XFF         pdb_00006xff 10.2210/pdb6xff/pdb 
WWPDB D_1000249230 ?            ?                   
# 
_pdbx_database_status.status_code                     REL 
_pdbx_database_status.status_code_sf                  REL 
_pdbx_database_status.status_code_mr                  ? 
_pdbx_database_status.entry_id                        6XFF 
_pdbx_database_status.recvd_initial_deposition_date   2020-06-15 
_pdbx_database_status.SG_entry                        N 
_pdbx_database_status.deposit_site                    RCSB 
_pdbx_database_status.process_site                    RCSB 
_pdbx_database_status.status_code_cs                  ? 
_pdbx_database_status.status_code_nmr_data            ? 
_pdbx_database_status.methods_development_category    ? 
_pdbx_database_status.pdb_format_compatible           Y 
# 
loop_
_audit_author.name 
_audit_author.pdbx_ordinal 
_audit_author.identifier_ORCID 
'Simmons, C.R.'      1 0000-0002-2290-6132 
'MacCulloch, T.'     2 0000-0001-5875-3361 
'Stephanopoulos, N.' 3 0000-0001-7859-410X 
'Yan, H.'            4 0000-0001-7397-9852 
# 
_citation.abstract                  ? 
_citation.abstract_id_CAS           ? 
_citation.book_id_ISBN              ? 
_citation.book_publisher            ? 
_citation.book_publisher_city       ? 
_citation.book_title                ? 
_citation.coordinate_linkage        ? 
_citation.country                   UK 
_citation.database_id_Medline       ? 
_citation.details                   ? 
_citation.id                        primary 
_citation.journal_abbrev            'Nat Commun' 
_citation.journal_id_ASTM           ? 
_citation.journal_id_CSD            ? 
_citation.journal_id_ISSN           2041-1723 
_citation.journal_full              ? 
_citation.journal_issue             ? 
_citation.journal_volume            13 
_citation.language                  ? 
_citation.page_first                3112 
_citation.page_last                 3112 
_citation.title                     'The influence of Holliday junction sequence and dynamics on DNA crystal self-assembly.' 
_citation.year                      2022 
_citation.database_id_CSD           ? 
_citation.pdbx_database_id_DOI      10.1038/s41467-022-30779-6 
_citation.pdbx_database_id_PubMed   35662248 
_citation.unpublished_flag          ? 
# 
loop_
_citation_author.citation_id 
_citation_author.name 
_citation_author.ordinal 
_citation_author.identifier_ORCID 
primary 'Simmons, C.R.'      1  ?                   
primary 'MacCulloch, T.'     2  ?                   
primary 'Krepl, M.'          3  0000-0002-9833-4281 
primary 'Matthies, M.'       4  ?                   
primary 'Buchberger, A.'     5  ?                   
primary 'Crawford, I.'       6  ?                   
primary 'Sponer, J.'         7  0000-0001-6558-6186 
primary 'Sulc, P.'           8  0000-0003-1565-6769 
primary 'Stephanopoulos, N.' 9  0000-0001-7859-410X 
primary 'Yan, H.'            10 0000-0001-7397-9852 
# 
_cell.angle_alpha                  90.000 
_cell.angle_alpha_esd              ? 
_cell.angle_beta                   90.000 
_cell.angle_beta_esd               ? 
_cell.angle_gamma                  120.000 
_cell.angle_gamma_esd              ? 
_cell.entry_id                     6XFF 
_cell.details                      ? 
_cell.formula_units_Z              ? 
_cell.length_a                     69.441 
_cell.length_a_esd                 ? 
_cell.length_b                     69.441 
_cell.length_b_esd                 ? 
_cell.length_c                     59.459 
_cell.length_c_esd                 ? 
_cell.volume                       ? 
_cell.volume_esd                   ? 
_cell.Z_PDB                        3 
_cell.reciprocal_angle_alpha       ? 
_cell.reciprocal_angle_beta        ? 
_cell.reciprocal_angle_gamma       ? 
_cell.reciprocal_angle_alpha_esd   ? 
_cell.reciprocal_angle_beta_esd    ? 
_cell.reciprocal_angle_gamma_esd   ? 
_cell.reciprocal_length_a          ? 
_cell.reciprocal_length_b          ? 
_cell.reciprocal_length_c          ? 
_cell.reciprocal_length_a_esd      ? 
_cell.reciprocal_length_b_esd      ? 
_cell.reciprocal_length_c_esd      ? 
_cell.pdbx_unique_axis             ? 
# 
_symmetry.entry_id                         6XFF 
_symmetry.cell_setting                     ? 
_symmetry.Int_Tables_number                145 
_symmetry.space_group_name_Hall            ? 
_symmetry.space_group_name_H-M             'P 32' 
_symmetry.pdbx_full_space_group_name_H-M   ? 
# 
loop_
_entity.id 
_entity.type 
_entity.src_method 
_entity.pdbx_description 
_entity.formula_weight 
_entity.pdbx_number_of_molecules 
_entity.pdbx_ec 
_entity.pdbx_mutation 
_entity.pdbx_fragment 
_entity.details 
1 polymer syn 
;DNA (5'-D(*GP*AP*GP*CP*AP*GP*AP*CP*CP*TP*G)-3')
;
3383.224 1 ? ? ? ? 
2 polymer syn 
;DNA (5'-D(P*AP*CP*GP*CP*CP*AP*CP*TP*CP*A)-3')
;
2973.971 1 ? ? ? ? 
3 polymer syn 
;DNA (5'-D(P*CP*AP*CP*GP*T)-3')
;
1480.012 1 ? ? ? ? 
4 polymer syn 
;DNA (5'-D(*TP*CP*TP*GP*AP*GP*TP*GP*GP*GP*GP*TP*CP*TP*GP*C)-3')
;
4961.199 1 ? ? ? ? 
# 
loop_
_entity_poly.entity_id 
_entity_poly.type 
_entity_poly.nstd_linkage 
_entity_poly.nstd_monomer 
_entity_poly.pdbx_seq_one_letter_code 
_entity_poly.pdbx_seq_one_letter_code_can 
_entity_poly.pdbx_strand_id 
_entity_poly.pdbx_target_identifier 
1 polydeoxyribonucleotide no no '(DG)(DA)(DG)(DC)(DA)(DG)(DA)(DC)(DC)(DT)(DG)'                     GAGCAGACCTG      A ? 
2 polydeoxyribonucleotide no no '(DA)(DC)(DG)(DC)(DC)(DA)(DC)(DT)(DC)(DA)'                         ACGCCACTCA       B ? 
3 polydeoxyribonucleotide no no '(DC)(DA)(DC)(DG)(DT)'                                             CACGT            C ? 
4 polydeoxyribonucleotide no no '(DT)(DC)(DT)(DG)(DA)(DG)(DT)(DG)(DG)(DG)(DG)(DT)(DC)(DT)(DG)(DC)' TCTGAGTGGGGTCTGC D ? 
# 
loop_
_entity_poly_seq.entity_id 
_entity_poly_seq.num 
_entity_poly_seq.mon_id 
_entity_poly_seq.hetero 
1 1  DG n 
1 2  DA n 
1 3  DG n 
1 4  DC n 
1 5  DA n 
1 6  DG n 
1 7  DA n 
1 8  DC n 
1 9  DC n 
1 10 DT n 
1 11 DG n 
2 1  DA n 
2 2  DC n 
2 3  DG n 
2 4  DC n 
2 5  DC n 
2 6  DA n 
2 7  DC n 
2 8  DT n 
2 9  DC n 
2 10 DA n 
3 1  DC n 
3 2  DA n 
3 3  DC n 
3 4  DG n 
3 5  DT n 
4 1  DT n 
4 2  DC n 
4 3  DT n 
4 4  DG n 
4 5  DA n 
4 6  DG n 
4 7  DT n 
4 8  DG n 
4 9  DG n 
4 10 DG n 
4 11 DG n 
4 12 DT n 
4 13 DC n 
4 14 DT n 
4 15 DG n 
4 16 DC n 
# 
loop_
_pdbx_entity_src_syn.entity_id 
_pdbx_entity_src_syn.pdbx_src_id 
_pdbx_entity_src_syn.pdbx_alt_source_flag 
_pdbx_entity_src_syn.pdbx_beg_seq_num 
_pdbx_entity_src_syn.pdbx_end_seq_num 
_pdbx_entity_src_syn.organism_scientific 
_pdbx_entity_src_syn.organism_common_name 
_pdbx_entity_src_syn.ncbi_taxonomy_id 
_pdbx_entity_src_syn.details 
1 1 sample 1 11 'synthetic construct' ? 32630 ? 
2 1 sample 1 10 'synthetic construct' ? 32630 ? 
3 1 sample 1 5  'synthetic construct' ? 32630 ? 
4 1 sample 1 16 'synthetic construct' ? 32630 ? 
# 
loop_
_struct_ref.id 
_struct_ref.db_name 
_struct_ref.db_code 
_struct_ref.pdbx_db_accession 
_struct_ref.pdbx_db_isoform 
_struct_ref.entity_id 
_struct_ref.pdbx_seq_one_letter_code 
_struct_ref.pdbx_align_begin 
1 PDB 6XFF 6XFF ? 1 ? 1 
2 PDB 6XFF 6XFF ? 2 ? 1 
3 PDB 6XFF 6XFF ? 3 ? 1 
4 PDB 6XFF 6XFF ? 4 ? 1 
# 
loop_
_struct_ref_seq.align_id 
_struct_ref_seq.ref_id 
_struct_ref_seq.pdbx_PDB_id_code 
_struct_ref_seq.pdbx_strand_id 
_struct_ref_seq.seq_align_beg 
_struct_ref_seq.pdbx_seq_align_beg_ins_code 
_struct_ref_seq.seq_align_end 
_struct_ref_seq.pdbx_seq_align_end_ins_code 
_struct_ref_seq.pdbx_db_accession 
_struct_ref_seq.db_align_beg 
_struct_ref_seq.pdbx_db_align_beg_ins_code 
_struct_ref_seq.db_align_end 
_struct_ref_seq.pdbx_db_align_end_ins_code 
_struct_ref_seq.pdbx_auth_seq_align_beg 
_struct_ref_seq.pdbx_auth_seq_align_end 
1 1 6XFF A 1 ? 11 ? 6XFF 1  ? 11 ? 1  11 
2 2 6XFF B 1 ? 10 ? 6XFF 12 ? 21 ? 12 21 
3 3 6XFF C 1 ? 5  ? 6XFF 1  ? 5  ? 1  5  
4 4 6XFF D 1 ? 16 ? 6XFF 1  ? 16 ? 1  16 
# 
loop_
_chem_comp.id 
_chem_comp.type 
_chem_comp.mon_nstd_flag 
_chem_comp.name 
_chem_comp.pdbx_synonyms 
_chem_comp.formula 
_chem_comp.formula_weight 
DA 'DNA linking' y "2'-DEOXYADENOSINE-5'-MONOPHOSPHATE" ? 'C10 H14 N5 O6 P' 331.222 
DC 'DNA linking' y "2'-DEOXYCYTIDINE-5'-MONOPHOSPHATE"  ? 'C9 H14 N3 O7 P'  307.197 
DG 'DNA linking' y "2'-DEOXYGUANOSINE-5'-MONOPHOSPHATE" ? 'C10 H14 N5 O7 P' 347.221 
DT 'DNA linking' y "THYMIDINE-5'-MONOPHOSPHATE"         ? 'C10 H15 N2 O8 P' 322.208 
# 
_exptl.absorpt_coefficient_mu     ? 
_exptl.absorpt_correction_T_max   ? 
_exptl.absorpt_correction_T_min   ? 
_exptl.absorpt_correction_type    ? 
_exptl.absorpt_process_details    ? 
_exptl.entry_id                   6XFF 
_exptl.crystals_number            1 
_exptl.details                    ? 
_exptl.method                     'X-RAY DIFFRACTION' 
_exptl.method_details             ? 
# 
_exptl_crystal.colour                      ? 
_exptl_crystal.density_diffrn              ? 
_exptl_crystal.density_Matthews            6.47 
_exptl_crystal.density_method              ? 
_exptl_crystal.density_percent_sol         80.98 
_exptl_crystal.description                 ? 
_exptl_crystal.F_000                       ? 
_exptl_crystal.id                          1 
_exptl_crystal.preparation                 ? 
_exptl_crystal.size_max                    ? 
_exptl_crystal.size_mid                    ? 
_exptl_crystal.size_min                    ? 
_exptl_crystal.size_rad                    ? 
_exptl_crystal.colour_lustre               ? 
_exptl_crystal.colour_modifier             ? 
_exptl_crystal.colour_primary              ? 
_exptl_crystal.density_meas                ? 
_exptl_crystal.density_meas_esd            ? 
_exptl_crystal.density_meas_gt             ? 
_exptl_crystal.density_meas_lt             ? 
_exptl_crystal.density_meas_temp           ? 
_exptl_crystal.density_meas_temp_esd       ? 
_exptl_crystal.density_meas_temp_gt        ? 
_exptl_crystal.density_meas_temp_lt        ? 
_exptl_crystal.pdbx_crystal_image_url      ? 
_exptl_crystal.pdbx_crystal_image_format   ? 
_exptl_crystal.pdbx_mosaicity              ? 
_exptl_crystal.pdbx_mosaicity_esd          ? 
# 
_exptl_crystal_grow.apparatus       ? 
_exptl_crystal_grow.atmosphere      ? 
_exptl_crystal_grow.crystal_id      1 
_exptl_crystal_grow.details         ? 
_exptl_crystal_grow.method          'VAPOR DIFFUSION, SITTING DROP' 
_exptl_crystal_grow.method_ref      ? 
_exptl_crystal_grow.pH              ? 
_exptl_crystal_grow.pressure        ? 
_exptl_crystal_grow.pressure_esd    ? 
_exptl_crystal_grow.seeding         ? 
_exptl_crystal_grow.seeding_ref     ? 
_exptl_crystal_grow.temp            298 
_exptl_crystal_grow.temp_details    'temperature gradient generated from 60 to 25 C at 0.3 degrees per hour' 
_exptl_crystal_grow.temp_esd        ? 
_exptl_crystal_grow.time            ? 
_exptl_crystal_grow.pdbx_details    
;0.5 mL of 0.05 M Cacodylate pH 6.0 with 10 mM MgCl2, 2.5 mM spermine, 5 mM CaCl2, and 10% Isopropanol was added to the reservoir with 2 uL added to the drop containing 4 uL of DNA stock
;
_exptl_crystal_grow.pdbx_pH_range   ? 
# 
_diffrn.ambient_environment              ? 
_diffrn.ambient_temp                     100 
_diffrn.ambient_temp_details             ? 
_diffrn.ambient_temp_esd                 ? 
_diffrn.crystal_id                       1 
_diffrn.crystal_support                  ? 
_diffrn.crystal_treatment                ? 
_diffrn.details                          ? 
_diffrn.id                               1 
_diffrn.ambient_pressure                 ? 
_diffrn.ambient_pressure_esd             ? 
_diffrn.ambient_pressure_gt              ? 
_diffrn.ambient_pressure_lt              ? 
_diffrn.ambient_temp_gt                  ? 
_diffrn.ambient_temp_lt                  ? 
_diffrn.pdbx_serial_crystal_experiment   N 
# 
_diffrn_detector.details                      ? 
_diffrn_detector.detector                     PIXEL 
_diffrn_detector.diffrn_id                    1 
_diffrn_detector.type                         'DECTRIS PILATUS3 6M' 
_diffrn_detector.area_resol_mean              ? 
_diffrn_detector.dtime                        ? 
_diffrn_detector.pdbx_frames_total            ? 
_diffrn_detector.pdbx_collection_time_total   ? 
_diffrn_detector.pdbx_collection_date         2018-03-15 
_diffrn_detector.pdbx_frequency               ? 
# 
_diffrn_radiation.collimation                      ? 
_diffrn_radiation.diffrn_id                        1 
_diffrn_radiation.filter_edge                      ? 
_diffrn_radiation.inhomogeneity                    ? 
_diffrn_radiation.monochromator                    ? 
_diffrn_radiation.polarisn_norm                    ? 
_diffrn_radiation.polarisn_ratio                   ? 
_diffrn_radiation.probe                            ? 
_diffrn_radiation.type                             ? 
_diffrn_radiation.xray_symbol                      ? 
_diffrn_radiation.wavelength_id                    1 
_diffrn_radiation.pdbx_monochromatic_or_laue_m_l   M 
_diffrn_radiation.pdbx_wavelength_list             ? 
_diffrn_radiation.pdbx_wavelength                  ? 
_diffrn_radiation.pdbx_diffrn_protocol             'SINGLE WAVELENGTH' 
_diffrn_radiation.pdbx_analyzer                    ? 
_diffrn_radiation.pdbx_scattering_type             x-ray 
# 
_diffrn_radiation_wavelength.id           1 
_diffrn_radiation_wavelength.wavelength   0.92 
_diffrn_radiation_wavelength.wt           1.0 
# 
_diffrn_source.current                     ? 
_diffrn_source.details                     ? 
_diffrn_source.diffrn_id                   1 
_diffrn_source.power                       ? 
_diffrn_source.size                        ? 
_diffrn_source.source                      SYNCHROTRON 
_diffrn_source.target                      ? 
_diffrn_source.type                        'ALS BEAMLINE 5.0.2' 
_diffrn_source.voltage                     ? 
_diffrn_source.take-off_angle              ? 
_diffrn_source.pdbx_wavelength_list        0.92 
_diffrn_source.pdbx_wavelength             ? 
_diffrn_source.pdbx_synchrotron_beamline   5.0.2 
_diffrn_source.pdbx_synchrotron_site       ALS 
# 
_reflns.B_iso_Wilson_estimate            125.560 
_reflns.entry_id                         6XFF 
_reflns.data_reduction_details           ? 
_reflns.data_reduction_method            ? 
_reflns.d_resolution_high                3.100 
_reflns.d_resolution_low                 50.000 
_reflns.details                          ? 
_reflns.limit_h_max                      ? 
_reflns.limit_h_min                      ? 
_reflns.limit_k_max                      ? 
_reflns.limit_k_min                      ? 
_reflns.limit_l_max                      ? 
_reflns.limit_l_min                      ? 
_reflns.number_all                       ? 
_reflns.number_obs                       4852 
_reflns.observed_criterion               ? 
_reflns.observed_criterion_F_max         ? 
_reflns.observed_criterion_F_min         ? 
_reflns.observed_criterion_I_max         ? 
_reflns.observed_criterion_I_min         ? 
_reflns.observed_criterion_sigma_F       ? 
_reflns.observed_criterion_sigma_I       ? 
_reflns.percent_possible_obs             85.100 
_reflns.R_free_details                   ? 
_reflns.Rmerge_F_all                     ? 
_reflns.Rmerge_F_obs                     ? 
_reflns.Friedel_coverage                 ? 
_reflns.number_gt                        ? 
_reflns.threshold_expression             ? 
_reflns.pdbx_redundancy                  9.200 
_reflns.pdbx_Rmerge_I_obs                0.124 
_reflns.pdbx_Rmerge_I_all                ? 
_reflns.pdbx_Rsym_value                  ? 
_reflns.pdbx_netI_over_av_sigmaI         ? 
_reflns.pdbx_netI_over_sigmaI            6.600 
_reflns.pdbx_res_netI_over_av_sigmaI_2   ? 
_reflns.pdbx_res_netI_over_sigmaI_2      ? 
_reflns.pdbx_chi_squared                 2.732 
_reflns.pdbx_scaling_rejects             ? 
_reflns.pdbx_d_res_high_opt              ? 
_reflns.pdbx_d_res_low_opt               ? 
_reflns.pdbx_d_res_opt_method            ? 
_reflns.phase_calculation_details        ? 
_reflns.pdbx_Rrim_I_all                  0.132 
_reflns.pdbx_Rpim_I_all                  0.043 
_reflns.pdbx_d_opt                       ? 
_reflns.pdbx_number_measured_all         ? 
_reflns.pdbx_diffrn_id                   1 
_reflns.pdbx_ordinal                     1 
_reflns.pdbx_CC_half                     0.974 
_reflns.pdbx_CC_star                     ? 
_reflns.pdbx_R_split                     ? 
# 
loop_
_reflns_shell.d_res_high 
_reflns_shell.d_res_low 
_reflns_shell.meanI_over_sigI_all 
_reflns_shell.meanI_over_sigI_obs 
_reflns_shell.number_measured_all 
_reflns_shell.number_measured_obs 
_reflns_shell.number_possible 
_reflns_shell.number_unique_all 
_reflns_shell.number_unique_obs 
_reflns_shell.percent_possible_all 
_reflns_shell.percent_possible_obs 
_reflns_shell.Rmerge_F_all 
_reflns_shell.Rmerge_F_obs 
_reflns_shell.Rmerge_I_all 
_reflns_shell.Rmerge_I_obs 
_reflns_shell.meanI_over_sigI_gt 
_reflns_shell.meanI_over_uI_all 
_reflns_shell.meanI_over_uI_gt 
_reflns_shell.number_measured_gt 
_reflns_shell.number_unique_gt 
_reflns_shell.percent_possible_gt 
_reflns_shell.Rmerge_F_gt 
_reflns_shell.Rmerge_I_gt 
_reflns_shell.pdbx_redundancy 
_reflns_shell.pdbx_Rsym_value 
_reflns_shell.pdbx_chi_squared 
_reflns_shell.pdbx_netI_over_sigmaI_all 
_reflns_shell.pdbx_netI_over_sigmaI_obs 
_reflns_shell.pdbx_Rrim_I_all 
_reflns_shell.pdbx_Rpim_I_all 
_reflns_shell.pdbx_rejects 
_reflns_shell.pdbx_ordinal 
_reflns_shell.pdbx_diffrn_id 
_reflns_shell.pdbx_CC_half 
_reflns_shell.pdbx_CC_star 
_reflns_shell.pdbx_R_split 
3.100 3.150  ? ? ? ? ? ? 145 51.200  ? ? ? ? 0.854 ? ? ? ? ? ? ? ? 6.400  ? 0.541 ? ? 0.924 0.343 ? 1  1 0.718 ? ? 
3.150 3.210  ? ? ? ? ? ? 140 52.600  ? ? ? ? 0.498 ? ? ? ? ? ? ? ? 5.800  ? 1.447 ? ? 0.537 0.197 ? 2  1 0.883 ? ? 
3.210 3.270  ? ? ? ? ? ? 172 56.200  ? ? ? ? 0.297 ? ? ? ? ? ? ? ? 6.800  ? 3.576 ? ? 0.317 0.108 ? 3  1 0.965 ? ? 
3.270 3.340  ? ? ? ? ? ? 171 62.400  ? ? ? ? 0.284 ? ? ? ? ? ? ? ? 6.600  ? 0.712 ? ? 0.308 0.115 ? 4  1 0.991 ? ? 
3.340 3.410  ? ? ? ? ? ? 205 70.200  ? ? ? ? 0.475 ? ? ? ? ? ? ? ? 7.800  ? 1.389 ? ? 0.504 0.167 ? 5  1 0.932 ? ? 
3.410 3.490  ? ? ? ? ? ? 218 74.100  ? ? ? ? 0.499 ? ? ? ? ? ? ? ? 7.600  ? 1.267 ? ? 0.530 0.175 ? 6  1 0.940 ? ? 
3.490 3.580  ? ? ? ? ? ? 202 75.100  ? ? ? ? 0.494 ? ? ? ? ? ? ? ? 8.400  ? 1.280 ? ? 0.524 0.172 ? 7  1 0.909 ? ? 
3.580 3.680  ? ? ? ? ? ? 245 82.800  ? ? ? ? 0.647 ? ? ? ? ? ? ? ? 8.300  ? 1.271 ? ? 0.686 0.225 ? 8  1 0.915 ? ? 
3.680 3.780  ? ? ? ? ? ? 256 90.100  ? ? ? ? 0.768 ? ? ? ? ? ? ? ? 8.500  ? 0.650 ? ? 0.816 0.272 ? 9  1 0.849 ? ? 
3.780 3.910  ? ? ? ? ? ? 267 96.400  ? ? ? ? 0.508 ? ? ? ? ? ? ? ? 8.700  ? 1.238 ? ? 0.539 0.176 ? 10 1 0.881 ? ? 
3.910 4.040  ? ? ? ? ? ? 280 100.000 ? ? ? ? 0.412 ? ? ? ? ? ? ? ? 9.500  ? 1.298 ? ? 0.435 0.140 ? 11 1 0.943 ? ? 
4.040 4.210  ? ? ? ? ? ? 282 100.000 ? ? ? ? 0.386 ? ? ? ? ? ? ? ? 10.600 ? 1.057 ? ? 0.407 0.126 ? 12 1 0.949 ? ? 
4.210 4.400  ? ? ? ? ? ? 291 100.000 ? ? ? ? 0.327 ? ? ? ? ? ? ? ? 10.600 ? 1.106 ? ? 0.344 0.106 ? 13 1 0.970 ? ? 
4.400 4.630  ? ? ? ? ? ? 290 100.000 ? ? ? ? 0.291 ? ? ? ? ? ? ? ? 10.500 ? 1.262 ? ? 0.305 0.094 ? 14 1 0.958 ? ? 
4.630 4.920  ? ? ? ? ? ? 291 100.000 ? ? ? ? 0.214 ? ? ? ? ? ? ? ? 10.200 ? 2.100 ? ? 0.225 0.070 ? 15 1 0.977 ? ? 
4.920 5.300  ? ? ? ? ? ? 288 100.000 ? ? ? ? 0.151 ? ? ? ? ? ? ? ? 10.000 ? 3.008 ? ? 0.159 0.050 ? 16 1 0.990 ? ? 
5.300 5.830  ? ? ? ? ? ? 269 100.000 ? ? ? ? 0.138 ? ? ? ? ? ? ? ? 10.800 ? 5.385 ? ? 0.145 0.044 ? 17 1 0.987 ? ? 
5.830 6.670  ? ? ? ? ? ? 284 100.000 ? ? ? ? 0.138 ? ? ? ? ? ? ? ? 10.700 ? 5.234 ? ? 0.145 0.044 ? 18 1 0.980 ? ? 
6.670 8.400  ? ? ? ? ? ? 289 98.000  ? ? ? ? 0.112 ? ? ? ? ? ? ? ? 9.700  ? 7.558 ? ? 0.119 0.039 ? 19 1 0.990 ? ? 
8.400 50.000 ? ? ? ? ? ? 267 92.700  ? ? ? ? 0.084 ? ? ? ? ? ? ? ? 9.600  ? 7.479 ? ? 0.089 0.030 ? 20 1 0.995 ? ? 
# 
_refine.aniso_B[1][1]                            ? 
_refine.aniso_B[1][2]                            ? 
_refine.aniso_B[1][3]                            ? 
_refine.aniso_B[2][2]                            ? 
_refine.aniso_B[2][3]                            ? 
_refine.aniso_B[3][3]                            ? 
_refine.B_iso_max                                208.040 
_refine.B_iso_mean                               143.4498 
_refine.B_iso_min                                70.660 
_refine.correlation_coeff_Fo_to_Fc               ? 
_refine.correlation_coeff_Fo_to_Fc_free          ? 
_refine.details                                  ? 
_refine.diff_density_max                         ? 
_refine.diff_density_max_esd                     ? 
_refine.diff_density_min                         ? 
_refine.diff_density_min_esd                     ? 
_refine.diff_density_rms                         ? 
_refine.diff_density_rms_esd                     ? 
_refine.entry_id                                 6XFF 
_refine.pdbx_refine_id                           'X-RAY DIFFRACTION' 
_refine.ls_abs_structure_details                 ? 
_refine.ls_abs_structure_Flack                   ? 
_refine.ls_abs_structure_Flack_esd               ? 
_refine.ls_abs_structure_Rogers                  ? 
_refine.ls_abs_structure_Rogers_esd              ? 
_refine.ls_d_res_high                            3.1220 
_refine.ls_d_res_low                             34.7210 
_refine.ls_extinction_coef                       ? 
_refine.ls_extinction_coef_esd                   ? 
_refine.ls_extinction_expression                 ? 
_refine.ls_extinction_method                     ? 
_refine.ls_goodness_of_fit_all                   ? 
_refine.ls_goodness_of_fit_all_esd               ? 
_refine.ls_goodness_of_fit_obs                   ? 
_refine.ls_goodness_of_fit_obs_esd               ? 
_refine.ls_hydrogen_treatment                    ? 
_refine.ls_matrix_type                           ? 
_refine.ls_number_constraints                    ? 
_refine.ls_number_parameters                     ? 
_refine.ls_number_reflns_all                     ? 
_refine.ls_number_reflns_obs                     4801 
_refine.ls_number_reflns_R_free                  238 
_refine.ls_number_reflns_R_work                  4563 
_refine.ls_number_restraints                     ? 
_refine.ls_percent_reflns_obs                    84.2900 
_refine.ls_percent_reflns_R_free                 4.9600 
_refine.ls_R_factor_all                          ? 
_refine.ls_R_factor_obs                          0.2309 
_refine.ls_R_factor_R_free                       0.2669 
_refine.ls_R_factor_R_free_error                 ? 
_refine.ls_R_factor_R_free_error_details         ? 
_refine.ls_R_factor_R_work                       0.2291 
_refine.ls_R_Fsqd_factor_obs                     ? 
_refine.ls_R_I_factor_obs                        ? 
_refine.ls_redundancy_reflns_all                 ? 
_refine.ls_redundancy_reflns_obs                 ? 
_refine.ls_restrained_S_all                      ? 
_refine.ls_restrained_S_obs                      ? 
_refine.ls_shift_over_esd_max                    ? 
_refine.ls_shift_over_esd_mean                   ? 
_refine.ls_structure_factor_coef                 ? 
_refine.ls_weighting_details                     ? 
_refine.ls_weighting_scheme                      ? 
_refine.ls_wR_factor_all                         ? 
_refine.ls_wR_factor_obs                         ? 
_refine.ls_wR_factor_R_free                      ? 
_refine.ls_wR_factor_R_work                      ? 
_refine.occupancy_max                            ? 
_refine.occupancy_min                            ? 
_refine.solvent_model_details                    'FLAT BULK SOLVENT MODEL' 
_refine.solvent_model_param_bsol                 ? 
_refine.solvent_model_param_ksol                 ? 
_refine.pdbx_R_complete                          ? 
_refine.ls_R_factor_gt                           ? 
_refine.ls_goodness_of_fit_gt                    ? 
_refine.ls_goodness_of_fit_ref                   ? 
_refine.ls_shift_over_su_max                     ? 
_refine.ls_shift_over_su_max_lt                  ? 
_refine.ls_shift_over_su_mean                    ? 
_refine.ls_shift_over_su_mean_lt                 ? 
_refine.pdbx_ls_sigma_I                          ? 
_refine.pdbx_ls_sigma_F                          1.970 
_refine.pdbx_ls_sigma_Fsqd                       ? 
_refine.pdbx_data_cutoff_high_absF               ? 
_refine.pdbx_data_cutoff_high_rms_absF           ? 
_refine.pdbx_data_cutoff_low_absF                ? 
_refine.pdbx_isotropic_thermal_model             ? 
_refine.pdbx_ls_cross_valid_method               THROUGHOUT 
_refine.pdbx_method_to_determine_struct          'MOLECULAR REPLACEMENT' 
_refine.pdbx_starting_model                      6x8c 
_refine.pdbx_stereochemistry_target_values       ML 
_refine.pdbx_R_Free_selection_details            ? 
_refine.pdbx_stereochem_target_val_spec_case     ? 
_refine.pdbx_overall_ESU_R                       ? 
_refine.pdbx_overall_ESU_R_Free                  ? 
_refine.pdbx_solvent_vdw_probe_radii             1.1100 
_refine.pdbx_solvent_ion_probe_radii             ? 
_refine.pdbx_solvent_shrinkage_radii             0.9000 
_refine.pdbx_real_space_R                        ? 
_refine.pdbx_density_correlation                 ? 
_refine.pdbx_pd_number_of_powder_patterns        ? 
_refine.pdbx_pd_number_of_points                 ? 
_refine.pdbx_pd_meas_number_of_points            ? 
_refine.pdbx_pd_proc_ls_prof_R_factor            ? 
_refine.pdbx_pd_proc_ls_prof_wR_factor           ? 
_refine.pdbx_pd_Marquardt_correlation_coeff      ? 
_refine.pdbx_pd_Fsqrd_R_factor                   ? 
_refine.pdbx_pd_ls_matrix_band_width             ? 
_refine.pdbx_overall_phase_error                 32.6900 
_refine.pdbx_overall_SU_R_free_Cruickshank_DPI   ? 
_refine.pdbx_overall_SU_R_free_Blow_DPI          ? 
_refine.pdbx_overall_SU_R_Blow_DPI               ? 
_refine.pdbx_TLS_residual_ADP_flag               ? 
_refine.pdbx_diffrn_id                           1 
_refine.overall_SU_B                             ? 
_refine.overall_SU_ML                            0.6400 
_refine.overall_SU_R_Cruickshank_DPI             ? 
_refine.overall_SU_R_free                        ? 
_refine.overall_FOM_free_R_set                   ? 
_refine.overall_FOM_work_R_set                   ? 
_refine.pdbx_average_fsc_overall                 ? 
_refine.pdbx_average_fsc_work                    ? 
_refine.pdbx_average_fsc_free                    ? 
# 
_refine_hist.pdbx_refine_id                   'X-RAY DIFFRACTION' 
_refine_hist.cycle_id                         final 
_refine_hist.details                          ? 
_refine_hist.d_res_high                       3.1220 
_refine_hist.d_res_low                        34.7210 
_refine_hist.number_atoms_solvent             0 
_refine_hist.number_atoms_total               855 
_refine_hist.number_reflns_all                ? 
_refine_hist.number_reflns_obs                ? 
_refine_hist.number_reflns_R_free             ? 
_refine_hist.number_reflns_R_work             ? 
_refine_hist.R_factor_all                     ? 
_refine_hist.R_factor_obs                     ? 
_refine_hist.R_factor_R_free                  ? 
_refine_hist.R_factor_R_work                  ? 
_refine_hist.pdbx_number_residues_total       42 
_refine_hist.pdbx_B_iso_mean_ligand           ? 
_refine_hist.pdbx_B_iso_mean_solvent          ? 
_refine_hist.pdbx_number_atoms_protein        0 
_refine_hist.pdbx_number_atoms_nucleic_acid   855 
_refine_hist.pdbx_number_atoms_ligand         0 
_refine_hist.pdbx_number_atoms_lipid          ? 
_refine_hist.pdbx_number_atoms_carb           ? 
_refine_hist.pdbx_pseudo_atom_details         ? 
# 
loop_
_refine_ls_restr.pdbx_refine_id 
_refine_ls_restr.criterion 
_refine_ls_restr.dev_ideal 
_refine_ls_restr.dev_ideal_target 
_refine_ls_restr.number 
_refine_ls_restr.rejects 
_refine_ls_restr.type 
_refine_ls_restr.weight 
_refine_ls_restr.pdbx_restraint_function 
'X-RAY DIFFRACTION' ? 0.006  ? 956  ? f_bond_d           ? ? 
'X-RAY DIFFRACTION' ? 0.808  ? 1467 ? f_angle_d          ? ? 
'X-RAY DIFFRACTION' ? 0.042  ? 166  ? f_chiral_restr     ? ? 
'X-RAY DIFFRACTION' ? 0.004  ? 42   ? f_plane_restr      ? ? 
'X-RAY DIFFRACTION' ? 37.503 ? 406  ? f_dihedral_angle_d ? ? 
# 
loop_
_refine_ls_shell.pdbx_refine_id 
_refine_ls_shell.d_res_high 
_refine_ls_shell.d_res_low 
_refine_ls_shell.number_reflns_all 
_refine_ls_shell.number_reflns_obs 
_refine_ls_shell.number_reflns_R_free 
_refine_ls_shell.number_reflns_R_work 
_refine_ls_shell.percent_reflns_obs 
_refine_ls_shell.percent_reflns_R_free 
_refine_ls_shell.R_factor_all 
_refine_ls_shell.R_factor_obs 
_refine_ls_shell.R_factor_R_free 
_refine_ls_shell.R_factor_R_free_error 
_refine_ls_shell.R_factor_R_work 
_refine_ls_shell.redundancy_reflns_all 
_refine_ls_shell.redundancy_reflns_obs 
_refine_ls_shell.wR_factor_all 
_refine_ls_shell.wR_factor_obs 
_refine_ls_shell.wR_factor_R_free 
_refine_ls_shell.wR_factor_R_work 
_refine_ls_shell.pdbx_R_complete 
_refine_ls_shell.pdbx_total_number_of_bins_used 
_refine_ls_shell.pdbx_phase_error 
_refine_ls_shell.pdbx_fsc_work 
_refine_ls_shell.pdbx_fsc_free 
'X-RAY DIFFRACTION' 3.122  3.9323 . . 99  1876 69.0000 . . . 0.3930 0.0000 0.3503 . . . . . . . . . . . 
'X-RAY DIFFRACTION' 3.9323 34.721 . . 139 2687 99.0000 . . . 0.2424 0.0000 0.2090 . . . . . . . . . . . 
# 
_struct.entry_id                     6XFF 
_struct.title                        
'Self-assembly of a 3D DNA crystal lattice (4x5 junction version) containing the J22 immobile Holliday junction' 
_struct.pdbx_model_details           ? 
_struct.pdbx_formula_weight          ? 
_struct.pdbx_formula_weight_method   ? 
_struct.pdbx_model_type_details      ? 
_struct.pdbx_CASP_flag               N 
# 
_struct_keywords.entry_id        6XFF 
_struct_keywords.text            
'Structural DNA nanotechnology, immobile Holliday junctions, 3D DNA self-assembly, designer DNA crystals, DNA' 
_struct_keywords.pdbx_keywords   DNA 
# 
loop_
_struct_asym.id 
_struct_asym.pdbx_blank_PDB_chainid_flag 
_struct_asym.pdbx_modified 
_struct_asym.entity_id 
_struct_asym.details 
A N N 1 ? 
B N N 2 ? 
C N N 3 ? 
D N N 4 ? 
# 
loop_
_struct_conn.id 
_struct_conn.conn_type_id 
_struct_conn.pdbx_leaving_atom_flag 
_struct_conn.pdbx_PDB_id 
_struct_conn.ptnr1_label_asym_id 
_struct_conn.ptnr1_label_comp_id 
_struct_conn.ptnr1_label_seq_id 
_struct_conn.ptnr1_label_atom_id 
_struct_conn.pdbx_ptnr1_label_alt_id 
_struct_conn.pdbx_ptnr1_PDB_ins_code 
_struct_conn.pdbx_ptnr1_standard_comp_id 
_struct_conn.ptnr1_symmetry 
_struct_conn.ptnr2_label_asym_id 
_struct_conn.ptnr2_label_comp_id 
_struct_conn.ptnr2_label_seq_id 
_struct_conn.ptnr2_label_atom_id 
_struct_conn.pdbx_ptnr2_label_alt_id 
_struct_conn.pdbx_ptnr2_PDB_ins_code 
_struct_conn.ptnr1_auth_asym_id 
_struct_conn.ptnr1_auth_comp_id 
_struct_conn.ptnr1_auth_seq_id 
_struct_conn.ptnr2_auth_asym_id 
_struct_conn.ptnr2_auth_comp_id 
_struct_conn.ptnr2_auth_seq_id 
_struct_conn.ptnr2_symmetry 
_struct_conn.pdbx_ptnr3_label_atom_id 
_struct_conn.pdbx_ptnr3_label_seq_id 
_struct_conn.pdbx_ptnr3_label_comp_id 
_struct_conn.pdbx_ptnr3_label_asym_id 
_struct_conn.pdbx_ptnr3_label_alt_id 
_struct_conn.pdbx_ptnr3_PDB_ins_code 
_struct_conn.details 
_struct_conn.pdbx_dist_value 
_struct_conn.pdbx_value_order 
_struct_conn.pdbx_role 
hydrog1  hydrog ? ? A DG 3  N1 ? ? ? 1_555 D DC 16 N3 ? ? A DG 3  D DC 16 1_555 ? ? ? ? ? ? WATSON-CRICK ? ? ? 
hydrog2  hydrog ? ? A DG 3  N2 ? ? ? 1_555 D DC 16 O2 ? ? A DG 3  D DC 16 1_555 ? ? ? ? ? ? WATSON-CRICK ? ? ? 
hydrog3  hydrog ? ? A DG 3  O6 ? ? ? 1_555 D DC 16 N4 ? ? A DG 3  D DC 16 1_555 ? ? ? ? ? ? WATSON-CRICK ? ? ? 
hydrog4  hydrog ? ? A DC 4  N3 ? ? ? 1_555 D DG 15 N1 ? ? A DC 4  D DG 15 1_555 ? ? ? ? ? ? WATSON-CRICK ? ? ? 
hydrog5  hydrog ? ? A DC 4  N4 ? ? ? 1_555 D DG 15 O6 ? ? A DC 4  D DG 15 1_555 ? ? ? ? ? ? WATSON-CRICK ? ? ? 
hydrog6  hydrog ? ? A DC 4  O2 ? ? ? 1_555 D DG 15 N2 ? ? A DC 4  D DG 15 1_555 ? ? ? ? ? ? WATSON-CRICK ? ? ? 
hydrog7  hydrog ? ? A DA 5  N1 ? ? ? 1_555 D DT 14 N3 ? ? A DA 5  D DT 14 1_555 ? ? ? ? ? ? WATSON-CRICK ? ? ? 
hydrog8  hydrog ? ? A DA 5  N6 ? ? ? 1_555 D DT 14 O4 ? ? A DA 5  D DT 14 1_555 ? ? ? ? ? ? WATSON-CRICK ? ? ? 
hydrog9  hydrog ? ? A DG 6  N1 ? ? ? 1_555 D DC 13 N3 ? ? A DG 6  D DC 13 1_555 ? ? ? ? ? ? WATSON-CRICK ? ? ? 
hydrog10 hydrog ? ? A DG 6  N2 ? ? ? 1_555 D DC 13 O2 ? ? A DG 6  D DC 13 1_555 ? ? ? ? ? ? WATSON-CRICK ? ? ? 
hydrog11 hydrog ? ? A DG 6  O6 ? ? ? 1_555 D DC 13 N4 ? ? A DG 6  D DC 13 1_555 ? ? ? ? ? ? WATSON-CRICK ? ? ? 
hydrog12 hydrog ? ? A DA 7  N1 ? ? ? 1_555 D DT 12 N3 ? ? A DA 7  D DT 12 1_555 ? ? ? ? ? ? WATSON-CRICK ? ? ? 
hydrog13 hydrog ? ? A DA 7  N6 ? ? ? 1_555 D DT 12 O4 ? ? A DA 7  D DT 12 1_555 ? ? ? ? ? ? WATSON-CRICK ? ? ? 
hydrog14 hydrog ? ? A DC 8  N3 ? ? ? 1_555 D DG 11 N1 ? ? A DC 8  D DG 11 1_555 ? ? ? ? ? ? WATSON-CRICK ? ? ? 
hydrog15 hydrog ? ? A DC 8  N4 ? ? ? 1_555 D DG 11 O6 ? ? A DC 8  D DG 11 1_555 ? ? ? ? ? ? WATSON-CRICK ? ? ? 
hydrog16 hydrog ? ? A DC 8  O2 ? ? ? 1_555 D DG 11 N2 ? ? A DC 8  D DG 11 1_555 ? ? ? ? ? ? WATSON-CRICK ? ? ? 
hydrog17 hydrog ? ? A DC 9  N3 ? ? ? 1_555 D DG 10 N1 ? ? A DC 9  D DG 10 1_555 ? ? ? ? ? ? WATSON-CRICK ? ? ? 
hydrog18 hydrog ? ? A DC 9  N4 ? ? ? 1_555 D DG 10 O6 ? ? A DC 9  D DG 10 1_555 ? ? ? ? ? ? WATSON-CRICK ? ? ? 
hydrog19 hydrog ? ? A DC 9  O2 ? ? ? 1_555 D DG 10 N2 ? ? A DC 9  D DG 10 1_555 ? ? ? ? ? ? WATSON-CRICK ? ? ? 
hydrog20 hydrog ? ? A DG 11 N1 ? ? ? 1_555 C DC 1  N3 ? ? A DG 11 C DC 1  1_555 ? ? ? ? ? ? WATSON-CRICK ? ? ? 
hydrog21 hydrog ? ? A DG 11 N2 ? ? ? 1_555 C DC 1  O2 ? ? A DG 11 C DC 1  1_555 ? ? ? ? ? ? WATSON-CRICK ? ? ? 
hydrog22 hydrog ? ? A DG 11 O6 ? ? ? 1_555 C DC 1  N4 ? ? A DG 11 C DC 1  1_555 ? ? ? ? ? ? WATSON-CRICK ? ? ? 
hydrog23 hydrog ? ? B DA 1  N1 ? ? ? 1_555 C DT 5  N3 ? ? B DA 12 C DT 5  1_555 ? ? ? ? ? ? WATSON-CRICK ? ? ? 
hydrog24 hydrog ? ? B DA 1  N6 ? ? ? 1_555 C DT 5  O4 ? ? B DA 12 C DT 5  1_555 ? ? ? ? ? ? WATSON-CRICK ? ? ? 
hydrog25 hydrog ? ? B DC 2  N3 ? ? ? 1_555 C DG 4  N1 ? ? B DC 13 C DG 4  1_555 ? ? ? ? ? ? WATSON-CRICK ? ? ? 
hydrog26 hydrog ? ? B DC 2  N4 ? ? ? 1_555 C DG 4  O6 ? ? B DC 13 C DG 4  1_555 ? ? ? ? ? ? WATSON-CRICK ? ? ? 
hydrog27 hydrog ? ? B DC 2  O2 ? ? ? 1_555 C DG 4  N2 ? ? B DC 13 C DG 4  1_555 ? ? ? ? ? ? WATSON-CRICK ? ? ? 
hydrog28 hydrog ? ? B DG 3  N1 ? ? ? 1_555 C DC 3  N3 ? ? B DG 14 C DC 3  1_555 ? ? ? ? ? ? WATSON-CRICK ? ? ? 
hydrog29 hydrog ? ? B DG 3  N2 ? ? ? 1_555 C DC 3  O2 ? ? B DG 14 C DC 3  1_555 ? ? ? ? ? ? WATSON-CRICK ? ? ? 
hydrog30 hydrog ? ? B DG 3  O6 ? ? ? 1_555 C DC 3  N4 ? ? B DG 14 C DC 3  1_555 ? ? ? ? ? ? WATSON-CRICK ? ? ? 
hydrog31 hydrog ? ? B DC 4  N3 ? ? ? 1_555 D DG 9  N1 ? ? B DC 15 D DG 9  1_555 ? ? ? ? ? ? WATSON-CRICK ? ? ? 
hydrog32 hydrog ? ? B DC 4  N4 ? ? ? 1_555 D DG 9  O6 ? ? B DC 15 D DG 9  1_555 ? ? ? ? ? ? WATSON-CRICK ? ? ? 
hydrog33 hydrog ? ? B DC 4  O2 ? ? ? 1_555 D DG 9  N2 ? ? B DC 15 D DG 9  1_555 ? ? ? ? ? ? WATSON-CRICK ? ? ? 
hydrog34 hydrog ? ? B DC 5  N3 ? ? ? 1_555 D DG 8  N1 ? ? B DC 16 D DG 8  1_555 ? ? ? ? ? ? WATSON-CRICK ? ? ? 
hydrog35 hydrog ? ? B DC 5  N4 ? ? ? 1_555 D DG 8  O6 ? ? B DC 16 D DG 8  1_555 ? ? ? ? ? ? WATSON-CRICK ? ? ? 
hydrog36 hydrog ? ? B DC 5  O2 ? ? ? 1_555 D DG 8  N2 ? ? B DC 16 D DG 8  1_555 ? ? ? ? ? ? WATSON-CRICK ? ? ? 
hydrog37 hydrog ? ? B DA 6  N1 ? ? ? 1_555 D DG 6  N1 ? ? B DA 17 D DG 6  1_555 ? ? ? ? ? ? TYPE_8_PAIR  ? ? ? 
hydrog38 hydrog ? ? B DA 6  N6 ? ? ? 1_555 D DG 6  O6 ? ? B DA 17 D DG 6  1_555 ? ? ? ? ? ? TYPE_8_PAIR  ? ? ? 
hydrog39 hydrog ? ? B DA 6  N1 ? ? ? 1_555 D DT 7  N3 ? ? B DA 17 D DT 7  1_555 ? ? ? ? ? ? WATSON-CRICK ? ? ? 
hydrog40 hydrog ? ? B DA 6  N6 ? ? ? 1_555 D DT 7  O4 ? ? B DA 17 D DT 7  1_555 ? ? ? ? ? ? WATSON-CRICK ? ? ? 
hydrog41 hydrog ? ? B DC 7  N3 ? ? ? 1_555 D DG 6  N1 ? ? B DC 18 D DG 6  1_555 ? ? ? ? ? ? WATSON-CRICK ? ? ? 
hydrog42 hydrog ? ? B DC 7  N4 ? ? ? 1_555 D DG 6  O6 ? ? B DC 18 D DG 6  1_555 ? ? ? ? ? ? WATSON-CRICK ? ? ? 
hydrog43 hydrog ? ? B DC 7  O2 ? ? ? 1_555 D DG 6  N2 ? ? B DC 18 D DG 6  1_555 ? ? ? ? ? ? WATSON-CRICK ? ? ? 
hydrog44 hydrog ? ? B DT 8  N3 ? ? ? 1_555 D DA 5  N1 ? ? B DT 19 D DA 5  1_555 ? ? ? ? ? ? WATSON-CRICK ? ? ? 
hydrog45 hydrog ? ? B DT 8  O4 ? ? ? 1_555 D DA 5  N6 ? ? B DT 19 D DA 5  1_555 ? ? ? ? ? ? WATSON-CRICK ? ? ? 
hydrog46 hydrog ? ? B DC 9  N3 ? ? ? 1_555 D DG 4  N1 ? ? B DC 20 D DG 4  1_555 ? ? ? ? ? ? WATSON-CRICK ? ? ? 
hydrog47 hydrog ? ? B DC 9  N4 ? ? ? 1_555 D DG 4  O6 ? ? B DC 20 D DG 4  1_555 ? ? ? ? ? ? WATSON-CRICK ? ? ? 
hydrog48 hydrog ? ? B DC 9  O2 ? ? ? 1_555 D DG 4  N2 ? ? B DC 20 D DG 4  1_555 ? ? ? ? ? ? WATSON-CRICK ? ? ? 
hydrog49 hydrog ? ? B DA 10 N1 ? ? ? 1_555 D DT 3  N3 ? ? B DA 21 D DT 3  1_555 ? ? ? ? ? ? WATSON-CRICK ? ? ? 
hydrog50 hydrog ? ? B DA 10 N6 ? ? ? 1_555 D DT 3  O4 ? ? B DA 21 D DT 3  1_555 ? ? ? ? ? ? WATSON-CRICK ? ? ? 
# 
_struct_conn_type.id          hydrog 
_struct_conn_type.criteria    ? 
_struct_conn_type.reference   ? 
# 
_atom_sites.entry_id                    6XFF 
_atom_sites.Cartn_transf_matrix[1][1]   ? 
_atom_sites.Cartn_transf_matrix[1][2]   ? 
_atom_sites.Cartn_transf_matrix[1][3]   ? 
_atom_sites.Cartn_transf_matrix[2][1]   ? 
_atom_sites.Cartn_transf_matrix[2][2]   ? 
_atom_sites.Cartn_transf_matrix[2][3]   ? 
_atom_sites.Cartn_transf_matrix[3][1]   ? 
_atom_sites.Cartn_transf_matrix[3][2]   ? 
_atom_sites.Cartn_transf_matrix[3][3]   ? 
_atom_sites.Cartn_transf_vector[1]      ? 
_atom_sites.Cartn_transf_vector[2]      ? 
_atom_sites.Cartn_transf_vector[3]      ? 
_atom_sites.fract_transf_matrix[1][1]   0.01214062 
_atom_sites.fract_transf_matrix[1][2]   0.00978752 
_atom_sites.fract_transf_matrix[1][3]   0.00577244 
_atom_sites.fract_transf_matrix[2][1]   0.00458408 
_atom_sites.fract_transf_matrix[2][2]   0.01349343 
_atom_sites.fract_transf_matrix[2][3]   -0.00856956 
_atom_sites.fract_transf_matrix[3][1]   -0.01136055 
_atom_sites.fract_transf_matrix[3][2]   0.00916494 
_atom_sites.fract_transf_matrix[3][3]   0.00835385 
_atom_sites.fract_transf_vector[1]      0.285802 
_atom_sites.fract_transf_vector[2]      0.128284 
_atom_sites.fract_transf_vector[3]      0.088694 
_atom_sites.solution_primary            ? 
_atom_sites.solution_secondary          ? 
_atom_sites.solution_hydrogens          ? 
_atom_sites.special_details             ? 
# 
loop_
_atom_type.symbol 
C 
N 
O 
P 
# 
loop_
_atom_site.group_PDB 
_atom_site.id 
_atom_site.type_symbol 
_atom_site.label_atom_id 
_atom_site.label_alt_id 
_atom_site.label_comp_id 
_atom_site.label_asym_id 
_atom_site.label_entity_id 
_atom_site.label_seq_id 
_atom_site.pdbx_PDB_ins_code 
_atom_site.Cartn_x 
_atom_site.Cartn_y 
_atom_site.Cartn_z 
_atom_site.occupancy 
_atom_site.B_iso_or_equiv 
_atom_site.pdbx_formal_charge 
_atom_site.auth_seq_id 
_atom_site.auth_comp_id 
_atom_site.auth_asym_id 
_atom_site.auth_atom_id 
_atom_site.pdbx_PDB_model_num 
ATOM 1   O "O5'" . DG A 1 1  ? 17.856  -12.724 14.511  1.00 194.13 ? 1  DG A "O5'" 1 
ATOM 2   C "C5'" . DG A 1 1  ? 18.878  -11.932 13.915  1.00 182.99 ? 1  DG A "C5'" 1 
ATOM 3   C "C4'" . DG A 1 1  ? 18.904  -10.541 14.525  1.00 179.34 ? 1  DG A "C4'" 1 
ATOM 4   O "O4'" . DG A 1 1  ? 20.131  -9.880  14.172  1.00 172.61 ? 1  DG A "O4'" 1 
ATOM 5   C "C3'" . DG A 1 1  ? 17.827  -9.599  14.025  1.00 174.19 ? 1  DG A "C3'" 1 
ATOM 6   O "O3'" . DG A 1 1  ? 16.623  -9.801  14.747  1.00 176.59 ? 1  DG A "O3'" 1 
ATOM 7   C "C2'" . DG A 1 1  ? 18.426  -8.221  14.314  1.00 168.41 ? 1  DG A "C2'" 1 
ATOM 8   C "C1'" . DG A 1 1  ? 19.940  -8.484  14.292  1.00 168.35 ? 1  DG A "C1'" 1 
ATOM 9   N N9    . DG A 1 1  ? 20.649  -7.808  13.207  1.00 166.87 ? 1  DG A N9    1 
ATOM 10  C C8    . DG A 1 1  ? 21.524  -8.375  12.311  1.00 165.33 ? 1  DG A C8    1 
ATOM 11  N N7    . DG A 1 1  ? 22.020  -7.520  11.459  1.00 165.49 ? 1  DG A N7    1 
ATOM 12  C C5    . DG A 1 1  ? 21.441  -6.307  11.814  1.00 165.54 ? 1  DG A C5    1 
ATOM 13  C C6    . DG A 1 1  ? 21.598  -5.016  11.248  1.00 164.31 ? 1  DG A C6    1 
ATOM 14  O O6    . DG A 1 1  ? 22.306  -4.679  10.287  1.00 163.50 ? 1  DG A O6    1 
ATOM 15  N N1    . DG A 1 1  ? 20.829  -4.064  11.912  1.00 163.82 ? 1  DG A N1    1 
ATOM 16  C C2    . DG A 1 1  ? 20.009  -4.324  12.985  1.00 167.44 ? 1  DG A C2    1 
ATOM 17  N N2    . DG A 1 1  ? 19.343  -3.279  13.493  1.00 171.41 ? 1  DG A N2    1 
ATOM 18  N N3    . DG A 1 1  ? 19.853  -5.527  13.524  1.00 164.41 ? 1  DG A N3    1 
ATOM 19  C C4    . DG A 1 1  ? 20.595  -6.467  12.890  1.00 165.49 ? 1  DG A C4    1 
ATOM 20  P P     . DA A 1 2  ? 15.215  -9.706  13.982  1.00 180.23 ? 2  DA A P     1 
ATOM 21  O OP1   . DA A 1 2  ? 14.623  -11.063 13.996  1.00 181.10 ? 2  DA A OP1   1 
ATOM 22  O OP2   . DA A 1 2  ? 15.456  -9.025  12.690  1.00 168.58 ? 2  DA A OP2   1 
ATOM 23  O "O5'" . DA A 1 2  ? 14.323  -8.747  14.909  1.00 177.21 ? 2  DA A "O5'" 1 
ATOM 24  C "C5'" . DA A 1 2  ? 14.889  -7.578  15.489  1.00 170.34 ? 2  DA A "C5'" 1 
ATOM 25  C "C4'" . DA A 1 2  ? 14.723  -6.374  14.574  1.00 169.99 ? 2  DA A "C4'" 1 
ATOM 26  O "O4'" . DA A 1 2  ? 15.912  -6.192  13.786  1.00 172.18 ? 2  DA A "O4'" 1 
ATOM 27  C "C3'" . DA A 1 2  ? 13.570  -6.463  13.572  1.00 167.91 ? 2  DA A "C3'" 1 
ATOM 28  O "O3'" . DA A 1 2  ? 12.494  -5.619  14.013  1.00 168.01 ? 2  DA A "O3'" 1 
ATOM 29  C "C2'" . DA A 1 2  ? 14.183  -6.006  12.231  1.00 165.15 ? 2  DA A "C2'" 1 
ATOM 30  C "C1'" . DA A 1 2  ? 15.567  -5.501  12.617  1.00 166.26 ? 2  DA A "C1'" 1 
ATOM 31  N N9    . DA A 1 2  ? 16.598  -5.767  11.616  1.00 166.61 ? 2  DA A N9    1 
ATOM 32  C C8    . DA A 1 2  ? 17.180  -6.972  11.336  1.00 167.44 ? 2  DA A C8    1 
ATOM 33  N N7    . DA A 1 2  ? 18.094  -6.915  10.395  1.00 165.61 ? 2  DA A N7    1 
ATOM 34  C C5    . DA A 1 2  ? 18.121  -5.577  10.039  1.00 166.72 ? 2  DA A C5    1 
ATOM 35  C C6    . DA A 1 2  ? 18.883  -4.861  9.089   1.00 167.86 ? 2  DA A C6    1 
ATOM 36  N N6    . DA A 1 2  ? 19.801  -5.430  8.301   1.00 166.61 ? 2  DA A N6    1 
ATOM 37  N N1    . DA A 1 2  ? 18.663  -3.531  8.984   1.00 165.23 ? 2  DA A N1    1 
ATOM 38  C C2    . DA A 1 2  ? 17.743  -2.965  9.775   1.00 166.48 ? 2  DA A C2    1 
ATOM 39  N N3    . DA A 1 2  ? 16.967  -3.533  10.701  1.00 170.41 ? 2  DA A N3    1 
ATOM 40  C C4    . DA A 1 2  ? 17.209  -4.853  10.784  1.00 168.16 ? 2  DA A C4    1 
ATOM 41  P P     . DG A 1 3  ? 11.520  -4.856  12.983  1.00 167.27 ? 3  DG A P     1 
ATOM 42  O OP1   . DG A 1 3  ? 10.375  -4.384  13.793  1.00 168.25 ? 3  DG A OP1   1 
ATOM 43  O OP2   . DG A 1 3  ? 11.261  -5.680  11.780  1.00 160.50 ? 3  DG A OP2   1 
ATOM 44  O "O5'" . DG A 1 3  ? 12.352  -3.563  12.561  1.00 159.34 ? 3  DG A "O5'" 1 
ATOM 45  C "C5'" . DG A 1 3  ? 11.683  -2.337  12.366  1.00 159.03 ? 3  DG A "C5'" 1 
ATOM 46  C "C4'" . DG A 1 3  ? 12.135  -1.687  11.077  1.00 164.86 ? 3  DG A "C4'" 1 
ATOM 47  O "O4'" . DG A 1 3  ? 13.300  -2.390  10.556  1.00 170.01 ? 3  DG A "O4'" 1 
ATOM 48  C "C3'" . DG A 1 3  ? 11.101  -1.703  9.944   1.00 163.47 ? 3  DG A "C3'" 1 
ATOM 49  O "O3'" . DG A 1 3  ? 11.102  -0.446  9.280   1.00 164.38 ? 3  DG A "O3'" 1 
ATOM 50  C "C2'" . DG A 1 3  ? 11.624  -2.806  9.031   1.00 164.72 ? 3  DG A "C2'" 1 
ATOM 51  C "C1'" . DG A 1 3  ? 13.112  -2.573  9.177   1.00 165.78 ? 3  DG A "C1'" 1 
ATOM 52  N N9    . DG A 1 3  ? 13.945  -3.675  8.705   1.00 162.01 ? 3  DG A N9    1 
ATOM 53  C C8    . DG A 1 3  ? 13.899  -4.989  9.102   1.00 160.26 ? 3  DG A C8    1 
ATOM 54  N N7    . DG A 1 3  ? 14.772  -5.745  8.493   1.00 159.34 ? 3  DG A N7    1 
ATOM 55  C C5    . DG A 1 3  ? 15.434  -4.875  7.633   1.00 161.20 ? 3  DG A C5    1 
ATOM 56  C C6    . DG A 1 3  ? 16.486  -5.118  6.714   1.00 161.10 ? 3  DG A C6    1 
ATOM 57  O O6    . DG A 1 3  ? 17.061  -6.189  6.469   1.00 160.12 ? 3  DG A O6    1 
ATOM 58  N N1    . DG A 1 3  ? 16.864  -3.955  6.043   1.00 160.23 ? 3  DG A N1    1 
ATOM 59  C C2    . DG A 1 3  ? 16.295  -2.717  6.235   1.00 159.82 ? 3  DG A C2    1 
ATOM 60  N N2    . DG A 1 3  ? 16.789  -1.713  5.496   1.00 158.56 ? 3  DG A N2    1 
ATOM 61  N N3    . DG A 1 3  ? 15.311  -2.478  7.091   1.00 160.66 ? 3  DG A N3    1 
ATOM 62  C C4    . DG A 1 3  ? 14.933  -3.599  7.752   1.00 158.92 ? 3  DG A C4    1 
ATOM 63  P P     . DC A 1 4  ? 9.815   0.034   8.449   1.00 165.40 ? 4  DC A P     1 
ATOM 64  O OP1   . DC A 1 4  ? 8.855   0.596   9.425   1.00 164.02 ? 4  DC A OP1   1 
ATOM 65  O OP2   . DC A 1 4  ? 9.405   -1.084  7.570   1.00 166.19 ? 4  DC A OP2   1 
ATOM 66  O "O5'" . DC A 1 4  ? 10.368  1.217   7.520   1.00 155.07 ? 4  DC A "O5'" 1 
ATOM 67  C "C5'" . DC A 1 4  ? 11.756  1.308   7.243   1.00 156.54 ? 4  DC A "C5'" 1 
ATOM 68  C "C4'" . DC A 1 4  ? 12.019  1.335   5.743   1.00 166.50 ? 4  DC A "C4'" 1 
ATOM 69  O "O4'" . DC A 1 4  ? 12.820  0.182   5.360   1.00 169.65 ? 4  DC A "O4'" 1 
ATOM 70  C "C3'" . DC A 1 4  ? 10.782  1.288   4.847   1.00 165.57 ? 4  DC A "C3'" 1 
ATOM 71  O "O3'" . DC A 1 4  ? 11.024  2.064   3.680   1.00 165.85 ? 4  DC A "O3'" 1 
ATOM 72  C "C2'" . DC A 1 4  ? 10.684  -0.196  4.508   1.00 162.21 ? 4  DC A "C2'" 1 
ATOM 73  C "C1'" . DC A 1 4  ? 12.156  -0.532  4.336   1.00 162.00 ? 4  DC A "C1'" 1 
ATOM 74  N N1    . DC A 1 4  ? 12.476  -1.980  4.489   1.00 160.01 ? 4  DC A N1    1 
ATOM 75  C C2    . DC A 1 4  ? 13.495  -2.545  3.713   1.00 157.04 ? 4  DC A C2    1 
ATOM 76  O O2    . DC A 1 4  ? 14.104  -1.832  2.907   1.00 160.69 ? 4  DC A O2    1 
ATOM 77  N N3    . DC A 1 4  ? 13.784  -3.863  3.869   1.00 159.59 ? 4  DC A N3    1 
ATOM 78  C C4    . DC A 1 4  ? 13.102  -4.597  4.753   1.00 158.04 ? 4  DC A C4    1 
ATOM 79  N N4    . DC A 1 4  ? 13.422  -5.891  4.871   1.00 155.57 ? 4  DC A N4    1 
ATOM 80  C C5    . DC A 1 4  ? 12.064  -4.037  5.554   1.00 159.04 ? 4  DC A C5    1 
ATOM 81  C C6    . DC A 1 4  ? 11.788  -2.736  5.392   1.00 160.54 ? 4  DC A C6    1 
ATOM 82  P P     . DA A 1 5  ? 9.799   2.559   2.766   1.00 166.76 ? 5  DA A P     1 
ATOM 83  O OP1   . DA A 1 5  ? 9.747   4.036   2.838   1.00 168.38 ? 5  DA A OP1   1 
ATOM 84  O OP2   . DA A 1 5  ? 8.616   1.759   3.152   1.00 163.15 ? 5  DA A OP2   1 
ATOM 85  O "O5'" . DA A 1 5  ? 10.238  2.154   1.280   1.00 166.62 ? 5  DA A "O5'" 1 
ATOM 86  C "C5'" . DA A 1 5  ? 11.044  3.042   0.504   1.00 162.11 ? 5  DA A "C5'" 1 
ATOM 87  C "C4'" . DA A 1 5  ? 11.837  2.276   -0.540  1.00 162.39 ? 5  DA A "C4'" 1 
ATOM 88  O "O4'" . DA A 1 5  ? 12.235  0.995   0.016   1.00 162.70 ? 5  DA A "O4'" 1 
ATOM 89  C "C3'" . DA A 1 5  ? 11.078  1.963   -1.830  1.00 161.12 ? 5  DA A "C3'" 1 
ATOM 90  O "O3'" . DA A 1 5  ? 11.951  2.022   -2.953  1.00 163.41 ? 5  DA A "O3'" 1 
ATOM 91  C "C2'" . DA A 1 5  ? 10.574  0.548   -1.596  1.00 160.44 ? 5  DA A "C2'" 1 
ATOM 92  C "C1'" . DA A 1 5  ? 11.691  -0.058  -0.751  1.00 158.56 ? 5  DA A "C1'" 1 
ATOM 93  N N9    . DA A 1 5  ? 11.210  -1.099  0.155   1.00 156.12 ? 5  DA A N9    1 
ATOM 94  C C8    . DA A 1 5  ? 10.176  -1.001  1.045   1.00 157.55 ? 5  DA A C8    1 
ATOM 95  N N7    . DA A 1 5  ? 9.948   -2.104  1.719   1.00 158.36 ? 5  DA A N7    1 
ATOM 96  C C5    . DA A 1 5  ? 10.897  -2.991  1.234   1.00 158.78 ? 5  DA A C5    1 
ATOM 97  C C6    . DA A 1 5  ? 11.185  -4.335  1.546   1.00 155.57 ? 5  DA A C6    1 
ATOM 98  N N6    . DA A 1 5  ? 10.509  -5.040  2.459   1.00 152.34 ? 5  DA A N6    1 
ATOM 99  N N1    . DA A 1 5  ? 12.197  -4.928  0.878   1.00 156.16 ? 5  DA A N1    1 
ATOM 100 C C2    . DA A 1 5  ? 12.871  -4.219  -0.038  1.00 154.75 ? 5  DA A C2    1 
ATOM 101 N N3    . DA A 1 5  ? 12.693  -2.953  -0.416  1.00 154.51 ? 5  DA A N3    1 
ATOM 102 C C4    . DA A 1 5  ? 11.681  -2.389  0.266   1.00 158.07 ? 5  DA A C4    1 
ATOM 103 P P     . DG A 1 6  ? 11.389  2.465   -4.395  1.00 175.17 ? 6  DG A P     1 
ATOM 104 O OP1   . DG A 1 6  ? 12.548  2.693   -5.287  1.00 171.25 ? 6  DG A OP1   1 
ATOM 105 O OP2   . DG A 1 6  ? 10.402  3.548   -4.176  1.00 173.24 ? 6  DG A OP2   1 
ATOM 106 O "O5'" . DG A 1 6  ? 10.603  1.173   -4.924  1.00 166.91 ? 6  DG A "O5'" 1 
ATOM 107 C "C5'" . DG A 1 6  ? 11.009  0.536   -6.134  1.00 163.74 ? 6  DG A "C5'" 1 
ATOM 108 C "C4'" . DG A 1 6  ? 11.882  -0.668  -5.834  1.00 166.39 ? 6  DG A "C4'" 1 
ATOM 109 O "O4'" . DG A 1 6  ? 11.600  -1.127  -4.504  1.00 160.09 ? 6  DG A "O4'" 1 
ATOM 110 C "C3'" . DG A 1 6  ? 11.634  -1.880  -6.721  1.00 166.10 ? 6  DG A "C3'" 1 
ATOM 111 O "O3'" . DG A 1 6  ? 12.505  -1.847  -7.849  1.00 171.08 ? 6  DG A "O3'" 1 
ATOM 112 C "C2'" . DG A 1 6  ? 11.956  -3.074  -5.807  1.00 156.98 ? 6  DG A "C2'" 1 
ATOM 113 C "C1'" . DG A 1 6  ? 11.974  -2.476  -4.399  1.00 155.01 ? 6  DG A "C1'" 1 
ATOM 114 N N9    . DG A 1 6  ? 11.073  -3.126  -3.458  1.00 153.27 ? 6  DG A N9    1 
ATOM 115 C C8    . DG A 1 6  ? 10.048  -2.532  -2.760  1.00 153.18 ? 6  DG A C8    1 
ATOM 116 N N7    . DG A 1 6  ? 9.417   -3.350  -1.967  1.00 151.32 ? 6  DG A N7    1 
ATOM 117 C C5    . DG A 1 6  ? 10.065  -4.566  -2.148  1.00 152.35 ? 6  DG A C5    1 
ATOM 118 C C6    . DG A 1 6  ? 9.817   -5.826  -1.549  1.00 155.58 ? 6  DG A C6    1 
ATOM 119 O O6    . DG A 1 6  ? 8.949   -6.123  -0.716  1.00 163.38 ? 6  DG A O6    1 
ATOM 120 N N1    . DG A 1 6  ? 10.706  -6.796  -2.010  1.00 151.37 ? 6  DG A N1    1 
ATOM 121 C C2    . DG A 1 6  ? 11.703  -6.577  -2.928  1.00 149.12 ? 6  DG A C2    1 
ATOM 122 N N2    . DG A 1 6  ? 12.457  -7.635  -3.245  1.00 149.38 ? 6  DG A N2    1 
ATOM 123 N N3    . DG A 1 6  ? 11.945  -5.401  -3.497  1.00 150.40 ? 6  DG A N3    1 
ATOM 124 C C4    . DG A 1 6  ? 11.088  -4.444  -3.060  1.00 151.25 ? 6  DG A C4    1 
ATOM 125 P P     . DA A 1 7  ? 11.967  -1.334  -9.275  1.00 185.46 ? 7  DA A P     1 
ATOM 126 O OP1   . DA A 1 7  ? 12.920  -0.318  -9.778  1.00 184.42 ? 7  DA A OP1   1 
ATOM 127 O OP2   . DA A 1 7  ? 10.539  -0.987  -9.112  1.00 194.11 ? 7  DA A OP2   1 
ATOM 128 O "O5'" . DA A 1 7  ? 12.059  -2.625  -10.217 1.00 174.94 ? 7  DA A "O5'" 1 
ATOM 129 C "C5'" . DA A 1 7  ? 11.065  -3.640  -10.135 1.00 168.53 ? 7  DA A "C5'" 1 
ATOM 130 C "C4'" . DA A 1 7  ? 11.554  -4.808  -9.299  1.00 164.40 ? 7  DA A "C4'" 1 
ATOM 131 O "O4'" . DA A 1 7  ? 10.913  -4.786  -8.018  1.00 156.33 ? 7  DA A "O4'" 1 
ATOM 132 C "C3'" . DA A 1 7  ? 11.245  -6.189  -9.876  1.00 162.75 ? 7  DA A "C3'" 1 
ATOM 133 O "O3'" . DA A 1 7  ? 12.426  -6.748  -10.430 1.00 166.90 ? 7  DA A "O3'" 1 
ATOM 134 C "C2'" . DA A 1 7  ? 10.720  -7.011  -8.675  1.00 154.79 ? 7  DA A "C2'" 1 
ATOM 135 C "C1'" . DA A 1 7  ? 10.954  -6.080  -7.492  1.00 149.90 ? 7  DA A "C1'" 1 
ATOM 136 N N9    . DA A 1 7  ? 9.961   -6.166  -6.421  1.00 147.18 ? 7  DA A N9    1 
ATOM 137 C C8    . DA A 1 7  ? 9.203   -5.141  -5.926  1.00 148.62 ? 7  DA A C8    1 
ATOM 138 N N7    . DA A 1 7  ? 8.411   -5.491  -4.943  1.00 144.00 ? 7  DA A N7    1 
ATOM 139 C C5    . DA A 1 7  ? 8.668   -6.838  -4.770  1.00 146.57 ? 7  DA A C5    1 
ATOM 140 C C6    . DA A 1 7  ? 8.146   -7.799  -3.878  1.00 146.35 ? 7  DA A C6    1 
ATOM 141 N N6    . DA A 1 7  ? 7.215   -7.520  -2.956  1.00 141.65 ? 7  DA A N6    1 
ATOM 142 N N1    . DA A 1 7  ? 8.619   -9.059  -3.969  1.00 146.16 ? 7  DA A N1    1 
ATOM 143 C C2    . DA A 1 7  ? 9.553   -9.331  -4.893  1.00 149.15 ? 7  DA A C2    1 
ATOM 144 N N3    . DA A 1 7  ? 10.116  -8.514  -5.787  1.00 149.11 ? 7  DA A N3    1 
ATOM 145 C C4    . DA A 1 7  ? 9.627   -7.271  -5.670  1.00 147.79 ? 7  DA A C4    1 
ATOM 146 P P     . DC A 1 8  ? 12.324  -7.790  -11.647 1.00 176.64 ? 8  DC A P     1 
ATOM 147 O OP1   . DC A 1 8  ? 13.688  -7.996  -12.184 1.00 175.66 ? 8  DC A OP1   1 
ATOM 148 O OP2   . DC A 1 8  ? 11.249  -7.319  -12.550 1.00 171.06 ? 8  DC A OP2   1 
ATOM 149 O "O5'" . DC A 1 8  ? 11.842  -9.134  -10.933 1.00 160.28 ? 8  DC A "O5'" 1 
ATOM 150 C "C5'" . DC A 1 8  ? 10.986  -10.033 -11.604 1.00 154.96 ? 8  DC A "C5'" 1 
ATOM 151 C "C4'" . DC A 1 8  ? 10.677  -11.214 -10.711 1.00 155.98 ? 8  DC A "C4'" 1 
ATOM 152 O "O4'" . DC A 1 8  ? 10.214  -10.737 -9.418  1.00 158.25 ? 8  DC A "O4'" 1 
ATOM 153 C "C3'" . DC A 1 8  ? 9.591   -12.147 -11.227 1.00 158.22 ? 8  DC A "C3'" 1 
ATOM 154 O "O3'" . DC A 1 8  ? 9.933   -13.481 -10.915 1.00 156.93 ? 8  DC A "O3'" 1 
ATOM 155 C "C2'" . DC A 1 8  ? 8.353   -11.687 -10.460 1.00 152.84 ? 8  DC A "C2'" 1 
ATOM 156 C "C1'" . DC A 1 8  ? 8.961   -11.314 -9.120  1.00 151.93 ? 8  DC A "C1'" 1 
ATOM 157 N N1    . DC A 1 8  ? 8.149   -10.327 -8.348  1.00 149.59 ? 8  DC A N1    1 
ATOM 158 C C2    . DC A 1 8  ? 7.560   -10.712 -7.140  1.00 150.63 ? 8  DC A C2    1 
ATOM 159 O O2    . DC A 1 8  ? 7.720   -11.870 -6.736  1.00 153.02 ? 8  DC A O2    1 
ATOM 160 N N3    . DC A 1 8  ? 6.819   -9.805  -6.447  1.00 146.08 ? 8  DC A N3    1 
ATOM 161 C C4    . DC A 1 8  ? 6.672   -8.564  -6.921  1.00 143.57 ? 8  DC A C4    1 
ATOM 162 N N4    . DC A 1 8  ? 5.937   -7.704  -6.207  1.00 135.86 ? 8  DC A N4    1 
ATOM 163 C C5    . DC A 1 8  ? 7.270   -8.153  -8.148  1.00 148.35 ? 8  DC A C5    1 
ATOM 164 C C6    . DC A 1 8  ? 7.992   -9.058  -8.822  1.00 150.30 ? 8  DC A C6    1 
ATOM 165 P P     . DC A 1 9  ? 9.001   -14.690 -11.409 1.00 172.23 ? 9  DC A P     1 
ATOM 166 O OP1   . DC A 1 9  ? 9.817   -15.927 -11.367 1.00 176.33 ? 9  DC A OP1   1 
ATOM 167 O OP2   . DC A 1 9  ? 8.345   -14.271 -12.669 1.00 166.00 ? 9  DC A OP2   1 
ATOM 168 O "O5'" . DC A 1 9  ? 7.886   -14.792 -10.274 1.00 157.63 ? 9  DC A "O5'" 1 
ATOM 169 C "C5'" . DC A 1 9  ? 8.280   -14.877 -8.918  1.00 156.67 ? 9  DC A "C5'" 1 
ATOM 170 C "C4'" . DC A 1 9  ? 7.137   -15.374 -8.066  1.00 155.02 ? 9  DC A "C4'" 1 
ATOM 171 O "O4'" . DC A 1 9  ? 6.477   -14.254 -7.417  1.00 156.08 ? 9  DC A "O4'" 1 
ATOM 172 C "C3'" . DC A 1 9  ? 6.046   -16.115 -8.830  1.00 147.08 ? 9  DC A "C3'" 1 
ATOM 173 O "O3'" . DC A 1 9  ? 5.604   -17.214 -8.042  1.00 147.78 ? 9  DC A "O3'" 1 
ATOM 174 C "C2'" . DC A 1 9  ? 4.970   -15.040 -8.992  1.00 146.87 ? 9  DC A "C2'" 1 
ATOM 175 C "C1'" . DC A 1 9  ? 5.090   -14.327 -7.662  1.00 153.61 ? 9  DC A "C1'" 1 
ATOM 176 N N1    . DC A 1 9  ? 4.539   -12.941 -7.657  1.00 153.43 ? 9  DC A N1    1 
ATOM 177 C C2    . DC A 1 9  ? 3.548   -12.590 -6.729  1.00 141.05 ? 9  DC A C2    1 
ATOM 178 O O2    . DC A 1 9  ? 3.133   -13.445 -5.935  1.00 141.33 ? 9  DC A O2    1 
ATOM 179 N N3    . DC A 1 9  ? 3.072   -11.318 -6.727  1.00 130.76 ? 9  DC A N3    1 
ATOM 180 C C4    . DC A 1 9  ? 3.549   -10.428 -7.599  1.00 133.92 ? 9  DC A C4    1 
ATOM 181 N N4    . DC A 1 9  ? 3.051   -9.189  -7.564  1.00 128.72 ? 9  DC A N4    1 
ATOM 182 C C5    . DC A 1 9  ? 4.559   -10.769 -8.548  1.00 143.53 ? 9  DC A C5    1 
ATOM 183 C C6    . DC A 1 9  ? 5.020   -12.023 -8.542  1.00 148.69 ? 9  DC A C6    1 
ATOM 184 P P     . DT A 1 10 ? 4.111   -17.793 -8.171  1.00 161.71 ? 10 DT A P     1 
ATOM 185 O OP1   . DT A 1 10 ? 4.137   -19.137 -7.545  1.00 158.03 ? 10 DT A OP1   1 
ATOM 186 O OP2   . DT A 1 10 ? 3.630   -17.654 -9.563  1.00 161.59 ? 10 DT A OP2   1 
ATOM 187 O "O5'" . DT A 1 10 ? 3.238   -16.819 -7.250  1.00 155.65 ? 10 DT A "O5'" 1 
ATOM 188 C "C5'" . DT A 1 10 ? 2.959   -17.171 -5.906  1.00 157.20 ? 10 DT A "C5'" 1 
ATOM 189 C "C4'" . DT A 1 10 ? 1.530   -17.668 -5.762  1.00 158.81 ? 10 DT A "C4'" 1 
ATOM 190 O "O4'" . DT A 1 10 ? 0.635   -16.543 -5.576  1.00 158.22 ? 10 DT A "O4'" 1 
ATOM 191 C "C3'" . DT A 1 10 ? 0.991   -18.437 -6.958  1.00 150.30 ? 10 DT A "C3'" 1 
ATOM 192 O "O3'" . DT A 1 10 ? 0.097   -19.426 -6.524  1.00 151.65 ? 10 DT A "O3'" 1 
ATOM 193 C "C2'" . DT A 1 10 ? 0.285   -17.358 -7.776  1.00 149.65 ? 10 DT A "C2'" 1 
ATOM 194 C "C1'" . DT A 1 10 ? -0.218  -16.401 -6.695  1.00 150.96 ? 10 DT A "C1'" 1 
ATOM 195 N N1    . DT A 1 10 ? -0.200  -14.966 -7.109  1.00 142.08 ? 10 DT A N1    1 
ATOM 196 C C2    . DT A 1 10 ? -1.008  -14.077 -6.450  1.00 135.18 ? 10 DT A C2    1 
ATOM 197 O O2    . DT A 1 10 ? -1.747  -14.399 -5.540  1.00 138.50 ? 10 DT A O2    1 
ATOM 198 N N3    . DT A 1 10 ? -0.921  -12.783 -6.893  1.00 128.62 ? 10 DT A N3    1 
ATOM 199 C C4    . DT A 1 10 ? -0.119  -12.302 -7.907  1.00 129.16 ? 10 DT A C4    1 
ATOM 200 O O4    . DT A 1 10 ? -0.109  -11.119 -8.230  1.00 124.13 ? 10 DT A O4    1 
ATOM 201 C C5    . DT A 1 10 ? 0.709   -13.291 -8.559  1.00 136.15 ? 10 DT A C5    1 
ATOM 202 C C7    . DT A 1 10 ? 1.624   -12.890 -9.676  1.00 138.45 ? 10 DT A C7    1 
ATOM 203 C C6    . DT A 1 10 ? 0.629   -14.561 -8.133  1.00 139.11 ? 10 DT A C6    1 
ATOM 204 P P     . DG A 1 11 ? -0.136  -20.732 -7.426  1.00 168.38 ? 11 DG A P     1 
ATOM 205 O OP1   . DG A 1 11 ? 0.555   -21.873 -6.781  1.00 163.32 ? 11 DG A OP1   1 
ATOM 206 O OP2   . DG A 1 11 ? 0.198   -20.355 -8.819  1.00 158.78 ? 11 DG A OP2   1 
ATOM 207 O "O5'" . DG A 1 11 ? -1.710  -20.966 -7.336  1.00 158.00 ? 11 DG A "O5'" 1 
ATOM 208 C "C5'" . DG A 1 11 ? -2.371  -20.870 -6.082  1.00 150.43 ? 11 DG A "C5'" 1 
ATOM 209 C "C4'" . DG A 1 11 ? -3.810  -20.452 -6.287  1.00 148.00 ? 11 DG A "C4'" 1 
ATOM 210 O "O4'" . DG A 1 11 ? -3.860  -19.019 -6.471  1.00 143.08 ? 11 DG A "O4'" 1 
ATOM 211 C "C3'" . DG A 1 11 ? -4.471  -21.084 -7.512  1.00 149.34 ? 11 DG A "C3'" 1 
ATOM 212 O "O3'" . DG A 1 11 ? -5.580  -21.882 -7.121  1.00 148.29 ? 11 DG A "O3'" 1 
ATOM 213 C "C2'" . DG A 1 11 ? -4.898  -19.904 -8.393  1.00 149.90 ? 11 DG A "C2'" 1 
ATOM 214 C "C1'" . DG A 1 11 ? -4.773  -18.686 -7.481  1.00 139.56 ? 11 DG A "C1'" 1 
ATOM 215 N N9    . DG A 1 11 ? -4.259  -17.512 -8.183  1.00 144.93 ? 11 DG A N9    1 
ATOM 216 C C8    . DG A 1 11 ? -3.328  -17.504 -9.199  1.00 141.65 ? 11 DG A C8    1 
ATOM 217 N N7    . DG A 1 11 ? -3.055  -16.308 -9.646  1.00 135.83 ? 11 DG A N7    1 
ATOM 218 C C5    . DG A 1 11 ? -3.850  -15.467 -8.877  1.00 134.42 ? 11 DG A C5    1 
ATOM 219 C C6    . DG A 1 11 ? -3.977  -14.061 -8.906  1.00 128.43 ? 11 DG A C6    1 
ATOM 220 O O6    . DG A 1 11 ? -3.391  -13.253 -9.640  1.00 128.16 ? 11 DG A O6    1 
ATOM 221 N N1    . DG A 1 11 ? -4.893  -13.608 -7.961  1.00 128.83 ? 11 DG A N1    1 
ATOM 222 C C2    . DG A 1 11 ? -5.596  -14.414 -7.095  1.00 132.71 ? 11 DG A C2    1 
ATOM 223 N N2    . DG A 1 11 ? -6.434  -13.793 -6.252  1.00 141.95 ? 11 DG A N2    1 
ATOM 224 N N3    . DG A 1 11 ? -5.488  -15.736 -7.055  1.00 130.01 ? 11 DG A N3    1 
ATOM 225 C C4    . DG A 1 11 ? -4.598  -16.192 -7.970  1.00 138.78 ? 11 DG A C4    1 
ATOM 226 P P     . DA B 2 1  ? -24.732 -2.729  -8.226  1.00 132.45 ? 12 DA B P     1 
ATOM 227 O OP1   . DA B 2 1  ? -25.110 -3.799  -7.278  1.00 130.16 ? 12 DA B OP1   1 
ATOM 228 O OP2   . DA B 2 1  ? -25.653 -1.601  -8.495  1.00 131.69 ? 12 DA B OP2   1 
ATOM 229 O "O5'" . DA B 2 1  ? -23.323 -2.129  -7.778  1.00 125.05 ? 12 DA B "O5'" 1 
ATOM 230 C "C5'" . DA B 2 1  ? -22.900 -2.271  -6.442  1.00 122.83 ? 12 DA B "C5'" 1 
ATOM 231 C "C4'" . DA B 2 1  ? -23.767 -1.454  -5.509  1.00 131.23 ? 12 DA B "C4'" 1 
ATOM 232 O "O4'" . DA B 2 1  ? -23.654 -1.992  -4.176  1.00 130.17 ? 12 DA B "O4'" 1 
ATOM 233 C "C3'" . DA B 2 1  ? -23.336 -0.013  -5.359  1.00 133.59 ? 12 DA B "C3'" 1 
ATOM 234 O "O3'" . DA B 2 1  ? -24.382 0.764   -4.784  1.00 141.16 ? 12 DA B "O3'" 1 
ATOM 235 C "C2'" . DA B 2 1  ? -22.170 -0.158  -4.396  1.00 133.89 ? 12 DA B "C2'" 1 
ATOM 236 C "C1'" . DA B 2 1  ? -22.646 -1.291  -3.477  1.00 129.17 ? 12 DA B "C1'" 1 
ATOM 237 N N9    . DA B 2 1  ? -21.588 -2.235  -3.131  1.00 133.10 ? 12 DA B N9    1 
ATOM 238 C C8    . DA B 2 1  ? -20.784 -2.930  -4.000  1.00 127.66 ? 12 DA B C8    1 
ATOM 239 N N7    . DA B 2 1  ? -19.910 -3.707  -3.410  1.00 120.30 ? 12 DA B N7    1 
ATOM 240 C C5    . DA B 2 1  ? -20.155 -3.517  -2.060  1.00 126.49 ? 12 DA B C5    1 
ATOM 241 C C6    . DA B 2 1  ? -19.561 -4.061  -0.906  1.00 125.40 ? 12 DA B C6    1 
ATOM 242 N N6    . DA B 2 1  ? -18.562 -4.947  -0.938  1.00 123.58 ? 12 DA B N6    1 
ATOM 243 N N1    . DA B 2 1  ? -20.037 -3.654  0.291   1.00 129.97 ? 12 DA B N1    1 
ATOM 244 C C2    . DA B 2 1  ? -21.044 -2.768  0.323   1.00 132.93 ? 12 DA B C2    1 
ATOM 245 N N3    . DA B 2 1  ? -21.682 -2.185  -0.694  1.00 131.99 ? 12 DA B N3    1 
ATOM 246 C C4    . DA B 2 1  ? -21.183 -2.611  -1.871  1.00 133.50 ? 12 DA B C4    1 
ATOM 247 P P     . DC B 2 2  ? -24.236 2.363   -4.662  1.00 144.44 ? 13 DC B P     1 
ATOM 248 O OP1   . DC B 2 2  ? -25.557 2.908   -4.267  1.00 137.82 ? 13 DC B OP1   1 
ATOM 249 O OP2   . DC B 2 2  ? -23.585 2.848   -5.900  1.00 141.80 ? 13 DC B OP2   1 
ATOM 250 O "O5'" . DC B 2 2  ? -23.217 2.578   -3.442  1.00 125.47 ? 13 DC B "O5'" 1 
ATOM 251 C "C5'" . DC B 2 2  ? -23.715 2.998   -2.180  1.00 125.63 ? 13 DC B "C5'" 1 
ATOM 252 C "C4'" . DC B 2 2  ? -22.807 2.562   -1.039  1.00 131.81 ? 13 DC B "C4'" 1 
ATOM 253 O "O4'" . DC B 2 2  ? -21.997 1.433   -1.424  1.00 128.15 ? 13 DC B "O4'" 1 
ATOM 254 C "C3'" . DC B 2 2  ? -21.801 3.611   -0.566  1.00 133.85 ? 13 DC B "C3'" 1 
ATOM 255 O "O3'" . DC B 2 2  ? -22.278 4.257   0.607   1.00 132.34 ? 13 DC B "O3'" 1 
ATOM 256 C "C2'" . DC B 2 2  ? -20.514 2.807   -0.286  1.00 127.46 ? 13 DC B "C2'" 1 
ATOM 257 C "C1'" . DC B 2 2  ? -20.958 1.365   -0.486  1.00 120.38 ? 13 DC B "C1'" 1 
ATOM 258 N N1    . DC B 2 2  ? -19.877 0.459   -0.977  1.00 120.85 ? 13 DC B N1    1 
ATOM 259 C C2    . DC B 2 2  ? -19.073 -0.221  -0.059  1.00 124.74 ? 13 DC B C2    1 
ATOM 260 O O2    . DC B 2 2  ? -19.274 -0.060  1.154   1.00 121.75 ? 13 DC B O2    1 
ATOM 261 N N3    . DC B 2 2  ? -18.097 -1.045  -0.517  1.00 125.18 ? 13 DC B N3    1 
ATOM 262 C C4    . DC B 2 2  ? -17.913 -1.194  -1.833  1.00 124.65 ? 13 DC B C4    1 
ATOM 263 N N4    . DC B 2 2  ? -16.939 -2.015  -2.243  1.00 122.35 ? 13 DC B N4    1 
ATOM 264 C C5    . DC B 2 2  ? -18.720 -0.509  -2.784  1.00 125.66 ? 13 DC B C5    1 
ATOM 265 C C6    . DC B 2 2  ? -19.675 0.304   -2.315  1.00 127.48 ? 13 DC B C6    1 
ATOM 266 P P     . DG B 2 3  ? -21.539 5.578   1.150   1.00 141.80 ? 14 DG B P     1 
ATOM 267 O OP1   . DG B 2 3  ? -22.578 6.480   1.699   1.00 154.59 ? 14 DG B OP1   1 
ATOM 268 O OP2   . DG B 2 3  ? -20.633 6.053   0.079   1.00 128.54 ? 14 DG B OP2   1 
ATOM 269 O "O5'" . DG B 2 3  ? -20.633 5.049   2.354   1.00 121.58 ? 14 DG B "O5'" 1 
ATOM 270 C "C5'" . DG B 2 3  ? -21.248 4.570   3.537   1.00 123.19 ? 14 DG B "C5'" 1 
ATOM 271 C "C4'" . DG B 2 3  ? -20.207 4.216   4.582   1.00 125.79 ? 14 DG B "C4'" 1 
ATOM 272 O "O4'" . DG B 2 3  ? -19.422 3.087   4.122   1.00 135.76 ? 14 DG B "O4'" 1 
ATOM 273 C "C3'" . DG B 2 3  ? -19.212 5.322   4.899   1.00 124.30 ? 14 DG B "C3'" 1 
ATOM 274 O "O3'" . DG B 2 3  ? -18.895 5.301   6.272   1.00 133.36 ? 14 DG B "O3'" 1 
ATOM 275 C "C2'" . DG B 2 3  ? -18.003 4.958   4.048   1.00 128.01 ? 14 DG B "C2'" 1 
ATOM 276 C "C1'" . DG B 2 3  ? -18.058 3.437   4.042   1.00 125.19 ? 14 DG B "C1'" 1 
ATOM 277 N N9    . DG B 2 3  ? -17.508 2.860   2.819   1.00 120.24 ? 14 DG B N9    1 
ATOM 278 C C8    . DG B 2 3  ? -17.932 3.103   1.538   1.00 119.09 ? 14 DG B C8    1 
ATOM 279 N N7    . DG B 2 3  ? -17.253 2.458   0.630   1.00 123.00 ? 14 DG B N7    1 
ATOM 280 C C5    . DG B 2 3  ? -16.303 1.751   1.358   1.00 122.74 ? 14 DG B C5    1 
ATOM 281 C C6    . DG B 2 3  ? -15.280 0.874   0.914   1.00 114.57 ? 14 DG B C6    1 
ATOM 282 O O6    . DG B 2 3  ? -15.004 0.542   -0.248  1.00 109.13 ? 14 DG B O6    1 
ATOM 283 N N1    . DG B 2 3  ? -14.539 0.366   1.981   1.00 113.09 ? 14 DG B N1    1 
ATOM 284 C C2    . DG B 2 3  ? -14.758 0.664   3.306   1.00 115.34 ? 14 DG B C2    1 
ATOM 285 N N2    . DG B 2 3  ? -13.944 0.074   4.191   1.00 112.62 ? 14 DG B N2    1 
ATOM 286 N N3    . DG B 2 3  ? -15.714 1.481   3.736   1.00 123.57 ? 14 DG B N3    1 
ATOM 287 C C4    . DG B 2 3  ? -16.449 1.983   2.710   1.00 123.57 ? 14 DG B C4    1 
ATOM 288 P P     . DC B 2 4  ? -18.068 6.516   6.916   1.00 146.17 ? 15 DC B P     1 
ATOM 289 O OP1   . DC B 2 4  ? -18.688 6.826   8.225   1.00 153.74 ? 15 DC B OP1   1 
ATOM 290 O OP2   . DC B 2 4  ? -17.958 7.567   5.876   1.00 141.95 ? 15 DC B OP2   1 
ATOM 291 O "O5'" . DC B 2 4  ? -16.617 5.897   7.170   1.00 123.58 ? 15 DC B "O5'" 1 
ATOM 292 C "C5'" . DC B 2 4  ? -16.490 4.752   7.975   1.00 125.46 ? 15 DC B "C5'" 1 
ATOM 293 C "C4'" . DC B 2 4  ? -15.068 4.232   7.961   1.00 134.61 ? 15 DC B "C4'" 1 
ATOM 294 O "O4'" . DC B 2 4  ? -14.775 3.600   6.689   1.00 134.25 ? 15 DC B "O4'" 1 
ATOM 295 C "C3'" . DC B 2 4  ? -13.977 5.284   8.172   1.00 129.96 ? 15 DC B "C3'" 1 
ATOM 296 O "O3'" . DC B 2 4  ? -13.067 4.806   9.141   1.00 138.25 ? 15 DC B "O3'" 1 
ATOM 297 C "C2'" . DC B 2 4  ? -13.317 5.385   6.793   1.00 132.37 ? 15 DC B "C2'" 1 
ATOM 298 C "C1'" . DC B 2 4  ? -13.471 3.956   6.305   1.00 131.62 ? 15 DC B "C1'" 1 
ATOM 299 N N1    . DC B 2 4  ? -13.356 3.778   4.814   1.00 128.92 ? 15 DC B N1    1 
ATOM 300 C C2    . DC B 2 4  ? -12.308 3.005   4.278   1.00 121.21 ? 15 DC B C2    1 
ATOM 301 O O2    . DC B 2 4  ? -11.474 2.501   5.039   1.00 117.89 ? 15 DC B O2    1 
ATOM 302 N N3    . DC B 2 4  ? -12.240 2.844   2.927   1.00 109.84 ? 15 DC B N3    1 
ATOM 303 C C4    . DC B 2 4  ? -13.160 3.404   2.141   1.00 110.94 ? 15 DC B C4    1 
ATOM 304 N N4    . DC B 2 4  ? -13.056 3.221   0.824   1.00 110.78 ? 15 DC B N4    1 
ATOM 305 C C5    . DC B 2 4  ? -14.228 4.188   2.670   1.00 124.91 ? 15 DC B C5    1 
ATOM 306 C C6    . DC B 2 4  ? -14.292 4.338   3.999   1.00 127.37 ? 15 DC B C6    1 
ATOM 307 P P     . DC B 2 5  ? -12.103 5.820   9.924   1.00 160.85 ? 16 DC B P     1 
ATOM 308 O OP1   . DC B 2 5  ? -11.948 5.304   11.308  1.00 154.41 ? 16 DC B OP1   1 
ATOM 309 O OP2   . DC B 2 5  ? -12.620 7.186   9.682   1.00 150.70 ? 16 DC B OP2   1 
ATOM 310 O "O5'" . DC B 2 5  ? -10.707 5.680   9.161   1.00 144.21 ? 16 DC B "O5'" 1 
ATOM 311 C "C5'" . DC B 2 5  ? -10.168 4.387   8.908   1.00 144.26 ? 16 DC B "C5'" 1 
ATOM 312 C "C4'" . DC B 2 5  ? -8.798  4.488   8.266   1.00 139.65 ? 16 DC B "C4'" 1 
ATOM 313 O "O4'" . DC B 2 5  ? -8.907  4.279   6.830   1.00 137.99 ? 16 DC B "O4'" 1 
ATOM 314 C "C3'" . DC B 2 5  ? -8.106  5.836   8.422   1.00 136.69 ? 16 DC B "C3'" 1 
ATOM 315 O "O3'" . DC B 2 5  ? -6.703  5.630   8.441   1.00 135.27 ? 16 DC B "O3'" 1 
ATOM 316 C "C2'" . DC B 2 5  ? -8.533  6.547   7.146   1.00 131.08 ? 16 DC B "C2'" 1 
ATOM 317 C "C1'" . DC B 2 5  ? -8.378  5.405   6.162   1.00 127.26 ? 16 DC B "C1'" 1 
ATOM 318 N N1    . DC B 2 5  ? -9.112  5.585   4.899   1.00 121.01 ? 16 DC B N1    1 
ATOM 319 C C2    . DC B 2 5  ? -8.622  5.008   3.728   1.00 121.56 ? 16 DC B C2    1 
ATOM 320 O O2    . DC B 2 5  ? -7.568  4.356   3.778   1.00 124.51 ? 16 DC B O2    1 
ATOM 321 N N3    . DC B 2 5  ? -9.307  5.176   2.570   1.00 123.49 ? 16 DC B N3    1 
ATOM 322 C C4    . DC B 2 5  ? -10.441 5.885   2.567   1.00 124.50 ? 16 DC B C4    1 
ATOM 323 N N4    . DC B 2 5  ? -11.088 6.028   1.403   1.00 125.20 ? 16 DC B N4    1 
ATOM 324 C C5    . DC B 2 5  ? -10.954 6.487   3.750   1.00 129.85 ? 16 DC B C5    1 
ATOM 325 C C6    . DC B 2 5  ? -10.266 6.311   4.885   1.00 130.23 ? 16 DC B C6    1 
ATOM 326 P P     . DA B 2 6  ? -5.811  6.219   9.638   1.00 132.55 ? 17 DA B P     1 
ATOM 327 O OP1   . DA B 2 6  ? -6.166  5.473   10.869  1.00 136.14 ? 17 DA B OP1   1 
ATOM 328 O OP2   . DA B 2 6  ? -5.927  7.694   9.572   1.00 130.35 ? 17 DA B OP2   1 
ATOM 329 O "O5'" . DA B 2 6  ? -4.314  5.834   9.226   1.00 130.69 ? 17 DA B "O5'" 1 
ATOM 330 C "C5'" . DA B 2 6  ? -3.902  4.468   9.201   1.00 126.49 ? 17 DA B "C5'" 1 
ATOM 331 C "C4'" . DA B 2 6  ? -3.031  4.179   7.986   1.00 124.06 ? 17 DA B "C4'" 1 
ATOM 332 O "O4'" . DA B 2 6  ? -3.771  4.456   6.772   1.00 120.39 ? 17 DA B "O4'" 1 
ATOM 333 C "C3'" . DA B 2 6  ? -1.757  5.006   7.872   1.00 128.94 ? 17 DA B "C3'" 1 
ATOM 334 O "O3'" . DA B 2 6  ? -0.774  4.255   7.160   1.00 136.03 ? 17 DA B "O3'" 1 
ATOM 335 C "C2'" . DA B 2 6  ? -2.227  6.213   7.068   1.00 121.02 ? 17 DA B "C2'" 1 
ATOM 336 C "C1'" . DA B 2 6  ? -3.210  5.568   6.099   1.00 120.19 ? 17 DA B "C1'" 1 
ATOM 337 N N9    . DA B 2 6  ? -4.307  6.436   5.723   1.00 125.51 ? 17 DA B N9    1 
ATOM 338 C C8    . DA B 2 6  ? -5.089  7.173   6.563   1.00 122.24 ? 17 DA B C8    1 
ATOM 339 N N7    . DA B 2 6  ? -6.027  7.851   5.955   1.00 121.56 ? 17 DA B N7    1 
ATOM 340 C C5    . DA B 2 6  ? -5.860  7.524   4.620   1.00 127.46 ? 17 DA B C5    1 
ATOM 341 C C6    . DA B 2 6  ? -6.549  7.919   3.460   1.00 132.20 ? 17 DA B C6    1 
ATOM 342 N N6    . DA B 2 6  ? -7.585  8.763   3.472   1.00 133.34 ? 17 DA B N6    1 
ATOM 343 N N1    . DA B 2 6  ? -6.125  7.416   2.279   1.00 126.44 ? 17 DA B N1    1 
ATOM 344 C C2    . DA B 2 6  ? -5.086  6.573   2.276   1.00 125.42 ? 17 DA B C2    1 
ATOM 345 N N3    . DA B 2 6  ? -4.360  6.131   3.306   1.00 124.98 ? 17 DA B N3    1 
ATOM 346 C C4    . DA B 2 6  ? -4.811  6.647   4.463   1.00 125.25 ? 17 DA B C4    1 
ATOM 347 P P     . DC B 2 7  ? 0.794   4.534   7.380   1.00 138.13 ? 18 DC B P     1 
ATOM 348 O OP1   . DC B 2 7  ? 1.438   3.269   7.807   1.00 136.27 ? 18 DC B OP1   1 
ATOM 349 O OP2   . DC B 2 7  ? 0.900   5.734   8.240   1.00 142.59 ? 18 DC B OP2   1 
ATOM 350 O "O5'" . DC B 2 7  ? 1.324   4.895   5.913   1.00 122.06 ? 18 DC B "O5'" 1 
ATOM 351 C "C5'" . DC B 2 7  ? 0.642   5.863   5.140   1.00 119.85 ? 18 DC B "C5'" 1 
ATOM 352 C "C4'" . DC B 2 7  ? 0.843   5.620   3.662   1.00 127.29 ? 18 DC B "C4'" 1 
ATOM 353 O "O4'" . DC B 2 7  ? -0.402  5.889   2.970   1.00 129.50 ? 18 DC B "O4'" 1 
ATOM 354 C "C3'" . DC B 2 7  ? 1.864   6.530   3.004   1.00 131.92 ? 18 DC B "C3'" 1 
ATOM 355 O "O3'" . DC B 2 7  ? 2.362   5.923   1.822   1.00 139.20 ? 18 DC B "O3'" 1 
ATOM 356 C "C2'" . DC B 2 7  ? 1.013   7.749   2.685   1.00 133.97 ? 18 DC B "C2'" 1 
ATOM 357 C "C1'" . DC B 2 7  ? -0.294  7.102   2.252   1.00 128.55 ? 18 DC B "C1'" 1 
ATOM 358 N N1    . DC B 2 7  ? -1.468  7.940   2.557   1.00 130.03 ? 18 DC B N1    1 
ATOM 359 C C2    . DC B 2 7  ? -2.267  8.395   1.516   1.00 131.49 ? 18 DC B C2    1 
ATOM 360 O O2    . DC B 2 7  ? -1.983  8.066   0.357   1.00 130.95 ? 18 DC B O2    1 
ATOM 361 N N3    . DC B 2 7  ? -3.339  9.176   1.800   1.00 131.48 ? 18 DC B N3    1 
ATOM 362 C C4    . DC B 2 7  ? -3.605  9.504   3.069   1.00 128.88 ? 18 DC B C4    1 
ATOM 363 N N4    . DC B 2 7  ? -4.668  10.278  3.302   1.00 130.91 ? 18 DC B N4    1 
ATOM 364 C C5    . DC B 2 7  ? -2.789  9.060   4.149   1.00 125.28 ? 18 DC B C5    1 
ATOM 365 C C6    . DC B 2 7  ? -1.741  8.286   3.851   1.00 129.14 ? 18 DC B C6    1 
ATOM 366 P P     . DT B 2 8  ? 3.470   6.657   0.913   1.00 156.75 ? 19 DT B P     1 
ATOM 367 O OP1   . DT B 2 8  ? 4.711   5.857   1.026   1.00 144.59 ? 19 DT B OP1   1 
ATOM 368 O OP2   . DT B 2 8  ? 3.532   8.113   1.186   1.00 141.40 ? 19 DT B OP2   1 
ATOM 369 O "O5'" . DT B 2 8  ? 2.872   6.518   -0.558  1.00 149.04 ? 19 DT B "O5'" 1 
ATOM 370 C "C5'" . DT B 2 8  ? 1.491   6.779   -0.783  1.00 141.61 ? 19 DT B "C5'" 1 
ATOM 371 C "C4'" . DT B 2 8  ? 1.306   7.552   -2.067  1.00 140.03 ? 19 DT B "C4'" 1 
ATOM 372 O "O4'" . DT B 2 8  ? 0.153   8.424   -1.941  1.00 132.31 ? 19 DT B "O4'" 1 
ATOM 373 C "C3'" . DT B 2 8  ? 2.454   8.484   -2.397  1.00 145.66 ? 19 DT B "C3'" 1 
ATOM 374 O "O3'" . DT B 2 8  ? 2.439   8.779   -3.785  1.00 152.93 ? 19 DT B "O3'" 1 
ATOM 375 C "C2'" . DT B 2 8  ? 2.071   9.698   -1.578  1.00 143.60 ? 19 DT B "C2'" 1 
ATOM 376 C "C1'" . DT B 2 8  ? 0.593   9.766   -1.913  1.00 138.36 ? 19 DT B "C1'" 1 
ATOM 377 N N1    . DT B 2 8  ? -0.219  10.507  -0.923  1.00 140.47 ? 19 DT B N1    1 
ATOM 378 C C2    . DT B 2 8  ? -1.392  11.088  -1.336  1.00 143.68 ? 19 DT B C2    1 
ATOM 379 O O2    . DT B 2 8  ? -1.799  11.021  -2.484  1.00 146.28 ? 19 DT B O2    1 
ATOM 380 N N3    . DT B 2 8  ? -2.077  11.751  -0.353  1.00 141.86 ? 19 DT B N3    1 
ATOM 381 C C4    . DT B 2 8  ? -1.709  11.891  0.972   1.00 139.07 ? 19 DT B C4    1 
ATOM 382 O O4    . DT B 2 8  ? -2.392  12.507  1.783   1.00 141.61 ? 19 DT B O4    1 
ATOM 383 C C5    . DT B 2 8  ? -0.466  11.259  1.339   1.00 135.67 ? 19 DT B C5    1 
ATOM 384 C C7    . DT B 2 8  ? 0.032   11.343  2.750   1.00 133.22 ? 19 DT B C7    1 
ATOM 385 C C6    . DT B 2 8  ? 0.213   10.603  0.384   1.00 136.19 ? 19 DT B C6    1 
ATOM 386 P P     . DC B 2 9  ? 3.661   8.317   -4.720  1.00 162.19 ? 20 DC B P     1 
ATOM 387 O OP1   . DC B 2 9  ? 3.083   7.624   -5.895  1.00 154.15 ? 20 DC B OP1   1 
ATOM 388 O OP2   . DC B 2 9  ? 4.641   7.613   -3.855  1.00 148.75 ? 20 DC B OP2   1 
ATOM 389 O "O5'" . DC B 2 9  ? 4.321   9.696   -5.198  1.00 159.40 ? 20 DC B "O5'" 1 
ATOM 390 C "C5'" . DC B 2 9  ? 4.239   10.099  -6.561  1.00 160.15 ? 20 DC B "C5'" 1 
ATOM 391 C "C4'" . DC B 2 9  ? 2.965   10.886  -6.825  1.00 157.60 ? 20 DC B "C4'" 1 
ATOM 392 O "O4'" . DC B 2 9  ? 2.252   11.125  -5.580  1.00 151.02 ? 20 DC B "O4'" 1 
ATOM 393 C "C3'" . DC B 2 9  ? 3.178   12.262  -7.462  1.00 157.46 ? 20 DC B "C3'" 1 
ATOM 394 O "O3'" . DC B 2 9  ? 2.276   12.436  -8.540  1.00 157.42 ? 20 DC B "O3'" 1 
ATOM 395 C "C2'" . DC B 2 9  ? 2.872   13.230  -6.318  1.00 160.35 ? 20 DC B "C2'" 1 
ATOM 396 C "C1'" . DC B 2 9  ? 1.803   12.460  -5.569  1.00 156.28 ? 20 DC B "C1'" 1 
ATOM 397 N N1    . DC B 2 9  ? 1.605   12.894  -4.142  1.00 153.31 ? 20 DC B N1    1 
ATOM 398 C C2    . DC B 2 9  ? 0.418   13.545  -3.774  1.00 152.94 ? 20 DC B C2    1 
ATOM 399 O O2    . DC B 2 9  ? -0.443  13.768  -4.634  1.00 152.90 ? 20 DC B O2    1 
ATOM 400 N N3    . DC B 2 9  ? 0.249   13.920  -2.478  1.00 152.95 ? 20 DC B N3    1 
ATOM 401 C C4    . DC B 2 9  ? 1.202   13.662  -1.578  1.00 149.07 ? 20 DC B C4    1 
ATOM 402 N N4    . DC B 2 9  ? 0.991   14.049  -0.315  1.00 147.18 ? 20 DC B N4    1 
ATOM 403 C C5    . DC B 2 9  ? 2.413   13.000  -1.935  1.00 145.35 ? 20 DC B C5    1 
ATOM 404 C C6    . DC B 2 9  ? 2.569   12.635  -3.214  1.00 148.83 ? 20 DC B C6    1 
ATOM 405 P P     . DA B 2 10 ? 2.498   13.631  -9.588  1.00 167.57 ? 21 DA B P     1 
ATOM 406 O OP1   . DA B 2 10 ? 2.007   13.175  -10.909 1.00 164.48 ? 21 DA B OP1   1 
ATOM 407 O OP2   . DA B 2 10 ? 3.895   14.097  -9.430  1.00 167.47 ? 21 DA B OP2   1 
ATOM 408 O "O5'" . DA B 2 10 ? 1.534   14.790  -9.061  1.00 162.73 ? 21 DA B "O5'" 1 
ATOM 409 C "C5'" . DA B 2 10 ? 0.169   14.817  -9.454  1.00 160.08 ? 21 DA B "C5'" 1 
ATOM 410 C "C4'" . DA B 2 10 ? -0.482  16.122  -9.037  1.00 160.49 ? 21 DA B "C4'" 1 
ATOM 411 O "O4'" . DA B 2 10 ? -0.405  16.257  -7.594  1.00 163.31 ? 21 DA B "O4'" 1 
ATOM 412 C "C3'" . DA B 2 10 ? 0.168   17.378  -9.610  1.00 163.82 ? 21 DA B "C3'" 1 
ATOM 413 O "O3'" . DA B 2 10 ? -0.822  18.367  -9.857  1.00 172.05 ? 21 DA B "O3'" 1 
ATOM 414 C "C2'" . DA B 2 10 ? 1.115   17.806  -8.496  1.00 162.07 ? 21 DA B "C2'" 1 
ATOM 415 C "C1'" . DA B 2 10 ? 0.322   17.420  -7.256  1.00 161.49 ? 21 DA B "C1'" 1 
ATOM 416 N N9    . DA B 2 10 ? 1.165   17.118  -6.103  1.00 162.43 ? 21 DA B N9    1 
ATOM 417 C C8    . DA B 2 10 ? 2.394   16.517  -6.113  1.00 161.61 ? 21 DA B C8    1 
ATOM 418 N N7    . DA B 2 10 ? 2.925   16.375  -4.921  1.00 159.86 ? 21 DA B N7    1 
ATOM 419 C C5    . DA B 2 10 ? 1.980   16.923  -4.070  1.00 158.77 ? 21 DA B C5    1 
ATOM 420 C C6    . DA B 2 10 ? 1.939   17.080  -2.670  1.00 159.78 ? 21 DA B C6    1 
ATOM 421 N N6    . DA B 2 10 ? 2.921   16.678  -1.856  1.00 159.72 ? 21 DA B N6    1 
ATOM 422 N N1    . DA B 2 10 ? 0.851   17.670  -2.139  1.00 161.31 ? 21 DA B N1    1 
ATOM 423 C C2    . DA B 2 10 ? -0.128  18.075  -2.957  1.00 163.60 ? 21 DA B C2    1 
ATOM 424 N N3    . DA B 2 10 ? -0.208  17.977  -4.284  1.00 162.27 ? 21 DA B N3    1 
ATOM 425 C C4    . DA B 2 10 ? 0.889   17.387  -4.783  1.00 160.92 ? 21 DA B C4    1 
ATOM 426 P P     . DC C 3 1  ? -9.162  -3.019  -11.123 1.00 125.77 ? 1  DC C P     1 
ATOM 427 O OP1   . DC C 3 1  ? -9.669  -3.151  -12.510 1.00 133.70 ? 1  DC C OP1   1 
ATOM 428 O OP2   . DC C 3 1  ? -8.134  -2.003  -10.802 1.00 108.67 ? 1  DC C OP2   1 
ATOM 429 O "O5'" . DC C 3 1  ? -8.685  -4.453  -10.583 1.00 104.75 ? 1  DC C "O5'" 1 
ATOM 430 C "C5'" . DC C 3 1  ? -7.989  -4.546  -9.355  1.00 104.89 ? 1  DC C "C5'" 1 
ATOM 431 C "C4'" . DC C 3 1  ? -8.550  -5.661  -8.494  1.00 101.02 ? 1  DC C "C4'" 1 
ATOM 432 O "O4'" . DC C 3 1  ? -8.015  -6.939  -8.937  1.00 114.99 ? 1  DC C "O4'" 1 
ATOM 433 C "C3'" . DC C 3 1  ? -8.189  -5.545  -7.022  1.00 110.83 ? 1  DC C "C3'" 1 
ATOM 434 O "O3'" . DC C 3 1  ? -9.297  -5.898  -6.212  1.00 107.19 ? 1  DC C "O3'" 1 
ATOM 435 C "C2'" . DC C 3 1  ? -7.023  -6.521  -6.861  1.00 114.09 ? 1  DC C "C2'" 1 
ATOM 436 C "C1'" . DC C 3 1  ? -7.383  -7.602  -7.856  1.00 114.39 ? 1  DC C "C1'" 1 
ATOM 437 N N1    . DC C 3 1  ? -6.201  -8.361  -8.391  1.00 120.08 ? 1  DC C N1    1 
ATOM 438 C C2    . DC C 3 1  ? -6.089  -9.738  -8.134  1.00 128.31 ? 1  DC C C2    1 
ATOM 439 O O2    . DC C 3 1  ? -6.956  -10.301 -7.459  1.00 139.04 ? 1  DC C O2    1 
ATOM 440 N N3    . DC C 3 1  ? -5.024  -10.414 -8.636  1.00 125.07 ? 1  DC C N3    1 
ATOM 441 C C4    . DC C 3 1  ? -4.110  -9.772  -9.361  1.00 122.56 ? 1  DC C C4    1 
ATOM 442 N N4    . DC C 3 1  ? -3.083  -10.485 -9.833  1.00 122.16 ? 1  DC C N4    1 
ATOM 443 C C5    . DC C 3 1  ? -4.209  -8.371  -9.637  1.00 118.64 ? 1  DC C C5    1 
ATOM 444 C C6    . DC C 3 1  ? -5.260  -7.713  -9.138  1.00 113.61 ? 1  DC C C6    1 
ATOM 445 P P     . DA C 3 2  ? -9.707  -4.936  -4.994  1.00 99.41  ? 2  DA C P     1 
ATOM 446 O OP1   . DA C 3 2  ? -11.185 -4.885  -4.954  1.00 92.77  ? 2  DA C OP1   1 
ATOM 447 O OP2   . DA C 3 2  ? -8.899  -3.696  -5.124  1.00 90.31  ? 2  DA C OP2   1 
ATOM 448 O "O5'" . DA C 3 2  ? -9.192  -5.706  -3.694  1.00 83.26  ? 2  DA C "O5'" 1 
ATOM 449 C "C5'" . DA C 3 2  ? -9.712  -6.995  -3.395  1.00 107.35 ? 2  DA C "C5'" 1 
ATOM 450 C "C4'" . DA C 3 2  ? -8.695  -7.815  -2.626  1.00 112.56 ? 2  DA C "C4'" 1 
ATOM 451 O "O4'" . DA C 3 2  ? -7.765  -8.432  -3.544  1.00 115.18 ? 2  DA C "O4'" 1 
ATOM 452 C "C3'" . DA C 3 2  ? -7.834  -7.008  -1.691  1.00 98.33  ? 2  DA C "C3'" 1 
ATOM 453 O "O3'" . DA C 3 2  ? -8.481  -6.875  -0.444  1.00 94.19  ? 2  DA C "O3'" 1 
ATOM 454 C "C2'" . DA C 3 2  ? -6.569  -7.848  -1.585  1.00 104.62 ? 2  DA C "C2'" 1 
ATOM 455 C "C1'" . DA C 3 2  ? -6.485  -8.513  -2.953  1.00 100.58 ? 2  DA C "C1'" 1 
ATOM 456 N N9    . DA C 3 2  ? -5.547  -7.852  -3.831  1.00 103.97 ? 2  DA C N9    1 
ATOM 457 C C8    . DA C 3 2  ? -5.453  -6.513  -4.059  1.00 105.87 ? 2  DA C C8    1 
ATOM 458 N N7    . DA C 3 2  ? -4.503  -6.189  -4.902  1.00 121.08 ? 2  DA C N7    1 
ATOM 459 C C5    . DA C 3 2  ? -3.934  -7.405  -5.246  1.00 115.60 ? 2  DA C C5    1 
ATOM 460 C C6    . DA C 3 2  ? -2.878  -7.742  -6.114  1.00 105.60 ? 2  DA C C6    1 
ATOM 461 N N6    . DA C 3 2  ? -2.184  -6.840  -6.815  1.00 98.47  ? 2  DA C N6    1 
ATOM 462 N N1    . DA C 3 2  ? -2.567  -9.047  -6.237  1.00 111.36 ? 2  DA C N1    1 
ATOM 463 C C2    . DA C 3 2  ? -3.271  -9.945  -5.534  1.00 115.63 ? 2  DA C C2    1 
ATOM 464 N N3    . DA C 3 2  ? -4.279  -9.745  -4.686  1.00 111.34 ? 2  DA C N3    1 
ATOM 465 C C4    . DA C 3 2  ? -4.566  -8.440  -4.591  1.00 111.13 ? 2  DA C C4    1 
ATOM 466 P P     . DC C 3 3  ? -8.952  -8.151  0.416   1.00 101.37 ? 3  DC C P     1 
ATOM 467 O OP1   . DC C 3 3  ? -8.046  -9.322  0.354   1.00 107.93 ? 3  DC C OP1   1 
ATOM 468 O OP2   . DC C 3 3  ? -10.380 -8.361  0.060   1.00 70.66  ? 3  DC C OP2   1 
ATOM 469 O "O5'" . DC C 3 3  ? -8.777  -7.602  1.901   1.00 113.84 ? 3  DC C "O5'" 1 
ATOM 470 C "C5'" . DC C 3 3  ? -7.700  -6.690  2.173   1.00 105.25 ? 3  DC C "C5'" 1 
ATOM 471 C "C4'" . DC C 3 3  ? -8.206  -5.433  2.868   1.00 106.22 ? 3  DC C "C4'" 1 
ATOM 472 O "O4'" . DC C 3 3  ? -8.672  -4.466  1.911   1.00 96.79  ? 3  DC C "O4'" 1 
ATOM 473 C "C3'" . DC C 3 3  ? -9.417  -5.625  3.753   1.00 106.35 ? 3  DC C "C3'" 1 
ATOM 474 O "O3'" . DC C 3 3  ? -9.046  -6.179  4.988   1.00 106.18 ? 3  DC C "O3'" 1 
ATOM 475 C "C2'" . DC C 3 3  ? -9.935  -4.195  3.909   1.00 101.49 ? 3  DC C "C2'" 1 
ATOM 476 C "C1'" . DC C 3 3  ? -9.409  -3.498  2.640   1.00 105.14 ? 3  DC C "C1'" 1 
ATOM 477 N N1    . DC C 3 3  ? -10.462 -2.924  1.753   1.00 105.77 ? 3  DC C N1    1 
ATOM 478 C C2    . DC C 3 3  ? -11.412 -2.026  2.274   1.00 103.66 ? 3  DC C C2    1 
ATOM 479 O O2    . DC C 3 3  ? -11.386 -1.725  3.473   1.00 101.36 ? 3  DC C O2    1 
ATOM 480 N N3    . DC C 3 3  ? -12.340 -1.514  1.434   1.00 100.66 ? 3  DC C N3    1 
ATOM 481 C C4    . DC C 3 3  ? -12.341 -1.850  0.148   1.00 107.59 ? 3  DC C C4    1 
ATOM 482 N N4    . DC C 3 3  ? -13.278 -1.316  -0.636  1.00 124.22 ? 3  DC C N4    1 
ATOM 483 C C5    . DC C 3 3  ? -11.385 -2.753  -0.395  1.00 107.75 ? 3  DC C C5    1 
ATOM 484 C C6    . DC C 3 3  ? -10.473 -3.260  0.437   1.00 106.30 ? 3  DC C C6    1 
ATOM 485 P P     . DG C 3 4  ? -10.025 -7.243  5.674   1.00 104.84 ? 4  DG C P     1 
ATOM 486 O OP1   . DG C 3 4  ? -9.205  -8.411  6.099   1.00 114.82 ? 4  DG C OP1   1 
ATOM 487 O OP2   . DG C 3 4  ? -11.153 -7.422  4.723   1.00 88.41  ? 4  DG C OP2   1 
ATOM 488 O "O5'" . DG C 3 4  ? -10.576 -6.463  6.958   1.00 114.02 ? 4  DG C "O5'" 1 
ATOM 489 C "C5'" . DG C 3 4  ? -11.912 -6.638  7.372   1.00 107.98 ? 4  DG C "C5'" 1 
ATOM 490 C "C4'" . DG C 3 4  ? -12.706 -5.372  7.125   1.00 101.11 ? 4  DG C "C4'" 1 
ATOM 491 O "O4'" . DG C 3 4  ? -12.524 -4.949  5.772   1.00 94.63  ? 4  DG C "O4'" 1 
ATOM 492 C "C3'" . DG C 3 4  ? -14.203 -5.527  7.285   1.00 118.05 ? 4  DG C "C3'" 1 
ATOM 493 O "O3'" . DG C 3 4  ? -14.570 -5.136  8.586   1.00 135.68 ? 4  DG C "O3'" 1 
ATOM 494 C "C2'" . DG C 3 4  ? -14.807 -4.592  6.222   1.00 108.50 ? 4  DG C "C2'" 1 
ATOM 495 C "C1'" . DG C 3 4  ? -13.605 -4.142  5.398   1.00 96.30  ? 4  DG C "C1'" 1 
ATOM 496 N N9    . DG C 3 4  ? -13.797 -4.259  3.958   1.00 112.89 ? 4  DG C N9    1 
ATOM 497 C C8    . DG C 3 4  ? -13.025 -4.990  3.072   1.00 111.04 ? 4  DG C C8    1 
ATOM 498 N N7    . DG C 3 4  ? -13.423 -4.890  1.835   1.00 109.83 ? 4  DG C N7    1 
ATOM 499 C C5    . DG C 3 4  ? -14.523 -4.050  1.889   1.00 114.74 ? 4  DG C C5    1 
ATOM 500 C C6    . DG C 3 4  ? -15.378 -3.580  0.871   1.00 109.89 ? 4  DG C C6    1 
ATOM 501 O O6    . DG C 3 4  ? -15.321 -3.832  -0.346  1.00 113.19 ? 4  DG C O6    1 
ATOM 502 N N1    . DG C 3 4  ? -16.375 -2.749  1.355   1.00 116.25 ? 4  DG C N1    1 
ATOM 503 C C2    . DG C 3 4  ? -16.533 -2.414  2.681   1.00 120.28 ? 4  DG C C2    1 
ATOM 504 N N2    . DG C 3 4  ? -17.568 -1.596  2.965   1.00 125.68 ? 4  DG C N2    1 
ATOM 505 N N3    . DG C 3 4  ? -15.746 -2.839  3.662   1.00 105.91 ? 4  DG C N3    1 
ATOM 506 C C4    . DG C 3 4  ? -14.767 -3.652  3.193   1.00 115.15 ? 4  DG C C4    1 
ATOM 507 P P     . DT C 3 5  ? -15.586 -6.040  9.433   1.00 153.24 ? 5  DT C P     1 
ATOM 508 O OP1   . DT C 3 5  ? -15.336 -5.751  10.867  1.00 139.05 ? 5  DT C OP1   1 
ATOM 509 O OP2   . DT C 3 5  ? -15.478 -7.432  8.924   1.00 130.26 ? 5  DT C OP2   1 
ATOM 510 O "O5'" . DT C 3 5  ? -17.025 -5.472  9.019   1.00 135.83 ? 5  DT C "O5'" 1 
ATOM 511 C "C5'" . DT C 3 5  ? -17.333 -4.097  9.219   1.00 118.98 ? 5  DT C "C5'" 1 
ATOM 512 C "C4'" . DT C 3 5  ? -18.694 -3.787  8.645   1.00 106.31 ? 5  DT C "C4'" 1 
ATOM 513 O "O4'" . DT C 3 5  ? -18.547 -3.491  7.250   1.00 109.14 ? 5  DT C "O4'" 1 
ATOM 514 C "C3'" . DT C 3 5  ? -19.674 -4.949  8.728   1.00 120.37 ? 5  DT C "C3'" 1 
ATOM 515 O "O3'" . DT C 3 5  ? -20.589 -4.741  9.795   1.00 116.86 ? 5  DT C "O3'" 1 
ATOM 516 C "C2'" . DT C 3 5  ? -20.389 -4.971  7.369   1.00 120.46 ? 5  DT C "C2'" 1 
ATOM 517 C "C1'" . DT C 3 5  ? -19.706 -3.870  6.557   1.00 113.57 ? 5  DT C "C1'" 1 
ATOM 518 N N1    . DT C 3 5  ? -19.301 -4.305  5.199   1.00 114.06 ? 5  DT C N1    1 
ATOM 519 C C2    . DT C 3 5  ? -19.981 -3.836  4.102   1.00 116.66 ? 5  DT C C2    1 
ATOM 520 O O2    . DT C 3 5  ? -20.930 -3.076  4.184   1.00 116.23 ? 5  DT C O2    1 
ATOM 521 N N3    . DT C 3 5  ? -19.517 -4.290  2.896   1.00 124.11 ? 5  DT C N3    1 
ATOM 522 C C4    . DT C 3 5  ? -18.448 -5.157  2.683   1.00 123.26 ? 5  DT C C4    1 
ATOM 523 O O4    . DT C 3 5  ? -18.103 -5.512  1.559   1.00 119.71 ? 5  DT C O4    1 
ATOM 524 C C5    . DT C 3 5  ? -17.775 -5.608  3.878   1.00 117.45 ? 5  DT C C5    1 
ATOM 525 C C7    . DT C 3 5  ? -16.610 -6.550  3.775   1.00 110.18 ? 5  DT C C7    1 
ATOM 526 C C6    . DT C 3 5  ? -18.225 -5.166  5.062   1.00 119.29 ? 5  DT C C6    1 
ATOM 527 O "O5'" . DT D 4 1  ? 9.419   20.406  5.412   1.00 160.90 ? 1  DT D "O5'" 1 
ATOM 528 C "C5'" . DT D 4 1  ? 9.459   21.552  6.253   1.00 159.16 ? 1  DT D "C5'" 1 
ATOM 529 C "C4'" . DT D 4 1  ? 8.215   22.398  6.062   1.00 166.10 ? 1  DT D "C4'" 1 
ATOM 530 O "O4'" . DT D 4 1  ? 8.070   22.735  4.657   1.00 160.35 ? 1  DT D "O4'" 1 
ATOM 531 C "C3'" . DT D 4 1  ? 6.909   21.718  6.473   1.00 170.01 ? 1  DT D "C3'" 1 
ATOM 532 O "O3'" . DT D 4 1  ? 6.078   22.643  7.157   1.00 176.93 ? 1  DT D "O3'" 1 
ATOM 533 C "C2'" . DT D 4 1  ? 6.300   21.299  5.136   1.00 165.74 ? 1  DT D "C2'" 1 
ATOM 534 C "C1'" . DT D 4 1  ? 6.761   22.430  4.238   1.00 161.66 ? 1  DT D "C1'" 1 
ATOM 535 N N1    . DT D 4 1  ? 6.796   22.081  2.792   1.00 163.58 ? 1  DT D N1    1 
ATOM 536 C C2    . DT D 4 1  ? 5.870   22.641  1.946   1.00 166.84 ? 1  DT D C2    1 
ATOM 537 O O2    . DT D 4 1  ? 4.998   23.405  2.327   1.00 168.18 ? 1  DT D O2    1 
ATOM 538 N N3    . DT D 4 1  ? 5.988   22.266  0.633   1.00 167.83 ? 1  DT D N3    1 
ATOM 539 C C4    . DT D 4 1  ? 6.929   21.405  0.091   1.00 166.84 ? 1  DT D C4    1 
ATOM 540 O O4    . DT D 4 1  ? 6.955   21.127  -1.104  1.00 162.53 ? 1  DT D O4    1 
ATOM 541 C C5    . DT D 4 1  ? 7.879   20.858  1.034   1.00 164.80 ? 1  DT D C5    1 
ATOM 542 C C7    . DT D 4 1  ? 8.945   19.914  0.565   1.00 162.20 ? 1  DT D C7    1 
ATOM 543 C C6    . DT D 4 1  ? 7.770   21.220  2.321   1.00 163.64 ? 1  DT D C6    1 
ATOM 544 P P     . DC D 4 2  ? 4.944   22.121  8.170   1.00 196.49 ? 2  DC D P     1 
ATOM 545 O OP1   . DC D 4 2  ? 4.360   23.301  8.848   1.00 208.04 ? 2  DC D OP1   1 
ATOM 546 O OP2   . DC D 4 2  ? 5.536   21.030  8.978   1.00 188.06 ? 2  DC D OP2   1 
ATOM 547 O "O5'" . DC D 4 2  ? 3.822   21.512  7.203   1.00 181.53 ? 2  DC D "O5'" 1 
ATOM 548 C "C5'" . DC D 4 2  ? 2.472   21.431  7.641   1.00 178.59 ? 2  DC D "C5'" 1 
ATOM 549 C "C4'" . DC D 4 2  ? 1.660   22.591  7.096   1.00 178.09 ? 2  DC D "C4'" 1 
ATOM 550 O "O4'" . DC D 4 2  ? 2.173   22.968  5.794   1.00 173.90 ? 2  DC D "O4'" 1 
ATOM 551 C "C3'" . DC D 4 2  ? 0.189   22.287  6.871   1.00 183.12 ? 2  DC D "C3'" 1 
ATOM 552 O "O3'" . DC D 4 2  ? -0.572  23.484  6.950   1.00 188.06 ? 2  DC D "O3'" 1 
ATOM 553 C "C2'" . DC D 4 2  ? 0.199   21.726  5.456   1.00 180.51 ? 2  DC D "C2'" 1 
ATOM 554 C "C1'" . DC D 4 2  ? 1.244   22.610  4.787   1.00 175.53 ? 2  DC D "C1'" 1 
ATOM 555 N N1    . DC D 4 2  ? 1.989   21.936  3.684   1.00 175.29 ? 2  DC D N1    1 
ATOM 556 C C2    . DC D 4 2  ? 1.642   22.189  2.354   1.00 175.95 ? 2  DC D C2    1 
ATOM 557 O O2    . DC D 4 2  ? 0.710   22.967  2.112   1.00 177.13 ? 2  DC D O2    1 
ATOM 558 N N3    . DC D 4 2  ? 2.336   21.574  1.362   1.00 173.86 ? 2  DC D N3    1 
ATOM 559 C C4    . DC D 4 2  ? 3.334   20.740  1.666   1.00 170.73 ? 2  DC D C4    1 
ATOM 560 N N4    . DC D 4 2  ? 3.990   20.154  0.657   1.00 166.27 ? 2  DC D N4    1 
ATOM 561 C C5    . DC D 4 2  ? 3.705   20.472  3.017   1.00 168.66 ? 2  DC D C5    1 
ATOM 562 C C6    . DC D 4 2  ? 3.015   21.087  3.983   1.00 172.67 ? 2  DC D C6    1 
ATOM 563 P P     . DT D 4 3  ? -2.086  23.445  7.488   1.00 199.52 ? 3  DT D P     1 
ATOM 564 O OP1   . DT D 4 3  ? -2.503  24.838  7.776   1.00 198.69 ? 3  DT D OP1   1 
ATOM 565 O OP2   . DT D 4 3  ? -2.148  22.426  8.563   1.00 195.57 ? 3  DT D OP2   1 
ATOM 566 O "O5'" . DT D 4 3  ? -2.926  22.914  6.231   1.00 189.17 ? 3  DT D "O5'" 1 
ATOM 567 C "C5'" . DT D 4 3  ? -2.776  23.529  4.952   1.00 185.57 ? 3  DT D "C5'" 1 
ATOM 568 C "C4'" . DT D 4 3  ? -3.433  22.684  3.878   1.00 182.85 ? 3  DT D "C4'" 1 
ATOM 569 O "O4'" . DT D 4 3  ? -2.418  22.121  2.994   1.00 180.25 ? 3  DT D "O4'" 1 
ATOM 570 C "C3'" . DT D 4 3  ? -4.230  21.478  4.410   1.00 181.15 ? 3  DT D "C3'" 1 
ATOM 571 O "O3'" . DT D 4 3  ? -5.383  21.234  3.599   1.00 180.54 ? 3  DT D "O3'" 1 
ATOM 572 C "C2'" . DT D 4 3  ? -3.228  20.351  4.209   1.00 181.88 ? 3  DT D "C2'" 1 
ATOM 573 C "C1'" . DT D 4 3  ? -2.723  20.761  2.841   1.00 180.37 ? 3  DT D "C1'" 1 
ATOM 574 N N1    . DT D 4 3  ? -1.543  19.996  2.333   1.00 180.68 ? 3  DT D N1    1 
ATOM 575 C C2    . DT D 4 3  ? -1.356  19.899  0.972   1.00 177.90 ? 3  DT D C2    1 
ATOM 576 O O2    . DT D 4 3  ? -2.087  20.438  0.157   1.00 187.02 ? 3  DT D O2    1 
ATOM 577 N N3    . DT D 4 3  ? -0.266  19.159  0.595   1.00 174.50 ? 3  DT D N3    1 
ATOM 578 C C4    . DT D 4 3  ? 0.628   18.507  1.424   1.00 171.25 ? 3  DT D C4    1 
ATOM 579 O O4    . DT D 4 3  ? 1.580   17.863  0.988   1.00 166.51 ? 3  DT D O4    1 
ATOM 580 C C5    . DT D 4 3  ? 0.363   18.634  2.839   1.00 174.38 ? 3  DT D C5    1 
ATOM 581 C C7    . DT D 4 3  ? 1.263   17.970  3.836   1.00 173.61 ? 3  DT D C7    1 
ATOM 582 C C6    . DT D 4 3  ? -0.703  19.356  3.220   1.00 176.19 ? 3  DT D C6    1 
ATOM 583 P P     . DG D 4 4  ? -6.535  22.334  3.362   1.00 185.24 ? 4  DG D P     1 
ATOM 584 O OP1   . DG D 4 4  ? -6.254  23.588  4.096   1.00 185.68 ? 4  DG D OP1   1 
ATOM 585 O OP2   . DG D 4 4  ? -7.811  21.640  3.630   1.00 188.39 ? 4  DG D OP2   1 
ATOM 586 O "O5'" . DG D 4 4  ? -6.484  22.580  1.778   1.00 181.27 ? 4  DG D "O5'" 1 
ATOM 587 C "C5'" . DG D 4 4  ? -5.551  21.851  0.973   1.00 178.85 ? 4  DG D "C5'" 1 
ATOM 588 C "C4'" . DG D 4 4  ? -6.253  20.912  0.001   1.00 179.90 ? 4  DG D "C4'" 1 
ATOM 589 O "O4'" . DG D 4 4  ? -5.408  19.753  -0.240  1.00 179.97 ? 4  DG D "O4'" 1 
ATOM 590 C "C3'" . DG D 4 4  ? -7.569  20.326  0.489   1.00 177.33 ? 4  DG D "C3'" 1 
ATOM 591 O "O3'" . DG D 4 4  ? -8.341  19.902  -0.627  1.00 175.25 ? 4  DG D "O3'" 1 
ATOM 592 C "C2'" . DG D 4 4  ? -7.081  19.132  1.292   1.00 174.11 ? 4  DG D "C2'" 1 
ATOM 593 C "C1'" . DG D 4 4  ? -5.984  18.609  0.373   1.00 172.58 ? 4  DG D "C1'" 1 
ATOM 594 N N9    . DG D 4 4  ? -4.934  17.873  1.069   1.00 167.20 ? 4  DG D N9    1 
ATOM 595 C C8    . DG D 4 4  ? -4.770  17.747  2.430   1.00 167.85 ? 4  DG D C8    1 
ATOM 596 N N7    . DG D 4 4  ? -3.737  17.024  2.763   1.00 161.12 ? 4  DG D N7    1 
ATOM 597 C C5    . DG D 4 4  ? -3.183  16.646  1.548   1.00 162.24 ? 4  DG D C5    1 
ATOM 598 C C6    . DG D 4 4  ? -2.047  15.855  1.275   1.00 162.33 ? 4  DG D C6    1 
ATOM 599 O O6    . DG D 4 4  ? -1.278  15.314  2.082   1.00 159.67 ? 4  DG D O6    1 
ATOM 600 N N1    . DG D 4 4  ? -1.834  15.715  -0.097  1.00 161.86 ? 4  DG D N1    1 
ATOM 601 C C2    . DG D 4 4  ? -2.624  16.272  -1.077  1.00 158.83 ? 4  DG D C2    1 
ATOM 602 N N2    . DG D 4 4  ? -2.267  16.025  -2.346  1.00 154.23 ? 4  DG D N2    1 
ATOM 603 N N3    . DG D 4 4  ? -3.692  17.016  -0.832  1.00 160.50 ? 4  DG D N3    1 
ATOM 604 C C4    . DG D 4 4  ? -3.909  17.160  0.497   1.00 161.74 ? 4  DG D C4    1 
ATOM 605 P P     . DA D 4 5  ? -9.938  19.767  -0.515  1.00 173.05 ? 5  DA D P     1 
ATOM 606 O OP1   . DA D 4 5  ? -10.514 21.121  -0.663  1.00 178.20 ? 5  DA D OP1   1 
ATOM 607 O OP2   . DA D 4 5  ? -10.245 18.966  0.691   1.00 171.87 ? 5  DA D OP2   1 
ATOM 608 O "O5'" . DA D 4 5  ? -10.336 18.902  -1.802  1.00 174.89 ? 5  DA D "O5'" 1 
ATOM 609 C "C5'" . DA D 4 5  ? -9.926  19.327  -3.099  1.00 172.93 ? 5  DA D "C5'" 1 
ATOM 610 C "C4'" . DA D 4 5  ? -9.416  18.153  -3.924  1.00 173.32 ? 5  DA D "C4'" 1 
ATOM 611 O "O4'" . DA D 4 5  ? -8.307  17.514  -3.239  1.00 172.46 ? 5  DA D "O4'" 1 
ATOM 612 C "C3'" . DA D 4 5  ? -10.441 17.051  -4.203  1.00 165.69 ? 5  DA D "C3'" 1 
ATOM 613 O "O3'" . DA D 4 5  ? -10.391 16.694  -5.585  1.00 160.54 ? 5  DA D "O3'" 1 
ATOM 614 C "C2'" . DA D 4 5  ? -9.997  15.905  -3.286  1.00 156.48 ? 5  DA D "C2'" 1 
ATOM 615 C "C1'" . DA D 4 5  ? -8.496  16.116  -3.228  1.00 159.78 ? 5  DA D "C1'" 1 
ATOM 616 N N9    . DA D 4 5  ? -7.882  15.588  -2.014  1.00 157.49 ? 5  DA D N9    1 
ATOM 617 C C8    . DA D 4 5  ? -8.324  15.747  -0.732  1.00 159.18 ? 5  DA D C8    1 
ATOM 618 N N7    . DA D 4 5  ? -7.564  15.168  0.165   1.00 155.66 ? 5  DA D N7    1 
ATOM 619 C C5    . DA D 4 5  ? -6.549  14.592  -0.577  1.00 154.78 ? 5  DA D C5    1 
ATOM 620 C C6    . DA D 4 5  ? -5.417  13.832  -0.219  1.00 153.61 ? 5  DA D C6    1 
ATOM 621 N N6    . DA D 4 5  ? -5.117  13.514  1.049   1.00 146.24 ? 5  DA D N6    1 
ATOM 622 N N1    . DA D 4 5  ? -4.603  13.412  -1.210  1.00 149.30 ? 5  DA D N1    1 
ATOM 623 C C2    . DA D 4 5  ? -4.906  13.733  -2.475  1.00 149.62 ? 5  DA D C2    1 
ATOM 624 N N3    . DA D 4 5  ? -5.937  14.439  -2.935  1.00 154.79 ? 5  DA D N3    1 
ATOM 625 C C4    . DA D 4 5  ? -6.727  14.843  -1.930  1.00 155.91 ? 5  DA D C4    1 
ATOM 626 P P     . DG D 4 6  ? -10.986 15.293  -6.102  1.00 157.35 ? 6  DG D P     1 
ATOM 627 O OP1   . DG D 4 6  ? -11.268 15.438  -7.546  1.00 155.67 ? 6  DG D OP1   1 
ATOM 628 O OP2   . DG D 4 6  ? -12.081 14.865  -5.202  1.00 163.08 ? 6  DG D OP2   1 
ATOM 629 O "O5'" . DG D 4 6  ? -9.761  14.287  -5.928  1.00 155.58 ? 6  DG D "O5'" 1 
ATOM 630 C "C5'" . DG D 4 6  ? -9.873  12.943  -6.354  1.00 150.14 ? 6  DG D "C5'" 1 
ATOM 631 C "C4'" . DG D 4 6  ? -8.649  12.160  -5.928  1.00 147.05 ? 6  DG D "C4'" 1 
ATOM 632 O "O4'" . DG D 4 6  ? -8.319  12.503  -4.575  1.00 143.25 ? 6  DG D "O4'" 1 
ATOM 633 C "C3'" . DG D 4 6  ? -8.824  10.649  -5.924  1.00 140.63 ? 6  DG D "C3'" 1 
ATOM 634 O "O3'" . DG D 4 6  ? -8.319  10.097  -7.138  1.00 140.71 ? 6  DG D "O3'" 1 
ATOM 635 C "C2'" . DG D 4 6  ? -8.005  10.178  -4.712  1.00 133.46 ? 6  DG D "C2'" 1 
ATOM 636 C "C1'" . DG D 4 6  ? -7.556  11.466  -4.031  1.00 134.88 ? 6  DG D "C1'" 1 
ATOM 637 N N9    . DG D 4 6  ? -7.756  11.461  -2.592  1.00 134.56 ? 6  DG D N9    1 
ATOM 638 C C8    . DG D 4 6  ? -8.799  12.030  -1.899  1.00 142.32 ? 6  DG D C8    1 
ATOM 639 N N7    . DG D 4 6  ? -8.707  11.874  -0.606  1.00 144.29 ? 6  DG D N7    1 
ATOM 640 C C5    . DG D 4 6  ? -7.525  11.160  -0.435  1.00 143.58 ? 6  DG D C5    1 
ATOM 641 C C6    . DG D 4 6  ? -6.900  10.699  0.751   1.00 140.88 ? 6  DG D C6    1 
ATOM 642 O O6    . DG D 4 6  ? -7.279  10.836  1.922   1.00 139.73 ? 6  DG D O6    1 
ATOM 643 N N1    . DG D 4 6  ? -5.714  10.016  0.475   1.00 133.89 ? 6  DG D N1    1 
ATOM 644 C C2    . DG D 4 6  ? -5.203  9.808   -0.784  1.00 134.50 ? 6  DG D C2    1 
ATOM 645 N N2    . DG D 4 6  ? -4.051  9.129   -0.853  1.00 134.69 ? 6  DG D N2    1 
ATOM 646 N N3    . DG D 4 6  ? -5.778  10.236  -1.901  1.00 133.97 ? 6  DG D N3    1 
ATOM 647 C C4    . DG D 4 6  ? -6.932  10.902  -1.649  1.00 137.60 ? 6  DG D C4    1 
ATOM 648 P P     . DT D 4 7  ? -9.239  9.131   -8.036  1.00 130.38 ? 7  DT D P     1 
ATOM 649 O OP1   . DT D 4 7  ? -8.395  8.576   -9.116  1.00 138.47 ? 7  DT D OP1   1 
ATOM 650 O OP2   . DT D 4 7  ? -10.469 9.875   -8.389  1.00 125.17 ? 7  DT D OP2   1 
ATOM 651 O "O5'" . DT D 4 7  ? -9.633  7.943   -7.037  1.00 141.71 ? 7  DT D "O5'" 1 
ATOM 652 C "C5'" . DT D 4 7  ? -9.021  6.652   -7.166  1.00 135.83 ? 7  DT D "C5'" 1 
ATOM 653 C "C4'" . DT D 4 7  ? -7.783  6.541   -6.290  1.00 129.99 ? 7  DT D "C4'" 1 
ATOM 654 O "O4'" . DT D 4 7  ? -8.023  7.178   -5.033  1.00 133.85 ? 7  DT D "O4'" 1 
ATOM 655 C "C3'" . DT D 4 7  ? -7.388  5.124   -5.906  1.00 126.21 ? 7  DT D "C3'" 1 
ATOM 656 O "O3'" . DT D 4 7  ? -6.475  4.604   -6.844  1.00 120.93 ? 7  DT D "O3'" 1 
ATOM 657 C "C2'" . DT D 4 7  ? -6.740  5.281   -4.516  1.00 121.66 ? 7  DT D "C2'" 1 
ATOM 658 C "C1'" . DT D 4 7  ? -7.034  6.734   -4.143  1.00 128.14 ? 7  DT D "C1'" 1 
ATOM 659 N N1    . DT D 4 7  ? -7.515  6.954   -2.733  1.00 123.51 ? 7  DT D N1    1 
ATOM 660 C C2    . DT D 4 7  ? -6.762  6.494   -1.670  1.00 129.29 ? 7  DT D C2    1 
ATOM 661 O O2    . DT D 4 7  ? -5.719  5.874   -1.796  1.00 130.38 ? 7  DT D O2    1 
ATOM 662 N N3    . DT D 4 7  ? -7.285  6.782   -0.436  1.00 130.75 ? 7  DT D N3    1 
ATOM 663 C C4    . DT D 4 7  ? -8.445  7.476   -0.160  1.00 127.42 ? 7  DT D C4    1 
ATOM 664 O O4    . DT D 4 7  ? -8.826  7.687   0.985   1.00 125.39 ? 7  DT D O4    1 
ATOM 665 C C5    . DT D 4 7  ? -9.176  7.943   -1.312  1.00 122.12 ? 7  DT D C5    1 
ATOM 666 C C7    . DT D 4 7  ? -10.449 8.708   -1.136  1.00 123.76 ? 7  DT D C7    1 
ATOM 667 C C6    . DT D 4 7  ? -8.680  7.666   -2.526  1.00 125.89 ? 7  DT D C6    1 
ATOM 668 P P     . DG D 4 8  ? -6.468  3.027   -7.151  1.00 126.36 ? 8  DG D P     1 
ATOM 669 O OP1   . DG D 4 8  ? -5.678  2.823   -8.390  1.00 119.08 ? 8  DG D OP1   1 
ATOM 670 O OP2   . DG D 4 8  ? -7.864  2.541   -7.062  1.00 122.62 ? 8  DG D OP2   1 
ATOM 671 O "O5'" . DG D 4 8  ? -5.697  2.398   -5.904  1.00 111.07 ? 8  DG D "O5'" 1 
ATOM 672 C "C5'" . DG D 4 8  ? -4.285  2.407   -5.868  1.00 111.36 ? 8  DG D "C5'" 1 
ATOM 673 C "C4'" . DG D 4 8  ? -3.749  1.526   -4.750  1.00 113.28 ? 8  DG D "C4'" 1 
ATOM 674 O "O4'" . DG D 4 8  ? -4.311  1.922   -3.475  1.00 120.51 ? 8  DG D "O4'" 1 
ATOM 675 C "C3'" . DG D 4 8  ? -4.068  0.051   -4.859  1.00 103.47 ? 8  DG D "C3'" 1 
ATOM 676 O "O3'" . DG D 4 8  ? -3.096  -0.654  -4.094  1.00 93.12  ? 8  DG D "O3'" 1 
ATOM 677 C "C2'" . DG D 4 8  ? -5.457  -0.003  -4.224  1.00 111.13 ? 8  DG D "C2'" 1 
ATOM 678 C "C1'" . DG D 4 8  ? -5.299  0.987   -3.067  1.00 113.35 ? 8  DG D "C1'" 1 
ATOM 679 N N9    . DG D 4 8  ? -6.496  1.761   -2.745  1.00 109.82 ? 8  DG D N9    1 
ATOM 680 C C8    . DG D 4 8  ? -7.438  2.249   -3.621  1.00 117.44 ? 8  DG D C8    1 
ATOM 681 N N7    . DG D 4 8  ? -8.373  2.956   -3.043  1.00 122.07 ? 8  DG D N7    1 
ATOM 682 C C5    . DG D 4 8  ? -8.016  2.956   -1.702  1.00 121.99 ? 8  DG D C5    1 
ATOM 683 C C6    . DG D 4 8  ? -8.646  3.565   -0.585  1.00 118.99 ? 8  DG D C6    1 
ATOM 684 O O6    . DG D 4 8  ? -9.683  4.242   -0.562  1.00 115.82 ? 8  DG D O6    1 
ATOM 685 N N1    . DG D 4 8  ? -7.951  3.317   0.597   1.00 110.20 ? 8  DG D N1    1 
ATOM 686 C C2    . DG D 4 8  ? -6.796  2.576   0.692   1.00 115.63 ? 8  DG D C2    1 
ATOM 687 N N2    . DG D 4 8  ? -6.269  2.445   1.920   1.00 109.15 ? 8  DG D N2    1 
ATOM 688 N N3    . DG D 4 8  ? -6.196  2.002   -0.346  1.00 120.19 ? 8  DG D N3    1 
ATOM 689 C C4    . DG D 4 8  ? -6.857  2.232   -1.505  1.00 115.18 ? 8  DG D C4    1 
ATOM 690 P P     . DG D 4 9  ? -3.381  -2.124  -3.514  1.00 102.75 ? 9  DG D P     1 
ATOM 691 O OP1   . DG D 4 9  ? -2.088  -2.676  -3.007  1.00 101.40 ? 9  DG D OP1   1 
ATOM 692 O OP2   . DG D 4 9  ? -4.178  -2.847  -4.529  1.00 100.16 ? 9  DG D OP2   1 
ATOM 693 O "O5'" . DG D 4 9  ? -4.333  -1.859  -2.262  1.00 112.97 ? 9  DG D "O5'" 1 
ATOM 694 C "C5'" . DG D 4 9  ? -3.790  -1.538  -0.998  1.00 114.52 ? 9  DG D "C5'" 1 
ATOM 695 C "C4'" . DG D 4 9  ? -4.474  -2.351  0.082   1.00 112.28 ? 9  DG D "C4'" 1 
ATOM 696 O "O4'" . DG D 4 9  ? -5.706  -1.704  0.485   1.00 121.26 ? 9  DG D "O4'" 1 
ATOM 697 C "C3'" . DG D 4 9  ? -4.883  -3.754  -0.332  1.00 84.64  ? 9  DG D "C3'" 1 
ATOM 698 O "O3'" . DG D 4 9  ? -4.910  -4.565  0.808   1.00 94.51  ? 9  DG D "O3'" 1 
ATOM 699 C "C2'" . DG D 4 9  ? -6.286  -3.531  -0.875  1.00 89.81  ? 9  DG D "C2'" 1 
ATOM 700 C "C1'" . DG D 4 9  ? -6.813  -2.506  0.115   1.00 100.88 ? 9  DG D "C1'" 1 
ATOM 701 N N9    . DG D 4 9  ? -7.832  -1.634  -0.438  1.00 100.56 ? 9  DG D N9    1 
ATOM 702 C C8    . DG D 4 9  ? -8.243  -1.563  -1.745  1.00 105.91 ? 9  DG D C8    1 
ATOM 703 N N7    . DG D 4 9  ? -9.177  -0.676  -1.946  1.00 116.00 ? 9  DG D N7    1 
ATOM 704 C C5    . DG D 4 9  ? -9.395  -0.122  -0.695  1.00 110.99 ? 9  DG D C5    1 
ATOM 705 C C6    . DG D 4 9  ? -10.289 0.889   -0.295  1.00 106.07 ? 9  DG D C6    1 
ATOM 706 O O6    . DG D 4 9  ? -11.087 1.523   -1.003  1.00 107.78 ? 9  DG D O6    1 
ATOM 707 N N1    . DG D 4 9  ? -10.192 1.155   1.067   1.00 108.48 ? 9  DG D N1    1 
ATOM 708 C C2    . DG D 4 9  ? -9.326  0.517   1.933   1.00 112.95 ? 9  DG D C2    1 
ATOM 709 N N2    . DG D 4 9  ? -9.369  0.906   3.217   1.00 116.99 ? 9  DG D N2    1 
ATOM 710 N N3    . DG D 4 9  ? -8.482  -0.438  1.567   1.00 101.75 ? 9  DG D N3    1 
ATOM 711 C C4    . DG D 4 9  ? -8.572  -0.703  0.247   1.00 105.89 ? 9  DG D C4    1 
ATOM 712 P P     . DG D 4 10 ? -3.565  -5.288  1.290   1.00 110.47 ? 10 DG D P     1 
ATOM 713 O OP1   . DG D 4 10 ? -3.556  -5.387  2.777   1.00 106.75 ? 10 DG D OP1   1 
ATOM 714 O OP2   . DG D 4 10 ? -2.443  -4.611  0.601   1.00 106.89 ? 10 DG D OP2   1 
ATOM 715 O "O5'" . DG D 4 10 ? -3.702  -6.743  0.654   1.00 101.73 ? 10 DG D "O5'" 1 
ATOM 716 C "C5'" . DG D 4 10 ? -2.679  -7.668  0.844   1.00 106.41 ? 10 DG D "C5'" 1 
ATOM 717 C "C4'" . DG D 4 10 ? -3.211  -9.080  0.788   1.00 107.06 ? 10 DG D "C4'" 1 
ATOM 718 O "O4'" . DG D 4 10 ? -3.922  -9.283  -0.451  1.00 112.02 ? 10 DG D "O4'" 1 
ATOM 719 C "C3'" . DG D 4 10 ? -2.124  -10.139 0.830   1.00 113.31 ? 10 DG D "C3'" 1 
ATOM 720 O "O3'" . DG D 4 10 ? -2.136  -10.746 2.074   1.00 106.09 ? 10 DG D "O3'" 1 
ATOM 721 C "C2'" . DG D 4 10 ? -2.502  -11.112 -0.277  1.00 109.24 ? 10 DG D "C2'" 1 
ATOM 722 C "C1'" . DG D 4 10 ? -3.207  -10.189 -1.245  1.00 109.28 ? 10 DG D "C1'" 1 
ATOM 723 N N9    . DG D 4 10 ? -2.320  -9.425  -2.115  1.00 107.26 ? 10 DG D N9    1 
ATOM 724 C C8    . DG D 4 10 ? -2.379  -8.078  -2.362  1.00 104.87 ? 10 DG D C8    1 
ATOM 725 N N7    . DG D 4 10 ? -1.490  -7.661  -3.208  1.00 117.18 ? 10 DG D N7    1 
ATOM 726 C C5    . DG D 4 10 ? -0.791  -8.806  -3.561  1.00 119.81 ? 10 DG D C5    1 
ATOM 727 C C6    . DG D 4 10 ? 0.295   -8.966  -4.453  1.00 114.74 ? 10 DG D C6    1 
ATOM 728 O O6    . DG D 4 10 ? 0.872   -8.101  -5.124  1.00 113.75 ? 10 DG D O6    1 
ATOM 729 N N1    . DG D 4 10 ? 0.709   -10.296 -4.529  1.00 122.93 ? 10 DG D N1    1 
ATOM 730 C C2    . DG D 4 10 ? 0.137   -11.337 -3.830  1.00 129.31 ? 10 DG D C2    1 
ATOM 731 N N2    . DG D 4 10 ? 0.673   -12.555 -4.034  1.00 133.93 ? 10 DG D N2    1 
ATOM 732 N N3    . DG D 4 10 ? -0.887  -11.197 -2.988  1.00 125.86 ? 10 DG D N3    1 
ATOM 733 C C4    . DG D 4 10 ? -1.295  -9.903  -2.901  1.00 119.18 ? 10 DG D C4    1 
ATOM 734 P P     . DG D 4 11 ? -1.058  -10.280 3.159   1.00 111.91 ? 11 DG D P     1 
ATOM 735 O OP1   . DG D 4 11 ? -1.670  -10.470 4.500   1.00 123.50 ? 11 DG D OP1   1 
ATOM 736 O OP2   . DG D 4 11 ? -0.552  -8.957  2.712   1.00 91.13  ? 11 DG D OP2   1 
ATOM 737 O "O5'" . DG D 4 11 ? 0.147   -11.312 2.950   1.00 129.67 ? 11 DG D "O5'" 1 
ATOM 738 C "C5'" . DG D 4 11 ? -0.105  -12.593 2.396   1.00 117.46 ? 11 DG D "C5'" 1 
ATOM 739 C "C4'" . DG D 4 11 ? 0.867   -12.884 1.271   1.00 113.51 ? 11 DG D "C4'" 1 
ATOM 740 O "O4'" . DG D 4 11 ? 0.776   -11.863 0.270   1.00 107.92 ? 11 DG D "O4'" 1 
ATOM 741 C "C3'" . DG D 4 11 ? 2.320   -12.835 1.669   1.00 131.37 ? 11 DG D "C3'" 1 
ATOM 742 O "O3'" . DG D 4 11 ? 2.712   -14.067 2.223   1.00 141.79 ? 11 DG D "O3'" 1 
ATOM 743 C "C2'" . DG D 4 11 ? 3.032   -12.560 0.336   1.00 132.19 ? 11 DG D "C2'" 1 
ATOM 744 C "C1'" . DG D 4 11 ? 1.924   -11.963 -0.537  1.00 117.22 ? 11 DG D "C1'" 1 
ATOM 745 N N9    . DG D 4 11 ? 2.219   -10.654 -1.121  1.00 125.09 ? 11 DG D N9    1 
ATOM 746 C C8    . DG D 4 11 ? 1.643   -9.451  -0.785  1.00 123.22 ? 11 DG D C8    1 
ATOM 747 N N7    . DG D 4 11 ? 2.067   -8.451  -1.506  1.00 120.77 ? 11 DG D N7    1 
ATOM 748 C C5    . DG D 4 11 ? 2.974   -9.021  -2.387  1.00 119.13 ? 11 DG D C5    1 
ATOM 749 C C6    . DG D 4 11 ? 3.754   -8.423  -3.402  1.00 128.49 ? 11 DG D C6    1 
ATOM 750 O O6    . DG D 4 11 ? 3.791   -7.230  -3.731  1.00 135.66 ? 11 DG D O6    1 
ATOM 751 N N1    . DG D 4 11 ? 4.549   -9.355  -4.066  1.00 134.14 ? 11 DG D N1    1 
ATOM 752 C C2    . DG D 4 11 ? 4.584   -10.700 -3.785  1.00 134.48 ? 11 DG D C2    1 
ATOM 753 N N2    . DG D 4 11 ? 5.415   -11.441 -4.535  1.00 133.86 ? 11 DG D N2    1 
ATOM 754 N N3    . DG D 4 11 ? 3.856   -11.281 -2.831  1.00 129.93 ? 11 DG D N3    1 
ATOM 755 C C4    . DG D 4 11 ? 3.077   -10.379 -2.173  1.00 126.20 ? 11 DG D C4    1 
ATOM 756 P P     . DT D 4 12 ? 4.206   -14.247 2.768   1.00 132.86 ? 12 DT D P     1 
ATOM 757 O OP1   . DT D 4 12 ? 4.144   -15.218 3.885   1.00 139.80 ? 12 DT D OP1   1 
ATOM 758 O OP2   . DT D 4 12 ? 4.831   -12.915 2.937   1.00 112.96 ? 12 DT D OP2   1 
ATOM 759 O "O5'" . DT D 4 12 ? 4.960   -14.913 1.546   1.00 134.58 ? 12 DT D "O5'" 1 
ATOM 760 C "C5'" . DT D 4 12 ? 5.452   -16.223 1.659   1.00 146.08 ? 12 DT D "C5'" 1 
ATOM 761 C "C4'" . DT D 4 12 ? 6.676   -16.368 0.796   1.00 147.71 ? 12 DT D "C4'" 1 
ATOM 762 O "O4'" . DT D 4 12 ? 6.648   -15.319 -0.214  1.00 140.84 ? 12 DT D "O4'" 1 
ATOM 763 C "C3'" . DT D 4 12 ? 7.994   -16.170 1.533   1.00 149.69 ? 12 DT D "C3'" 1 
ATOM 764 O "O3'" . DT D 4 12 ? 9.027   -16.885 0.859   1.00 160.92 ? 12 DT D "O3'" 1 
ATOM 765 C "C2'" . DT D 4 12 ? 8.184   -14.669 1.406   1.00 144.96 ? 12 DT D "C2'" 1 
ATOM 766 C "C1'" . DT D 4 12 ? 7.769   -14.485 -0.038  1.00 139.12 ? 12 DT D "C1'" 1 
ATOM 767 N N1    . DT D 4 12 ? 7.417   -13.095 -0.380  1.00 136.00 ? 12 DT D N1    1 
ATOM 768 C C2    . DT D 4 12 ? 7.937   -12.550 -1.526  1.00 139.07 ? 12 DT D C2    1 
ATOM 769 O O2    . DT D 4 12 ? 8.657   -13.168 -2.291  1.00 134.69 ? 12 DT D O2    1 
ATOM 770 N N3    . DT D 4 12 ? 7.575   -11.252 -1.761  1.00 140.03 ? 12 DT D N3    1 
ATOM 771 C C4    . DT D 4 12 ? 6.768   -10.455 -0.967  1.00 136.85 ? 12 DT D C4    1 
ATOM 772 O O4    . DT D 4 12 ? 6.505   -9.292  -1.261  1.00 138.18 ? 12 DT D O4    1 
ATOM 773 C C5    . DT D 4 12 ? 6.264   -11.086 0.232   1.00 131.78 ? 12 DT D C5    1 
ATOM 774 C C7    . DT D 4 12 ? 5.388   -10.313 1.174   1.00 132.91 ? 12 DT D C7    1 
ATOM 775 C C6    . DT D 4 12 ? 6.609   -12.364 0.469   1.00 129.70 ? 12 DT D C6    1 
ATOM 776 P P     . DC D 4 13 ? 10.573  -16.507 1.095   1.00 174.77 ? 13 DC D P     1 
ATOM 777 O OP1   . DC D 4 13 ? 11.381  -17.678 0.685   1.00 173.64 ? 13 DC D OP1   1 
ATOM 778 O OP2   . DC D 4 13 ? 10.716  -15.958 2.463   1.00 170.52 ? 13 DC D OP2   1 
ATOM 779 O "O5'" . DC D 4 13 ? 10.856  -15.333 0.043   1.00 156.17 ? 13 DC D "O5'" 1 
ATOM 780 C "C5'" . DC D 4 13 ? 11.005  -15.641 -1.331  1.00 149.74 ? 13 DC D "C5'" 1 
ATOM 781 C "C4'" . DC D 4 13 ? 12.063  -14.762 -1.974  1.00 158.09 ? 13 DC D "C4'" 1 
ATOM 782 O "O4'" . DC D 4 13 ? 11.590  -13.393 -2.050  1.00 155.44 ? 13 DC D "O4'" 1 
ATOM 783 C "C3'" . DC D 4 13 ? 13.393  -14.695 -1.239  1.00 165.00 ? 13 DC D "C3'" 1 
ATOM 784 O "O3'" . DC D 4 13 ? 14.434  -14.532 -2.186  1.00 174.47 ? 13 DC D "O3'" 1 
ATOM 785 C "C2'" . DC D 4 13 ? 13.229  -13.449 -0.372  1.00 163.09 ? 13 DC D "C2'" 1 
ATOM 786 C "C1'" . DC D 4 13 ? 12.445  -12.542 -1.308  1.00 157.01 ? 13 DC D "C1'" 1 
ATOM 787 N N1    . DC D 4 13 ? 11.586  -11.539 -0.619  1.00 151.34 ? 13 DC D N1    1 
ATOM 788 C C2    . DC D 4 13 ? 11.465  -10.250 -1.158  1.00 147.74 ? 13 DC D C2    1 
ATOM 789 O O2    . DC D 4 13 ? 12.098  -9.960  -2.178  1.00 145.56 ? 13 DC D O2    1 
ATOM 790 N N3    . DC D 4 13 ? 10.662  -9.351  -0.536  1.00 147.85 ? 13 DC D N3    1 
ATOM 791 C C4    . DC D 4 13 ? 9.997   -9.703  0.567   1.00 147.54 ? 13 DC D C4    1 
ATOM 792 N N4    . DC D 4 13 ? 9.217   -8.783  1.147   1.00 142.57 ? 13 DC D N4    1 
ATOM 793 C C5    . DC D 4 13 ? 10.100  -11.014 1.126   1.00 144.46 ? 13 DC D C5    1 
ATOM 794 C C6    . DC D 4 13 ? 10.894  -11.894 0.503   1.00 147.72 ? 13 DC D C6    1 
ATOM 795 P P     . DT D 4 14 ? 15.967  -14.532 -1.713  1.00 189.48 ? 14 DT D P     1 
ATOM 796 O OP1   . DT D 4 14 ? 16.776  -15.070 -2.830  1.00 189.58 ? 14 DT D OP1   1 
ATOM 797 O OP2   . DT D 4 14 ? 16.015  -15.183 -0.382  1.00 176.93 ? 14 DT D OP2   1 
ATOM 798 O "O5'" . DT D 4 14 ? 16.313  -12.977 -1.533  1.00 178.06 ? 14 DT D "O5'" 1 
ATOM 799 C "C5'" . DT D 4 14 ? 16.415  -12.132 -2.677  1.00 172.14 ? 14 DT D "C5'" 1 
ATOM 800 C "C4'" . DT D 4 14 ? 16.842  -10.727 -2.282  1.00 170.02 ? 14 DT D "C4'" 1 
ATOM 801 O "O4'" . DT D 4 14 ? 15.719  -10.020 -1.680  1.00 168.04 ? 14 DT D "O4'" 1 
ATOM 802 C "C3'" . DT D 4 14 ? 17.981  -10.654 -1.251  1.00 169.86 ? 14 DT D "C3'" 1 
ATOM 803 O "O3'" . DT D 4 14 ? 18.898  -9.615  -1.602  1.00 170.05 ? 14 DT D "O3'" 1 
ATOM 804 C "C2'" . DT D 4 14 ? 17.238  -10.300 0.031   1.00 166.40 ? 14 DT D "C2'" 1 
ATOM 805 C "C1'" . DT D 4 14 ? 16.197  -9.358  -0.538  1.00 164.93 ? 14 DT D "C1'" 1 
ATOM 806 N N1    . DT D 4 14 ? 15.071  -9.041  0.391   1.00 160.13 ? 14 DT D N1    1 
ATOM 807 C C2    . DT D 4 14 ? 14.427  -7.832  0.272   1.00 155.49 ? 14 DT D C2    1 
ATOM 808 O O2    . DT D 4 14 ? 14.714  -7.007  -0.579  1.00 154.30 ? 14 DT D O2    1 
ATOM 809 N N3    . DT D 4 14 ? 13.422  -7.624  1.178   1.00 152.92 ? 14 DT D N3    1 
ATOM 810 C C4    . DT D 4 14 ? 13.010  -8.483  2.182   1.00 151.75 ? 14 DT D C4    1 
ATOM 811 O O4    . DT D 4 14 ? 12.093  -8.205  2.948   1.00 148.38 ? 14 DT D O4    1 
ATOM 812 C C5    . DT D 4 14 ? 13.733  -9.730  2.261   1.00 152.94 ? 14 DT D C5    1 
ATOM 813 C C7    . DT D 4 14 ? 13.373  -10.742 3.308   1.00 147.29 ? 14 DT D C7    1 
ATOM 814 C C6    . DT D 4 14 ? 14.722  -9.944  1.377   1.00 157.76 ? 14 DT D C6    1 
ATOM 815 P P     . DG D 4 15 ? 19.833  -9.746  -2.902  1.00 173.34 ? 15 DG D P     1 
ATOM 816 O OP1   . DG D 4 15 ? 19.146  -9.060  -4.019  1.00 174.20 ? 15 DG D OP1   1 
ATOM 817 O OP2   . DG D 4 15 ? 20.215  -11.170 -3.026  1.00 177.37 ? 15 DG D OP2   1 
ATOM 818 O "O5'" . DG D 4 15 ? 21.134  -8.886  -2.536  1.00 159.72 ? 15 DG D "O5'" 1 
ATOM 819 C "C5'" . DG D 4 15 ? 21.601  -7.879  -3.434  1.00 158.16 ? 15 DG D "C5'" 1 
ATOM 820 C "C4'" . DG D 4 15 ? 21.214  -6.501  -2.929  1.00 167.95 ? 15 DG D "C4'" 1 
ATOM 821 O "O4'" . DG D 4 15 ? 19.940  -6.593  -2.265  1.00 170.28 ? 15 DG D "O4'" 1 
ATOM 822 C "C3'" . DG D 4 15 ? 22.168  -5.905  -1.899  1.00 169.32 ? 15 DG D "C3'" 1 
ATOM 823 O "O3'" . DG D 4 15 ? 23.122  -5.015  -2.535  1.00 172.68 ? 15 DG D "O3'" 1 
ATOM 824 C "C2'" . DG D 4 15 ? 21.264  -5.162  -0.908  1.00 166.32 ? 15 DG D "C2'" 1 
ATOM 825 C "C1'" . DG D 4 15 ? 19.847  -5.618  -1.252  1.00 167.30 ? 15 DG D "C1'" 1 
ATOM 826 N N9    . DG D 4 15 ? 19.142  -6.208  -0.116  1.00 165.43 ? 15 DG D N9    1 
ATOM 827 C C8    . DG D 4 15 ? 19.354  -7.451  0.428   1.00 163.99 ? 15 DG D C8    1 
ATOM 828 N N7    . DG D 4 15 ? 18.574  -7.718  1.436   1.00 165.16 ? 15 DG D N7    1 
ATOM 829 C C5    . DG D 4 15 ? 17.789  -6.581  1.570   1.00 164.87 ? 15 DG D C5    1 
ATOM 830 C C6    . DG D 4 15 ? 16.760  -6.291  2.498   1.00 161.92 ? 15 DG D C6    1 
ATOM 831 O O6    . DG D 4 15 ? 16.326  -7.008  3.411   1.00 160.32 ? 15 DG D O6    1 
ATOM 832 N N1    . DG D 4 15 ? 16.221  -5.021  2.289   1.00 157.95 ? 15 DG D N1    1 
ATOM 833 C C2    . DG D 4 15 ? 16.627  -4.146  1.308   1.00 160.64 ? 15 DG D C2    1 
ATOM 834 N N2    . DG D 4 15 ? 15.988  -2.968  1.263   1.00 157.59 ? 15 DG D N2    1 
ATOM 835 N N3    . DG D 4 15 ? 17.592  -4.406  0.432   1.00 163.47 ? 15 DG D N3    1 
ATOM 836 C C4    . DG D 4 15 ? 18.126  -5.639  0.622   1.00 164.92 ? 15 DG D C4    1 
ATOM 837 P P     . DC D 4 16 ? 22.735  -3.506  -2.959  1.00 182.69 ? 16 DC D P     1 
ATOM 838 O OP1   . DC D 4 16 ? 21.381  -3.484  -3.556  1.00 175.06 ? 16 DC D OP1   1 
ATOM 839 O OP2   . DC D 4 16 ? 23.874  -2.988  -3.748  1.00 176.68 ? 16 DC D OP2   1 
ATOM 840 O "O5'" . DC D 4 16 ? 22.717  -2.679  -1.586  1.00 169.49 ? 16 DC D "O5'" 1 
ATOM 841 C "C5'" . DC D 4 16 ? 22.558  -1.265  -1.613  1.00 161.48 ? 16 DC D "C5'" 1 
ATOM 842 C "C4'" . DC D 4 16 ? 21.522  -0.802  -0.599  1.00 158.89 ? 16 DC D "C4'" 1 
ATOM 843 O "O4'" . DC D 4 16 ? 20.916  -1.933  0.051   1.00 157.97 ? 16 DC D "O4'" 1 
ATOM 844 C "C3'" . DC D 4 16 ? 22.069  0.060   0.536   1.00 158.59 ? 16 DC D "C3'" 1 
ATOM 845 O "O3'" . DC D 4 16 ? 21.810  1.433   0.269   1.00 161.15 ? 16 DC D "O3'" 1 
ATOM 846 C "C2'" . DC D 4 16 ? 21.315  -0.427  1.791   1.00 156.18 ? 16 DC D "C2'" 1 
ATOM 847 C "C1'" . DC D 4 16 ? 20.345  -1.470  1.243   1.00 158.14 ? 16 DC D "C1'" 1 
ATOM 848 N N1    . DC D 4 16 ? 20.134  -2.627  2.155   1.00 158.49 ? 16 DC D N1    1 
ATOM 849 C C2    . DC D 4 16 ? 19.121  -2.577  3.114   1.00 162.11 ? 16 DC D C2    1 
ATOM 850 O O2    . DC D 4 16 ? 18.412  -1.562  3.191   1.00 163.11 ? 16 DC D O2    1 
ATOM 851 N N3    . DC D 4 16 ? 18.940  -3.643  3.935   1.00 164.67 ? 16 DC D N3    1 
ATOM 852 C C4    . DC D 4 16 ? 19.726  -4.716  3.816   1.00 163.32 ? 16 DC D C4    1 
ATOM 853 N N4    . DC D 4 16 ? 19.513  -5.745  4.644   1.00 164.77 ? 16 DC D N4    1 
ATOM 854 C C5    . DC D 4 16 ? 20.763  -4.782  2.844   1.00 159.98 ? 16 DC D C5    1 
ATOM 855 C C6    . DC D 4 16 ? 20.931  -3.725  2.045   1.00 159.91 ? 16 DC D C6    1 
# 
loop_
_pdbx_poly_seq_scheme.asym_id 
_pdbx_poly_seq_scheme.entity_id 
_pdbx_poly_seq_scheme.seq_id 
_pdbx_poly_seq_scheme.mon_id 
_pdbx_poly_seq_scheme.ndb_seq_num 
_pdbx_poly_seq_scheme.pdb_seq_num 
_pdbx_poly_seq_scheme.auth_seq_num 
_pdbx_poly_seq_scheme.pdb_mon_id 
_pdbx_poly_seq_scheme.auth_mon_id 
_pdbx_poly_seq_scheme.pdb_strand_id 
_pdbx_poly_seq_scheme.pdb_ins_code 
_pdbx_poly_seq_scheme.hetero 
A 1 1  DG 1  1  1  DG DG A . n 
A 1 2  DA 2  2  2  DA DA A . n 
A 1 3  DG 3  3  3  DG DG A . n 
A 1 4  DC 4  4  4  DC DC A . n 
A 1 5  DA 5  5  5  DA DA A . n 
A 1 6  DG 6  6  6  DG DG A . n 
A 1 7  DA 7  7  7  DA DA A . n 
A 1 8  DC 8  8  8  DC DC A . n 
A 1 9  DC 9  9  9  DC DC A . n 
A 1 10 DT 10 10 10 DT DT A . n 
A 1 11 DG 11 11 11 DG DG A . n 
B 2 1  DA 1  12 12 DA DA B . n 
B 2 2  DC 2  13 13 DC DC B . n 
B 2 3  DG 3  14 14 DG DG B . n 
B 2 4  DC 4  15 15 DC DC B . n 
B 2 5  DC 5  16 16 DC DC B . n 
B 2 6  DA 6  17 17 DA DA B . n 
B 2 7  DC 7  18 18 DC DC B . n 
B 2 8  DT 8  19 19 DT DT B . n 
B 2 9  DC 9  20 20 DC DC B . n 
B 2 10 DA 10 21 21 DA DA B . n 
C 3 1  DC 1  1  1  DC DC C . n 
C 3 2  DA 2  2  2  DA DA C . n 
C 3 3  DC 3  3  3  DC DC C . n 
C 3 4  DG 4  4  4  DG DG C . n 
C 3 5  DT 5  5  5  DT DT C . n 
D 4 1  DT 1  1  1  DT DT D . n 
D 4 2  DC 2  2  2  DC DC D . n 
D 4 3  DT 3  3  3  DT DT D . n 
D 4 4  DG 4  4  4  DG DG D . n 
D 4 5  DA 5  5  5  DA DA D . n 
D 4 6  DG 6  6  6  DG DG D . n 
D 4 7  DT 7  7  7  DT DT D . n 
D 4 8  DG 8  8  8  DG DG D . n 
D 4 9  DG 9  9  9  DG DG D . n 
D 4 10 DG 10 10 10 DG DG D . n 
D 4 11 DG 11 11 11 DG DG D . n 
D 4 12 DT 12 12 12 DT DT D . n 
D 4 13 DC 13 13 13 DC DC D . n 
D 4 14 DT 14 14 14 DT DT D . n 
D 4 15 DG 15 15 15 DG DG D . n 
D 4 16 DC 16 16 16 DC DC D . n 
# 
_pdbx_struct_assembly.id                   1 
_pdbx_struct_assembly.details              author_defined_assembly 
_pdbx_struct_assembly.method_details       ? 
_pdbx_struct_assembly.oligomeric_details   tetrameric 
_pdbx_struct_assembly.oligomeric_count     4 
# 
_pdbx_struct_assembly_gen.assembly_id       1 
_pdbx_struct_assembly_gen.oper_expression   1 
_pdbx_struct_assembly_gen.asym_id_list      A,B,C,D 
# 
_pdbx_struct_oper_list.id                   1 
_pdbx_struct_oper_list.type                 'identity operation' 
_pdbx_struct_oper_list.name                 1_555 
_pdbx_struct_oper_list.symmetry_operation   x,y,z 
_pdbx_struct_oper_list.matrix[1][1]         1.0000000000 
_pdbx_struct_oper_list.matrix[1][2]         0.0000000000 
_pdbx_struct_oper_list.matrix[1][3]         0.0000000000 
_pdbx_struct_oper_list.vector[1]            0.0000000000 
_pdbx_struct_oper_list.matrix[2][1]         0.0000000000 
_pdbx_struct_oper_list.matrix[2][2]         1.0000000000 
_pdbx_struct_oper_list.matrix[2][3]         0.0000000000 
_pdbx_struct_oper_list.vector[2]            0.0000000000 
_pdbx_struct_oper_list.matrix[3][1]         0.0000000000 
_pdbx_struct_oper_list.matrix[3][2]         0.0000000000 
_pdbx_struct_oper_list.matrix[3][3]         1.0000000000 
_pdbx_struct_oper_list.vector[3]            0.0000000000 
# 
loop_
_pdbx_audit_revision_history.ordinal 
_pdbx_audit_revision_history.data_content_type 
_pdbx_audit_revision_history.major_revision 
_pdbx_audit_revision_history.minor_revision 
_pdbx_audit_revision_history.revision_date 
1 'Structure model' 1 0 2021-07-14 
2 'Structure model' 1 1 2022-07-06 
3 'Structure model' 1 2 2023-10-18 
# 
_pdbx_audit_revision_details.ordinal             1 
_pdbx_audit_revision_details.revision_ordinal    1 
_pdbx_audit_revision_details.data_content_type   'Structure model' 
_pdbx_audit_revision_details.provider            repository 
_pdbx_audit_revision_details.type                'Initial release' 
_pdbx_audit_revision_details.description         ? 
_pdbx_audit_revision_details.details             ? 
# 
loop_
_pdbx_audit_revision_group.ordinal 
_pdbx_audit_revision_group.revision_ordinal 
_pdbx_audit_revision_group.data_content_type 
_pdbx_audit_revision_group.group 
1 2 'Structure model' 'Database references'    
2 3 'Structure model' 'Data collection'        
3 3 'Structure model' 'Refinement description' 
# 
loop_
_pdbx_audit_revision_category.ordinal 
_pdbx_audit_revision_category.revision_ordinal 
_pdbx_audit_revision_category.data_content_type 
_pdbx_audit_revision_category.category 
1 2 'Structure model' citation                      
2 2 'Structure model' citation_author               
3 2 'Structure model' database_2                    
4 3 'Structure model' chem_comp_atom                
5 3 'Structure model' chem_comp_bond                
6 3 'Structure model' pdbx_initial_refinement_model 
# 
loop_
_pdbx_audit_revision_item.ordinal 
_pdbx_audit_revision_item.revision_ordinal 
_pdbx_audit_revision_item.data_content_type 
_pdbx_audit_revision_item.item 
1  2 'Structure model' '_citation.country'                   
2  2 'Structure model' '_citation.journal_abbrev'            
3  2 'Structure model' '_citation.journal_id_CSD'            
4  2 'Structure model' '_citation.journal_id_ISSN'           
5  2 'Structure model' '_citation.journal_volume'            
6  2 'Structure model' '_citation.page_first'                
7  2 'Structure model' '_citation.page_last'                 
8  2 'Structure model' '_citation.pdbx_database_id_DOI'      
9  2 'Structure model' '_citation.pdbx_database_id_PubMed'   
10 2 'Structure model' '_citation.title'                     
11 2 'Structure model' '_citation.year'                      
12 2 'Structure model' '_database_2.pdbx_DOI'                
13 2 'Structure model' '_database_2.pdbx_database_accession' 
# 
loop_
_software.citation_id 
_software.classification 
_software.compiler_name 
_software.compiler_version 
_software.contact_author 
_software.contact_author_email 
_software.date 
_software.description 
_software.dependencies 
_software.hardware 
_software.language 
_software.location 
_software.mods 
_software.name 
_software.os 
_software.os_version 
_software.type 
_software.version 
_software.pdbx_ordinal 
? 'data reduction'  ? ? ? ? ? ? ? ? ? ? ? HKL-2000    ? ? ? .           1 
? 'data scaling'    ? ? ? ? ? ? ? ? ? ? ? HKL-2000    ? ? ? .           2 
? refinement        ? ? ? ? ? ? ? ? ? ? ? PHENIX      ? ? ? 1.11.1_2575 3 
? 'data extraction' ? ? ? ? ? ? ? ? ? ? ? PDB_EXTRACT ? ? ? 3.25        4 
? phasing           ? ? ? ? ? ? ? ? ? ? ? PHASER      ? ? ? .           5 
# 
loop_
_pdbx_validate_rmsd_angle.id 
_pdbx_validate_rmsd_angle.PDB_model_num 
_pdbx_validate_rmsd_angle.auth_atom_id_1 
_pdbx_validate_rmsd_angle.auth_asym_id_1 
_pdbx_validate_rmsd_angle.auth_comp_id_1 
_pdbx_validate_rmsd_angle.auth_seq_id_1 
_pdbx_validate_rmsd_angle.PDB_ins_code_1 
_pdbx_validate_rmsd_angle.label_alt_id_1 
_pdbx_validate_rmsd_angle.auth_atom_id_2 
_pdbx_validate_rmsd_angle.auth_asym_id_2 
_pdbx_validate_rmsd_angle.auth_comp_id_2 
_pdbx_validate_rmsd_angle.auth_seq_id_2 
_pdbx_validate_rmsd_angle.PDB_ins_code_2 
_pdbx_validate_rmsd_angle.label_alt_id_2 
_pdbx_validate_rmsd_angle.auth_atom_id_3 
_pdbx_validate_rmsd_angle.auth_asym_id_3 
_pdbx_validate_rmsd_angle.auth_comp_id_3 
_pdbx_validate_rmsd_angle.auth_seq_id_3 
_pdbx_validate_rmsd_angle.PDB_ins_code_3 
_pdbx_validate_rmsd_angle.label_alt_id_3 
_pdbx_validate_rmsd_angle.angle_value 
_pdbx_validate_rmsd_angle.angle_target_value 
_pdbx_validate_rmsd_angle.angle_deviation 
_pdbx_validate_rmsd_angle.angle_standard_deviation 
_pdbx_validate_rmsd_angle.linker_flag 
1 1 "O4'" B DC 13 ? ? "C1'" B DC 13 ? ? N1 B DC 13 ? ? 110.25 108.30 1.95 0.30 N 
2 1 "O4'" D DT 3  ? ? "C1'" D DT 3  ? ? N1 D DT 3  ? ? 111.23 108.30 2.93 0.30 N 
3 1 "O4'" D DT 14 ? ? "C1'" D DT 14 ? ? N1 D DT 14 ? ? 110.46 108.30 2.16 0.30 N 
# 
loop_
_chem_comp_atom.comp_id 
_chem_comp_atom.atom_id 
_chem_comp_atom.type_symbol 
_chem_comp_atom.pdbx_aromatic_flag 
_chem_comp_atom.pdbx_stereo_config 
_chem_comp_atom.pdbx_ordinal 
DA OP3    O N N 1   
DA P      P N N 2   
DA OP1    O N N 3   
DA OP2    O N N 4   
DA "O5'"  O N N 5   
DA "C5'"  C N N 6   
DA "C4'"  C N R 7   
DA "O4'"  O N N 8   
DA "C3'"  C N S 9   
DA "O3'"  O N N 10  
DA "C2'"  C N N 11  
DA "C1'"  C N R 12  
DA N9     N Y N 13  
DA C8     C Y N 14  
DA N7     N Y N 15  
DA C5     C Y N 16  
DA C6     C Y N 17  
DA N6     N N N 18  
DA N1     N Y N 19  
DA C2     C Y N 20  
DA N3     N Y N 21  
DA C4     C Y N 22  
DA HOP3   H N N 23  
DA HOP2   H N N 24  
DA "H5'"  H N N 25  
DA "H5''" H N N 26  
DA "H4'"  H N N 27  
DA "H3'"  H N N 28  
DA "HO3'" H N N 29  
DA "H2'"  H N N 30  
DA "H2''" H N N 31  
DA "H1'"  H N N 32  
DA H8     H N N 33  
DA H61    H N N 34  
DA H62    H N N 35  
DA H2     H N N 36  
DC OP3    O N N 37  
DC P      P N N 38  
DC OP1    O N N 39  
DC OP2    O N N 40  
DC "O5'"  O N N 41  
DC "C5'"  C N N 42  
DC "C4'"  C N R 43  
DC "O4'"  O N N 44  
DC "C3'"  C N S 45  
DC "O3'"  O N N 46  
DC "C2'"  C N N 47  
DC "C1'"  C N R 48  
DC N1     N N N 49  
DC C2     C N N 50  
DC O2     O N N 51  
DC N3     N N N 52  
DC C4     C N N 53  
DC N4     N N N 54  
DC C5     C N N 55  
DC C6     C N N 56  
DC HOP3   H N N 57  
DC HOP2   H N N 58  
DC "H5'"  H N N 59  
DC "H5''" H N N 60  
DC "H4'"  H N N 61  
DC "H3'"  H N N 62  
DC "HO3'" H N N 63  
DC "H2'"  H N N 64  
DC "H2''" H N N 65  
DC "H1'"  H N N 66  
DC H41    H N N 67  
DC H42    H N N 68  
DC H5     H N N 69  
DC H6     H N N 70  
DG OP3    O N N 71  
DG P      P N N 72  
DG OP1    O N N 73  
DG OP2    O N N 74  
DG "O5'"  O N N 75  
DG "C5'"  C N N 76  
DG "C4'"  C N R 77  
DG "O4'"  O N N 78  
DG "C3'"  C N S 79  
DG "O3'"  O N N 80  
DG "C2'"  C N N 81  
DG "C1'"  C N R 82  
DG N9     N Y N 83  
DG C8     C Y N 84  
DG N7     N Y N 85  
DG C5     C Y N 86  
DG C6     C N N 87  
DG O6     O N N 88  
DG N1     N N N 89  
DG C2     C N N 90  
DG N2     N N N 91  
DG N3     N N N 92  
DG C4     C Y N 93  
DG HOP3   H N N 94  
DG HOP2   H N N 95  
DG "H5'"  H N N 96  
DG "H5''" H N N 97  
DG "H4'"  H N N 98  
DG "H3'"  H N N 99  
DG "HO3'" H N N 100 
DG "H2'"  H N N 101 
DG "H2''" H N N 102 
DG "H1'"  H N N 103 
DG H8     H N N 104 
DG H1     H N N 105 
DG H21    H N N 106 
DG H22    H N N 107 
DT OP3    O N N 108 
DT P      P N N 109 
DT OP1    O N N 110 
DT OP2    O N N 111 
DT "O5'"  O N N 112 
DT "C5'"  C N N 113 
DT "C4'"  C N R 114 
DT "O4'"  O N N 115 
DT "C3'"  C N S 116 
DT "O3'"  O N N 117 
DT "C2'"  C N N 118 
DT "C1'"  C N R 119 
DT N1     N N N 120 
DT C2     C N N 121 
DT O2     O N N 122 
DT N3     N N N 123 
DT C4     C N N 124 
DT O4     O N N 125 
DT C5     C N N 126 
DT C7     C N N 127 
DT C6     C N N 128 
DT HOP3   H N N 129 
DT HOP2   H N N 130 
DT "H5'"  H N N 131 
DT "H5''" H N N 132 
DT "H4'"  H N N 133 
DT "H3'"  H N N 134 
DT "HO3'" H N N 135 
DT "H2'"  H N N 136 
DT "H2''" H N N 137 
DT "H1'"  H N N 138 
DT H3     H N N 139 
DT H71    H N N 140 
DT H72    H N N 141 
DT H73    H N N 142 
DT H6     H N N 143 
# 
loop_
_chem_comp_bond.comp_id 
_chem_comp_bond.atom_id_1 
_chem_comp_bond.atom_id_2 
_chem_comp_bond.value_order 
_chem_comp_bond.pdbx_aromatic_flag 
_chem_comp_bond.pdbx_stereo_config 
_chem_comp_bond.pdbx_ordinal 
DA OP3   P      sing N N 1   
DA OP3   HOP3   sing N N 2   
DA P     OP1    doub N N 3   
DA P     OP2    sing N N 4   
DA P     "O5'"  sing N N 5   
DA OP2   HOP2   sing N N 6   
DA "O5'" "C5'"  sing N N 7   
DA "C5'" "C4'"  sing N N 8   
DA "C5'" "H5'"  sing N N 9   
DA "C5'" "H5''" sing N N 10  
DA "C4'" "O4'"  sing N N 11  
DA "C4'" "C3'"  sing N N 12  
DA "C4'" "H4'"  sing N N 13  
DA "O4'" "C1'"  sing N N 14  
DA "C3'" "O3'"  sing N N 15  
DA "C3'" "C2'"  sing N N 16  
DA "C3'" "H3'"  sing N N 17  
DA "O3'" "HO3'" sing N N 18  
DA "C2'" "C1'"  sing N N 19  
DA "C2'" "H2'"  sing N N 20  
DA "C2'" "H2''" sing N N 21  
DA "C1'" N9     sing N N 22  
DA "C1'" "H1'"  sing N N 23  
DA N9    C8     sing Y N 24  
DA N9    C4     sing Y N 25  
DA C8    N7     doub Y N 26  
DA C8    H8     sing N N 27  
DA N7    C5     sing Y N 28  
DA C5    C6     sing Y N 29  
DA C5    C4     doub Y N 30  
DA C6    N6     sing N N 31  
DA C6    N1     doub Y N 32  
DA N6    H61    sing N N 33  
DA N6    H62    sing N N 34  
DA N1    C2     sing Y N 35  
DA C2    N3     doub Y N 36  
DA C2    H2     sing N N 37  
DA N3    C4     sing Y N 38  
DC OP3   P      sing N N 39  
DC OP3   HOP3   sing N N 40  
DC P     OP1    doub N N 41  
DC P     OP2    sing N N 42  
DC P     "O5'"  sing N N 43  
DC OP2   HOP2   sing N N 44  
DC "O5'" "C5'"  sing N N 45  
DC "C5'" "C4'"  sing N N 46  
DC "C5'" "H5'"  sing N N 47  
DC "C5'" "H5''" sing N N 48  
DC "C4'" "O4'"  sing N N 49  
DC "C4'" "C3'"  sing N N 50  
DC "C4'" "H4'"  sing N N 51  
DC "O4'" "C1'"  sing N N 52  
DC "C3'" "O3'"  sing N N 53  
DC "C3'" "C2'"  sing N N 54  
DC "C3'" "H3'"  sing N N 55  
DC "O3'" "HO3'" sing N N 56  
DC "C2'" "C1'"  sing N N 57  
DC "C2'" "H2'"  sing N N 58  
DC "C2'" "H2''" sing N N 59  
DC "C1'" N1     sing N N 60  
DC "C1'" "H1'"  sing N N 61  
DC N1    C2     sing N N 62  
DC N1    C6     sing N N 63  
DC C2    O2     doub N N 64  
DC C2    N3     sing N N 65  
DC N3    C4     doub N N 66  
DC C4    N4     sing N N 67  
DC C4    C5     sing N N 68  
DC N4    H41    sing N N 69  
DC N4    H42    sing N N 70  
DC C5    C6     doub N N 71  
DC C5    H5     sing N N 72  
DC C6    H6     sing N N 73  
DG OP3   P      sing N N 74  
DG OP3   HOP3   sing N N 75  
DG P     OP1    doub N N 76  
DG P     OP2    sing N N 77  
DG P     "O5'"  sing N N 78  
DG OP2   HOP2   sing N N 79  
DG "O5'" "C5'"  sing N N 80  
DG "C5'" "C4'"  sing N N 81  
DG "C5'" "H5'"  sing N N 82  
DG "C5'" "H5''" sing N N 83  
DG "C4'" "O4'"  sing N N 84  
DG "C4'" "C3'"  sing N N 85  
DG "C4'" "H4'"  sing N N 86  
DG "O4'" "C1'"  sing N N 87  
DG "C3'" "O3'"  sing N N 88  
DG "C3'" "C2'"  sing N N 89  
DG "C3'" "H3'"  sing N N 90  
DG "O3'" "HO3'" sing N N 91  
DG "C2'" "C1'"  sing N N 92  
DG "C2'" "H2'"  sing N N 93  
DG "C2'" "H2''" sing N N 94  
DG "C1'" N9     sing N N 95  
DG "C1'" "H1'"  sing N N 96  
DG N9    C8     sing Y N 97  
DG N9    C4     sing Y N 98  
DG C8    N7     doub Y N 99  
DG C8    H8     sing N N 100 
DG N7    C5     sing Y N 101 
DG C5    C6     sing N N 102 
DG C5    C4     doub Y N 103 
DG C6    O6     doub N N 104 
DG C6    N1     sing N N 105 
DG N1    C2     sing N N 106 
DG N1    H1     sing N N 107 
DG C2    N2     sing N N 108 
DG C2    N3     doub N N 109 
DG N2    H21    sing N N 110 
DG N2    H22    sing N N 111 
DG N3    C4     sing N N 112 
DT OP3   P      sing N N 113 
DT OP3   HOP3   sing N N 114 
DT P     OP1    doub N N 115 
DT P     OP2    sing N N 116 
DT P     "O5'"  sing N N 117 
DT OP2   HOP2   sing N N 118 
DT "O5'" "C5'"  sing N N 119 
DT "C5'" "C4'"  sing N N 120 
DT "C5'" "H5'"  sing N N 121 
DT "C5'" "H5''" sing N N 122 
DT "C4'" "O4'"  sing N N 123 
DT "C4'" "C3'"  sing N N 124 
DT "C4'" "H4'"  sing N N 125 
DT "O4'" "C1'"  sing N N 126 
DT "C3'" "O3'"  sing N N 127 
DT "C3'" "C2'"  sing N N 128 
DT "C3'" "H3'"  sing N N 129 
DT "O3'" "HO3'" sing N N 130 
DT "C2'" "C1'"  sing N N 131 
DT "C2'" "H2'"  sing N N 132 
DT "C2'" "H2''" sing N N 133 
DT "C1'" N1     sing N N 134 
DT "C1'" "H1'"  sing N N 135 
DT N1    C2     sing N N 136 
DT N1    C6     sing N N 137 
DT C2    O2     doub N N 138 
DT C2    N3     sing N N 139 
DT N3    C4     sing N N 140 
DT N3    H3     sing N N 141 
DT C4    O4     doub N N 142 
DT C4    C5     sing N N 143 
DT C5    C7     sing N N 144 
DT C5    C6     doub N N 145 
DT C7    H71    sing N N 146 
DT C7    H72    sing N N 147 
DT C7    H73    sing N N 148 
DT C6    H6     sing N N 149 
# 
loop_
_ndb_struct_conf_na.entry_id 
_ndb_struct_conf_na.feature 
6XFF 'double helix'        
6XFF 'a-form double helix' 
6XFF 'b-form double helix' 
# 
loop_
_ndb_struct_na_base_pair.model_number 
_ndb_struct_na_base_pair.i_label_asym_id 
_ndb_struct_na_base_pair.i_label_comp_id 
_ndb_struct_na_base_pair.i_label_seq_id 
_ndb_struct_na_base_pair.i_symmetry 
_ndb_struct_na_base_pair.j_label_asym_id 
_ndb_struct_na_base_pair.j_label_comp_id 
_ndb_struct_na_base_pair.j_label_seq_id 
_ndb_struct_na_base_pair.j_symmetry 
_ndb_struct_na_base_pair.shear 
_ndb_struct_na_base_pair.stretch 
_ndb_struct_na_base_pair.stagger 
_ndb_struct_na_base_pair.buckle 
_ndb_struct_na_base_pair.propeller 
_ndb_struct_na_base_pair.opening 
_ndb_struct_na_base_pair.pair_number 
_ndb_struct_na_base_pair.pair_name 
_ndb_struct_na_base_pair.i_auth_asym_id 
_ndb_struct_na_base_pair.i_auth_seq_id 
_ndb_struct_na_base_pair.i_PDB_ins_code 
_ndb_struct_na_base_pair.j_auth_asym_id 
_ndb_struct_na_base_pair.j_auth_seq_id 
_ndb_struct_na_base_pair.j_PDB_ins_code 
_ndb_struct_na_base_pair.hbond_type_28 
_ndb_struct_na_base_pair.hbond_type_12 
1 A DG 3  1_555 D DC 16 1_555 0.345  0.010  0.158  2.151   -11.969 1.672   1  A_DG3:DC16_D A 3  ? D 16 ? 19 1 
1 A DC 4  1_555 D DG 15 1_555 0.080  0.187  0.361  -1.790  -10.061 6.131   2  A_DC4:DG15_D A 4  ? D 15 ? 19 1 
1 A DA 5  1_555 D DT 14 1_555 -0.058 0.144  -0.007 -5.909  -5.797  11.446  3  A_DA5:DT14_D A 5  ? D 14 ? 20 1 
1 A DG 6  1_555 D DC 13 1_555 -0.505 -0.065 0.293  -6.123  -12.094 5.820   4  A_DG6:DC13_D A 6  ? D 13 ? 19 1 
1 A DA 7  1_555 D DT 12 1_555 0.646  0.230  -0.254 -10.803 -3.159  -21.777 5  A_DA7:DT12_D A 7  ? D 12 ? 20 1 
1 A DC 8  1_555 D DG 11 1_555 -1.395 0.156  -0.422 11.407  -5.640  -0.443  6  A_DC8:DG11_D A 8  ? D 11 ? 19 1 
1 A DC 9  1_555 D DG 10 1_555 -0.017 0.397  0.190  3.631   -8.240  0.226   7  A_DC9:DG10_D A 9  ? D 10 ? 19 1 
1 A DG 11 1_555 C DC 1  1_555 -0.462 0.038  0.084  9.782   -13.658 -13.169 8  A_DG11:DC1_C A 11 ? C 1  ? 19 1 
1 B DA 1  1_555 C DT 5  1_555 0.893  -0.297 0.276  4.695   1.001   -6.948  9  B_DA12:DT5_C B 12 ? C 5  ? 20 1 
1 B DC 2  1_555 C DG 4  1_555 -0.068 0.051  0.315  6.969   -4.735  -0.296  10 B_DC13:DG4_C B 13 ? C 4  ? 19 1 
1 B DG 3  1_555 C DC 3  1_555 0.360  -0.127 0.054  -0.495  -7.756  -10.330 11 B_DG14:DC3_C B 14 ? C 3  ? 19 1 
1 B DC 4  1_555 D DG 9  1_555 -0.544 0.239  -0.071 -12.589 -0.079  -2.352  12 B_DC15:DG9_D B 15 ? D 9  ? 19 1 
1 B DC 5  1_555 D DG 8  1_555 0.839  -0.226 0.433  2.036   2.020   -0.648  13 B_DC16:DG8_D B 16 ? D 8  ? 19 1 
1 B DA 6  1_555 D DT 7  1_555 1.278  -0.285 1.158  2.787   -10.120 -10.506 14 B_DA17:DT7_D B 17 ? D 7  ? 20 1 
1 B DC 7  1_555 D DG 6  1_555 -0.906 -0.246 0.624  2.690   -9.750  1.614   15 B_DC18:DG6_D B 18 ? D 6  ? 19 1 
1 B DT 8  1_555 D DA 5  1_555 0.005  0.103  -0.106 4.213   -17.461 -7.963  16 B_DT19:DA5_D B 19 ? D 5  ? 20 1 
1 B DC 9  1_555 D DG 4  1_555 -1.434 0.451  -0.188 3.464   -14.503 -3.227  17 B_DC20:DG4_D B 20 ? D 4  ? 19 1 
1 B DA 10 1_555 D DT 3  1_555 1.243  0.184  -0.617 -4.197  -10.318 -0.606  18 B_DA21:DT3_D B 21 ? D 3  ? 20 1 
# 
loop_
_ndb_struct_na_base_pair_step.model_number 
_ndb_struct_na_base_pair_step.i_label_asym_id_1 
_ndb_struct_na_base_pair_step.i_label_comp_id_1 
_ndb_struct_na_base_pair_step.i_label_seq_id_1 
_ndb_struct_na_base_pair_step.i_symmetry_1 
_ndb_struct_na_base_pair_step.j_label_asym_id_1 
_ndb_struct_na_base_pair_step.j_label_comp_id_1 
_ndb_struct_na_base_pair_step.j_label_seq_id_1 
_ndb_struct_na_base_pair_step.j_symmetry_1 
_ndb_struct_na_base_pair_step.i_label_asym_id_2 
_ndb_struct_na_base_pair_step.i_label_comp_id_2 
_ndb_struct_na_base_pair_step.i_label_seq_id_2 
_ndb_struct_na_base_pair_step.i_symmetry_2 
_ndb_struct_na_base_pair_step.j_label_asym_id_2 
_ndb_struct_na_base_pair_step.j_label_comp_id_2 
_ndb_struct_na_base_pair_step.j_label_seq_id_2 
_ndb_struct_na_base_pair_step.j_symmetry_2 
_ndb_struct_na_base_pair_step.shift 
_ndb_struct_na_base_pair_step.slide 
_ndb_struct_na_base_pair_step.rise 
_ndb_struct_na_base_pair_step.tilt 
_ndb_struct_na_base_pair_step.roll 
_ndb_struct_na_base_pair_step.twist 
_ndb_struct_na_base_pair_step.x_displacement 
_ndb_struct_na_base_pair_step.y_displacement 
_ndb_struct_na_base_pair_step.helical_rise 
_ndb_struct_na_base_pair_step.inclination 
_ndb_struct_na_base_pair_step.tip 
_ndb_struct_na_base_pair_step.helical_twist 
_ndb_struct_na_base_pair_step.step_number 
_ndb_struct_na_base_pair_step.step_name 
_ndb_struct_na_base_pair_step.i_auth_asym_id_1 
_ndb_struct_na_base_pair_step.i_auth_seq_id_1 
_ndb_struct_na_base_pair_step.i_PDB_ins_code_1 
_ndb_struct_na_base_pair_step.j_auth_asym_id_1 
_ndb_struct_na_base_pair_step.j_auth_seq_id_1 
_ndb_struct_na_base_pair_step.j_PDB_ins_code_1 
_ndb_struct_na_base_pair_step.i_auth_asym_id_2 
_ndb_struct_na_base_pair_step.i_auth_seq_id_2 
_ndb_struct_na_base_pair_step.i_PDB_ins_code_2 
_ndb_struct_na_base_pair_step.j_auth_asym_id_2 
_ndb_struct_na_base_pair_step.j_auth_seq_id_2 
_ndb_struct_na_base_pair_step.j_PDB_ins_code_2 
1 A DG 3 1_555 D DC 16 1_555 A DC 4  1_555 D DG 15 1_555 -0.200 -0.479 3.438 -1.244 1.118  34.615 -0.984 0.135  3.426 1.878  2.090 
34.654 1  AA_DG3DC4:DG15DC16_DD A 3  ? D 16 ? A 4  ? D 15 ? 
1 A DC 4 1_555 D DG 15 1_555 A DA 5  1_555 D DT 14 1_555 0.514  1.649  3.504 2.896  1.124  42.940 2.127  -0.392 3.570 1.533  
-3.950 43.047 2  AA_DC4DA5:DT14DG15_DD A 4  ? D 15 ? A 5  ? D 14 ? 
1 A DA 5 1_555 D DT 14 1_555 A DG 6  1_555 D DC 13 1_555 -0.495 -0.552 3.430 -5.871 2.272  24.622 -1.949 -0.667 3.391 5.220  
13.487 25.402 3  AA_DA5DG6:DC13DT14_DD A 5  ? D 14 ? A 6  ? D 13 ? 
1 A DG 6 1_555 D DC 13 1_555 A DA 7  1_555 D DT 12 1_555 -1.070 -1.004 3.517 2.495  4.727  36.095 -2.288 2.071  3.285 7.578  
-4.000 36.475 4  AA_DG6DA7:DT12DC13_DD A 6  ? D 13 ? A 7  ? D 12 ? 
1 A DA 7 1_555 D DT 12 1_555 A DC 8  1_555 D DG 11 1_555 1.337  -0.393 2.784 -0.407 2.657  34.126 -1.021 -2.326 2.731 4.519  0.691 
34.228 5  AA_DA7DC8:DG11DT12_DD A 7  ? D 12 ? A 8  ? D 11 ? 
1 A DC 8 1_555 D DG 11 1_555 A DC 9  1_555 D DG 10 1_555 -0.250 -1.864 3.500 -9.390 1.849  34.255 -3.344 -1.054 3.349 3.066  
15.569 35.528 6  AA_DC8DC9:DG10DG11_DD A 8  ? D 11 ? A 9  ? D 10 ? 
1 A DC 9 1_555 D DG 10 1_555 A DG 11 1_555 C DC 1  1_555 -2.729 -0.200 6.620 0.608  5.530  57.050 -0.816 2.913  6.550 5.775  
-0.635 57.298 7  AA_DC9DG11:DC1DG10_CD A 9  ? D 10 ? A 11 ? C 1  ? 
1 B DA 1 1_555 C DT 5  1_555 B DC 2  1_555 C DG 4  1_555 1.295  -1.121 3.220 -2.718 0.588  30.787 -2.213 -2.937 3.076 1.104  5.107 
30.910 8  BB_DA12DC13:DG4DT5_CC B 12 ? C 5  ? B 13 ? C 4  ? 
1 B DC 2 1_555 C DG 4  1_555 B DG 3  1_555 C DC 3  1_555 -1.261 -0.511 3.372 -0.625 4.101  41.979 -1.143 1.686  3.328 5.708  0.870 
42.174 9  BB_DC13DG14:DC3DG4_CC B 13 ? C 4  ? B 14 ? C 3  ? 
1 B DG 3 1_555 C DC 3  1_555 B DC 4  1_555 D DG 9  1_555 -0.622 -1.299 3.481 0.774  -0.676 22.407 -3.073 1.904  3.495 -1.737 
-1.989 22.430 10 BB_DG14DC15:DG9DC3_DC B 14 ? C 3  ? B 15 ? D 9  ? 
1 B DC 4 1_555 D DG 9  1_555 B DC 5  1_555 D DG 8  1_555 -0.090 -0.123 3.160 -2.863 6.741  34.680 -1.158 -0.258 3.080 11.154 4.738 
35.421 11 BB_DC15DC16:DG8DG9_DD B 15 ? D 9  ? B 16 ? D 8  ? 
1 B DC 5 1_555 D DG 8  1_555 B DA 6  1_555 D DT 7  1_555 -0.215 1.681  3.505 -7.064 -1.983 50.409 2.103  -0.276 3.439 -2.315 8.244 
50.905 12 BB_DC16DA17:DT7DG8_DD B 16 ? D 8  ? B 17 ? D 7  ? 
1 B DA 6 1_555 D DT 7  1_555 B DC 7  1_555 D DG 6  1_555 0.074  -1.072 3.217 -0.220 2.846  21.375 -3.962 -0.282 3.049 7.629  0.591 
21.563 13 BB_DA17DC18:DG6DT7_DD B 17 ? D 7  ? B 18 ? D 6  ? 
1 B DC 7 1_555 D DG 6  1_555 B DT 8  1_555 D DA 5  1_555 -1.032 -1.046 3.171 2.602  -2.463 34.726 -1.382 2.102  3.152 -4.113 
-4.345 34.905 14 BB_DC18DT19:DA5DG6_DD B 18 ? D 6  ? B 19 ? D 5  ? 
1 B DT 8 1_555 D DA 5  1_555 B DC 9  1_555 D DG 4  1_555 0.520  1.369  3.281 0.936  -1.663 31.006 2.874  -0.792 3.219 -3.107 
-1.749 31.063 15 BB_DT19DC20:DG4DA5_DD B 19 ? D 5  ? B 20 ? D 4  ? 
1 B DC 9 1_555 D DG 4  1_555 B DA 10 1_555 D DT 3  1_555 -0.240 0.879  3.749 2.825  2.737  49.241 0.818  0.529  3.771 3.279  
-3.384 49.388 16 BB_DC20DA21:DT3DG4_DD B 20 ? D 4  ? B 21 ? D 3  ? 
# 
loop_
_pdbx_audit_support.funding_organization 
_pdbx_audit_support.country 
_pdbx_audit_support.grant_number 
_pdbx_audit_support.ordinal 
'National Science Foundation (NSF, United States)'                                         'United States' 1360635     1 
'National Institutes of Health/National Institute of General Medical Sciences (NIH/NIGMS)' 'United States' R01GM104960 2 
'National Science Foundation (NSF, United States)'                                         'United States' NSF2004250  3 
# 
_pdbx_initial_refinement_model.id               1 
_pdbx_initial_refinement_model.entity_id_list   ? 
_pdbx_initial_refinement_model.type             'experimental model' 
_pdbx_initial_refinement_model.source_name      PDB 
_pdbx_initial_refinement_model.accession_code   6X8C 
_pdbx_initial_refinement_model.details          ? 
# 
_pdbx_struct_assembly_auth_evidence.id                     1 
_pdbx_struct_assembly_auth_evidence.assembly_id            1 
_pdbx_struct_assembly_auth_evidence.experimental_support   none 
_pdbx_struct_assembly_auth_evidence.details                ? 
# 
